data_6E7U
#
_entry.id   6E7U
#
_cell.length_a   268.620
_cell.length_b   59.595
_cell.length_c   145.914
_cell.angle_alpha   90.000
_cell.angle_beta   117.100
_cell.angle_gamma   90.000
#
_symmetry.space_group_name_H-M   'C 1 2 1'
#
loop_
_entity.id
_entity.type
_entity.pdbx_description
1 polymer 'Glutamate receptor ionotropic, NMDA 1'
2 polymer 'Glutamate receptor ionotropic, NMDA 2B'
3 branched alpha-D-mannopyranose-(1-3)-[alpha-D-mannopyranose-(1-6)]beta-D-mannopyranose-(1-4)-2-acetamido-2-deoxy-beta-D-glucopyranose-(1-4)-2-acetamido-2-deoxy-beta-D-glucopyranose
4 non-polymer 2-acetamido-2-deoxy-beta-D-glucopyranose
5 non-polymer 'SODIUM ION'
6 non-polymer 'CHLORIDE ION'
7 non-polymer N-{4-[(2S)-3-{butyl[2-(3,4-dichlorophenyl)ethyl]amino}-2-hydroxypropoxy]phenyl}methanesulfonamide
8 water water
#
loop_
_entity_poly.entity_id
_entity_poly.type
_entity_poly.pdbx_seq_one_letter_code
_entity_poly.pdbx_strand_id
1 'polypeptide(L)'
;DPKIVNIGAVLSTKKHEQIFREAVNQANKRHFTRKIQLQATSVTHRPNAIQMALSVCEDLISSQVYAILVSHPPAPTDHL
TPTPISYTAGFYRIPVIGLTTRMSIYSDKSIHLSFLRTVPPYSHQALVWFEMMRLFNWNHVILIVSDDHEGRAAQKKLET
LLEGKESKSKKRNYENLDQLSYDNKRGPKADKVLQFEPGTKNLTALLLEAKELEARVIILSASEDDATAVYKSAAMLDMT
GAGYVWLVGEREISGSALRYAPDGIIGLQLINGKNESAHISDAVAVVAQAIHELFEMENITDPPRGCVGNTNIWKTGPLF
KRVLMSSKYPDGVTGRIEFNEDGDRKFAQYSIMNLQNRKLVQVGIFNGSYIIQNDRKIIWPGGET
;
A,C
2 'polypeptide(L)'
;PPSIGIAVILVGTSDEVAIKDAHEKDDFHHLSVVPRVELVAMNETDPKSIITRICDLMSDRKIQGVVFADDTDQEAIAQI
LDFISAQTLTPILGIHGGSSMIMADKDESSMFFQFGPSIEQQASVMLNIMEEYDWYIFSIVTTYFPGYQDFVNKIRSTIE
NSFVGWELEEVLLLDMSLDDGDSKIQNQLKKLQSPIILLYCTKEEATYIFEVANSVGLTGYGYTWIVPSLVAGDTDTVPS
EFPTGLISVSYDEWDYGLPARVRDGIAIITTAASDMLSEHSFIPEPKSSCYNTHEKRIYQSNMLNRYLINVTFEGRDLSF
SEDGYQMHPKLVIILLNKERKWERVGKWKDKSLQMKYYVWPRM
;
B,D
#
# COMPACT_ATOMS: atom_id res chain seq x y z
N ASP A 1 32.33 47.30 20.97
CA ASP A 1 32.79 47.05 22.38
C ASP A 1 32.32 45.68 22.88
N PRO A 2 31.00 45.42 22.78
CA PRO A 2 30.39 44.31 23.51
C PRO A 2 30.42 42.99 22.73
N LYS A 3 30.48 41.88 23.46
CA LYS A 3 30.31 40.57 22.88
C LYS A 3 28.83 40.33 22.53
N ILE A 4 28.58 39.96 21.28
CA ILE A 4 27.22 39.74 20.81
C ILE A 4 26.78 38.30 21.07
N VAL A 5 25.66 38.15 21.77
CA VAL A 5 25.15 36.84 22.14
C VAL A 5 23.78 36.61 21.52
N ASN A 6 23.72 35.68 20.56
CA ASN A 6 22.51 35.45 19.79
C ASN A 6 21.50 34.60 20.57
N ILE A 7 20.27 35.09 20.63
CA ILE A 7 19.12 34.26 21.04
C ILE A 7 18.28 33.87 19.83
N GLY A 8 17.82 32.62 19.81
CA GLY A 8 17.06 32.09 18.69
C GLY A 8 15.59 31.94 19.02
N ALA A 9 14.75 31.95 17.99
CA ALA A 9 13.32 31.72 18.17
C ALA A 9 12.71 31.08 16.92
N VAL A 10 11.85 30.10 17.14
CA VAL A 10 10.96 29.59 16.10
C VAL A 10 9.53 29.88 16.46
N LEU A 11 8.87 30.67 15.63
CA LEU A 11 7.64 31.35 16.02
C LEU A 11 6.62 31.29 14.88
N SER A 12 5.37 31.66 15.17
CA SER A 12 4.24 31.26 14.32
C SER A 12 4.15 32.14 13.09
N THR A 13 4.39 33.43 13.26
CA THR A 13 4.22 34.40 12.18
C THR A 13 5.37 35.38 12.19
N LYS A 14 5.41 36.21 11.15
CA LYS A 14 6.40 37.27 11.07
C LYS A 14 6.10 38.41 12.05
N LYS A 15 4.84 38.58 12.39
CA LYS A 15 4.45 39.52 13.42
C LYS A 15 5.10 39.13 14.75
N HIS A 16 5.12 37.83 15.03
CA HIS A 16 5.66 37.32 16.28
C HIS A 16 7.19 37.36 16.29
N GLU A 17 7.78 37.33 15.11
CA GLU A 17 9.23 37.53 14.97
C GLU A 17 9.61 38.95 15.36
N GLN A 18 8.80 39.91 14.95
CA GLN A 18 9.10 41.31 15.18
C GLN A 18 8.88 41.66 16.64
N ILE A 19 7.93 40.98 17.26
CA ILE A 19 7.70 41.10 18.70
C ILE A 19 8.89 40.54 19.47
N PHE A 20 9.49 39.49 18.94
CA PHE A 20 10.68 38.88 19.54
C PHE A 20 11.88 39.83 19.45
N ARG A 21 12.10 40.40 18.28
CA ARG A 21 13.14 41.42 18.08
C ARG A 21 13.02 42.55 19.11
N GLU A 22 11.85 43.15 19.17
CA GLU A 22 11.63 44.32 20.01
C GLU A 22 11.78 43.95 21.48
N ALA A 23 11.43 42.72 21.82
CA ALA A 23 11.57 42.24 23.18
C ALA A 23 13.05 42.09 23.55
N VAL A 24 13.84 41.57 22.63
CA VAL A 24 15.30 41.50 22.80
C VAL A 24 15.90 42.90 22.83
N ASN A 25 15.38 43.77 21.97
CA ASN A 25 15.90 45.13 21.86
C ASN A 25 15.64 45.91 23.15
N GLN A 26 14.56 45.58 23.84
CA GLN A 26 14.21 46.24 25.09
C GLN A 26 15.00 45.66 26.25
N ALA A 27 15.31 44.37 26.17
CA ALA A 27 16.19 43.74 27.14
C ALA A 27 17.57 44.37 27.11
N ASN A 28 17.99 44.78 25.94
CA ASN A 28 19.29 45.40 25.77
C ASN A 28 19.31 46.80 26.36
N LYS A 29 18.17 47.48 26.30
CA LYS A 29 18.04 48.82 26.87
C LYS A 29 17.90 48.75 28.40
N ARG A 30 17.07 47.82 28.86
CA ARG A 30 16.90 47.58 30.28
C ARG A 30 18.24 47.28 30.95
N HIS A 31 18.97 46.33 30.38
CA HIS A 31 20.13 45.74 31.04
C HIS A 31 21.37 46.60 30.83
N PHE A 32 22.41 46.33 31.60
CA PHE A 32 23.73 46.87 31.34
C PHE A 32 24.49 45.98 30.35
N THR A 33 24.82 46.55 29.19
CA THR A 33 25.18 45.75 28.03
C THR A 33 26.50 46.24 27.40
N ARG A 34 27.39 46.78 28.22
CA ARG A 34 28.73 47.11 27.76
C ARG A 34 29.52 45.84 27.47
N LYS A 35 29.33 44.81 28.30
CA LYS A 35 30.06 43.56 28.14
C LYS A 35 29.38 42.63 27.14
N ILE A 36 28.13 42.27 27.41
CA ILE A 36 27.38 41.39 26.52
C ILE A 36 26.09 42.07 26.03
N GLN A 37 25.78 41.87 24.76
CA GLN A 37 24.61 42.47 24.15
C GLN A 37 23.86 41.45 23.29
N LEU A 38 22.59 41.25 23.60
CA LEU A 38 21.81 40.21 22.95
C LEU A 38 21.51 40.58 21.50
N GLN A 39 21.28 39.57 20.68
CA GLN A 39 20.80 39.79 19.32
C GLN A 39 19.81 38.70 18.92
N ALA A 40 18.74 39.11 18.23
CA ALA A 40 17.64 38.22 17.90
C ALA A 40 17.89 37.53 16.58
N THR A 41 17.69 36.21 16.56
CA THR A 41 17.67 35.43 15.33
C THR A 41 16.46 34.50 15.33
N SER A 42 15.67 34.53 14.27
CA SER A 42 14.38 33.85 14.28
C SER A 42 13.98 33.33 12.89
N VAL A 43 13.25 32.23 12.88
CA VAL A 43 12.48 31.82 11.73
C VAL A 43 11.06 31.48 12.16
N THR A 44 10.19 31.21 11.19
CA THR A 44 8.89 30.61 11.47
C THR A 44 8.91 29.11 11.20
N HIS A 45 7.91 28.41 11.71
CA HIS A 45 7.85 26.94 11.60
C HIS A 45 7.92 26.49 10.13
N ARG A 46 8.77 25.49 9.88
CA ARG A 46 8.81 24.85 8.57
C ARG A 46 7.65 23.87 8.41
N PRO A 47 7.37 23.46 7.18
CA PRO A 47 6.14 22.72 6.87
C PRO A 47 6.19 21.26 7.31
N ASN A 48 7.39 20.74 7.59
CA ASN A 48 7.54 19.41 8.17
C ASN A 48 8.81 19.27 9.02
N ALA A 49 8.94 18.15 9.71
CA ALA A 49 9.82 18.04 10.87
C ALA A 49 11.29 18.01 10.42
N ILE A 50 11.53 17.44 9.26
CA ILE A 50 12.87 17.29 8.74
C ILE A 50 13.41 18.63 8.26
N GLN A 51 12.58 19.36 7.52
CA GLN A 51 12.89 20.75 7.19
C GLN A 51 13.12 21.60 8.45
N MET A 52 12.34 21.32 9.49
CA MET A 52 12.41 22.12 10.72
C MET A 52 13.72 21.86 11.46
N ALA A 53 14.16 20.61 11.48
CA ALA A 53 15.46 20.26 12.06
C ALA A 53 16.61 20.90 11.27
N LEU A 54 16.49 20.88 9.95
CA LEU A 54 17.52 21.45 9.09
C LEU A 54 17.61 22.97 9.28
N SER A 55 16.47 23.60 9.52
CA SER A 55 16.43 25.04 9.68
C SER A 55 17.07 25.47 11.01
N VAL A 56 16.80 24.70 12.05
CA VAL A 56 17.45 24.92 13.35
C VAL A 56 18.95 24.92 13.20
N CYS A 57 19.47 24.00 12.38
CA CYS A 57 20.89 23.94 12.11
C CYS A 57 21.35 25.13 11.24
N GLU A 58 20.62 25.40 10.16
CA GLU A 58 21.07 26.33 9.13
C GLU A 58 20.92 27.78 9.58
N ASP A 59 19.83 28.07 10.27
CA ASP A 59 19.41 29.45 10.49
C ASP A 59 19.70 29.91 11.91
N LEU A 60 19.73 28.98 12.84
CA LEU A 60 19.84 29.32 14.27
C LEU A 60 21.20 28.96 14.83
N ILE A 61 21.56 27.69 14.76
CA ILE A 61 22.79 27.21 15.37
C ILE A 61 24.02 27.70 14.60
N SER A 62 23.82 28.09 13.34
CA SER A 62 24.87 28.74 12.56
C SER A 62 25.15 30.15 13.09
N SER A 63 24.22 30.70 13.86
CA SER A 63 24.39 32.02 14.46
C SER A 63 24.85 31.90 15.91
N GLN A 64 25.14 30.66 16.33
CA GLN A 64 25.62 30.40 17.68
C GLN A 64 24.63 30.94 18.72
N VAL A 65 23.43 30.38 18.72
CA VAL A 65 22.42 30.76 19.69
C VAL A 65 22.65 30.06 21.01
N TYR A 66 22.51 30.81 22.11
CA TYR A 66 22.69 30.27 23.45
C TYR A 66 21.41 29.57 23.92
N ALA A 67 20.29 29.98 23.34
CA ALA A 67 18.99 29.44 23.68
C ALA A 67 18.04 29.62 22.51
N ILE A 68 16.98 28.82 22.48
CA ILE A 68 15.97 28.93 21.42
C ILE A 68 14.56 28.93 22.00
N LEU A 69 13.84 30.02 21.73
CA LEU A 69 12.40 30.08 22.01
C LEU A 69 11.62 29.32 20.93
N VAL A 70 10.62 28.55 21.36
CA VAL A 70 9.76 27.83 20.42
C VAL A 70 8.28 27.99 20.81
N SER A 71 7.49 28.43 19.84
CA SER A 71 6.04 28.41 19.98
C SER A 71 5.46 27.14 19.37
N HIS A 72 4.37 26.67 19.94
CA HIS A 72 3.59 25.62 19.32
C HIS A 72 2.94 26.11 18.05
N PRO A 73 3.15 25.38 16.95
CA PRO A 73 2.49 25.69 15.67
C PRO A 73 0.98 25.71 15.78
N PRO A 74 0.35 26.74 15.21
CA PRO A 74 -1.04 27.10 15.53
C PRO A 74 -2.07 26.32 14.68
N ALA A 75 -1.62 25.72 13.58
CA ALA A 75 -2.49 24.84 12.78
C ALA A 75 -1.65 23.84 11.97
N LEU A 80 3.18 18.60 13.31
CA LEU A 80 4.27 19.55 13.53
C LEU A 80 4.29 20.02 14.98
N THR A 81 5.42 19.82 15.67
CA THR A 81 5.55 20.18 17.07
C THR A 81 6.93 20.79 17.35
N PRO A 82 7.17 21.19 18.61
CA PRO A 82 8.48 21.66 19.05
C PRO A 82 9.56 20.58 19.02
N THR A 83 9.17 19.34 18.73
CA THR A 83 9.99 18.18 19.07
C THR A 83 11.31 18.16 18.29
N PRO A 84 11.24 18.32 16.96
CA PRO A 84 12.46 18.40 16.14
C PRO A 84 13.43 19.47 16.62
N ILE A 85 12.89 20.54 17.19
CA ILE A 85 13.71 21.64 17.67
C ILE A 85 14.34 21.28 19.03
N SER A 86 13.57 20.59 19.86
CA SER A 86 14.11 20.04 21.09
C SER A 86 15.21 19.00 20.79
N TYR A 87 14.97 18.14 19.82
CA TYR A 87 15.93 17.09 19.47
C TYR A 87 17.27 17.71 19.03
N THR A 88 17.21 18.62 18.07
CA THR A 88 18.41 19.10 17.39
C THR A 88 19.20 20.02 18.31
N ALA A 89 18.49 20.84 19.07
CA ALA A 89 19.13 21.71 20.04
C ALA A 89 19.63 20.90 21.24
N GLY A 90 18.89 19.86 21.61
CA GLY A 90 19.29 18.97 22.69
C GLY A 90 20.56 18.20 22.37
N PHE A 91 20.77 17.92 21.09
CA PHE A 91 22.00 17.24 20.63
C PHE A 91 23.24 18.01 21.09
N TYR A 92 23.11 19.33 21.20
CA TYR A 92 24.24 20.20 21.55
C TYR A 92 24.11 20.72 23.00
N ARG A 93 22.98 20.41 23.63
CA ARG A 93 22.67 20.92 24.98
C ARG A 93 22.40 22.42 24.97
N ILE A 94 21.84 22.91 23.88
CA ILE A 94 21.27 24.25 23.84
C ILE A 94 19.85 24.24 24.39
N PRO A 95 19.59 25.06 25.41
CA PRO A 95 18.27 25.11 26.02
C PRO A 95 17.16 25.56 25.05
N VAL A 96 16.04 24.85 25.07
CA VAL A 96 14.86 25.29 24.36
C VAL A 96 13.78 25.73 25.36
N ILE A 97 13.19 26.88 25.09
CA ILE A 97 12.13 27.42 25.93
C ILE A 97 10.78 27.34 25.21
N GLY A 98 9.93 26.43 25.65
CA GLY A 98 8.61 26.27 25.06
C GLY A 98 7.66 27.34 25.54
N LEU A 99 6.93 27.95 24.60
CA LEU A 99 6.12 29.12 24.91
C LEU A 99 4.66 28.74 25.18
N THR A 100 4.17 27.72 24.48
CA THR A 100 2.72 27.44 24.50
C THR A 100 2.37 25.95 24.43
N THR A 101 3.39 25.10 24.38
CA THR A 101 3.15 23.65 24.33
C THR A 101 2.84 23.10 25.72
N ARG A 102 1.75 22.34 25.83
CA ARG A 102 1.18 21.97 27.13
C ARG A 102 1.31 20.45 27.40
N MET A 103 1.62 19.68 26.35
CA MET A 103 1.66 18.22 26.48
C MET A 103 2.71 17.81 27.52
N SER A 104 2.35 16.83 28.37
CA SER A 104 3.17 16.47 29.52
C SER A 104 4.44 15.76 29.09
N ILE A 105 4.47 15.29 27.85
CA ILE A 105 5.57 14.48 27.36
C ILE A 105 6.87 15.30 27.26
N TYR A 106 6.73 16.61 27.15
CA TYR A 106 7.89 17.51 27.07
C TYR A 106 8.54 17.70 28.44
N SER A 107 7.98 17.08 29.45
CA SER A 107 8.54 17.12 30.80
C SER A 107 9.51 15.95 31.03
N ASP A 108 9.56 15.04 30.07
CA ASP A 108 10.41 13.84 30.19
C ASP A 108 11.85 14.15 29.78
N LYS A 109 12.75 14.09 30.75
CA LYS A 109 14.13 14.56 30.56
C LYS A 109 14.91 13.65 29.59
N SER A 110 14.47 12.40 29.46
CA SER A 110 15.13 11.43 28.57
C SER A 110 14.88 11.79 27.10
N ILE A 111 13.73 12.39 26.83
CA ILE A 111 13.37 12.75 25.47
C ILE A 111 13.71 14.20 25.20
N HIS A 112 13.46 15.04 26.20
CA HIS A 112 13.68 16.46 26.06
C HIS A 112 14.63 16.97 27.16
N LEU A 113 15.94 16.87 26.90
CA LEU A 113 16.92 16.93 27.97
C LEU A 113 17.42 18.35 28.21
N SER A 114 16.94 19.28 27.39
CA SER A 114 17.15 20.70 27.65
C SER A 114 15.95 21.54 27.25
N PHE A 115 14.85 21.32 27.95
CA PHE A 115 13.59 21.92 27.60
C PHE A 115 12.92 22.53 28.81
N LEU A 116 12.80 23.85 28.81
CA LEU A 116 11.95 24.55 29.77
C LEU A 116 10.72 25.10 29.06
N ARG A 117 9.71 25.51 29.83
CA ARG A 117 8.55 26.20 29.24
C ARG A 117 7.90 27.16 30.21
N THR A 118 7.33 28.23 29.65
CA THR A 118 6.71 29.28 30.44
C THR A 118 5.20 29.04 30.61
N VAL A 119 4.72 27.92 30.07
CA VAL A 119 3.41 27.40 30.44
C VAL A 119 3.54 26.03 31.10
N PRO A 120 2.56 25.66 31.93
CA PRO A 120 2.58 24.37 32.58
C PRO A 120 1.97 23.30 31.70
N PRO A 121 2.48 22.08 31.83
CA PRO A 121 1.81 20.96 31.20
C PRO A 121 0.37 20.76 31.71
N TYR A 122 -0.44 20.07 30.93
CA TYR A 122 -1.82 19.82 31.29
C TYR A 122 -1.93 19.09 32.64
N SER A 123 -0.90 18.34 32.99
CA SER A 123 -0.95 17.47 34.16
C SER A 123 -0.90 18.28 35.45
N HIS A 124 -0.45 19.52 35.33
CA HIS A 124 -0.35 20.40 36.49
C HIS A 124 -1.72 20.94 36.89
N GLN A 125 -2.71 20.75 36.03
CA GLN A 125 -4.09 21.06 36.37
C GLN A 125 -4.53 20.30 37.62
N ALA A 126 -3.82 19.21 37.91
CA ALA A 126 -4.06 18.43 39.13
C ALA A 126 -3.80 19.27 40.38
N LEU A 127 -2.89 20.25 40.28
CA LEU A 127 -2.60 21.13 41.40
C LEU A 127 -3.83 21.97 41.76
N VAL A 128 -4.56 22.41 40.75
CA VAL A 128 -5.73 23.25 40.96
C VAL A 128 -6.91 22.42 41.48
N TRP A 129 -7.11 21.24 40.89
CA TRP A 129 -8.15 20.33 41.38
C TRP A 129 -8.00 20.10 42.89
N PHE A 130 -6.75 19.93 43.32
CA PHE A 130 -6.46 19.53 44.68
C PHE A 130 -6.83 20.64 45.66
N GLU A 131 -6.51 21.88 45.30
CA GLU A 131 -6.92 23.04 46.08
C GLU A 131 -8.44 23.15 46.13
N MET A 132 -9.09 22.83 45.03
CA MET A 132 -10.54 22.89 44.95
C MET A 132 -11.16 21.82 45.81
N MET A 133 -10.47 20.70 45.96
CA MET A 133 -10.94 19.62 46.80
C MET A 133 -10.84 19.98 48.27
N ARG A 134 -9.78 20.70 48.63
CA ARG A 134 -9.66 21.26 49.98
C ARG A 134 -10.73 22.31 50.23
N LEU A 135 -10.83 23.28 49.33
CA LEU A 135 -11.74 24.39 49.50
C LEU A 135 -13.19 23.90 49.65
N PHE A 136 -13.62 23.08 48.70
CA PHE A 136 -15.02 22.64 48.64
C PHE A 136 -15.21 21.32 49.38
N ASN A 137 -14.17 20.86 50.05
CA ASN A 137 -14.28 19.73 50.98
C ASN A 137 -14.85 18.49 50.26
N TRP A 138 -14.38 18.26 49.03
CA TRP A 138 -14.54 16.97 48.38
C TRP A 138 -13.43 16.02 48.80
N ASN A 139 -13.77 15.08 49.68
CA ASN A 139 -12.77 14.24 50.33
C ASN A 139 -12.73 12.85 49.71
N HIS A 140 -13.68 12.59 48.82
CA HIS A 140 -13.68 11.34 48.05
C HIS A 140 -13.98 11.62 46.57
N VAL A 141 -13.02 11.31 45.71
CA VAL A 141 -13.18 11.55 44.28
C VAL A 141 -12.97 10.27 43.49
N ILE A 142 -13.61 10.19 42.33
CA ILE A 142 -13.27 9.20 41.34
C ILE A 142 -12.50 9.85 40.19
N LEU A 143 -11.39 9.23 39.80
CA LEU A 143 -10.54 9.78 38.76
C LEU A 143 -10.62 8.93 37.49
N ILE A 144 -11.18 9.51 36.44
CA ILE A 144 -11.22 8.87 35.13
C ILE A 144 -10.23 9.53 34.18
N VAL A 145 -9.30 8.74 33.65
CA VAL A 145 -8.24 9.25 32.79
C VAL A 145 -8.06 8.36 31.58
N SER A 146 -7.60 8.96 30.48
CA SER A 146 -7.29 8.20 29.28
C SER A 146 -5.99 7.44 29.48
N ASP A 147 -5.99 6.17 29.09
CA ASP A 147 -4.77 5.37 29.15
C ASP A 147 -3.81 5.75 28.05
N ASP A 148 -3.39 7.01 28.08
CA ASP A 148 -2.25 7.47 27.30
C ASP A 148 -1.31 8.26 28.20
N HIS A 149 -0.28 8.86 27.60
CA HIS A 149 0.77 9.50 28.38
C HIS A 149 0.20 10.68 29.17
N GLU A 150 -0.69 11.43 28.54
CA GLU A 150 -1.26 12.64 29.14
C GLU A 150 -2.15 12.28 30.32
N GLY A 151 -3.02 11.30 30.11
CA GLY A 151 -3.93 10.85 31.16
C GLY A 151 -3.20 10.29 32.36
N ARG A 152 -2.22 9.44 32.11
CA ARG A 152 -1.43 8.85 33.17
C ARG A 152 -0.65 9.92 33.92
N ALA A 153 -0.20 10.93 33.20
CA ALA A 153 0.57 12.02 33.80
C ALA A 153 -0.27 12.77 34.82
N ALA A 154 -1.54 13.02 34.45
CA ALA A 154 -2.47 13.68 35.34
C ALA A 154 -2.71 12.84 36.58
N GLN A 155 -2.88 11.55 36.38
CA GLN A 155 -3.10 10.63 37.49
C GLN A 155 -1.95 10.68 38.50
N LYS A 156 -0.74 10.49 38.01
CA LYS A 156 0.45 10.48 38.87
C LYS A 156 0.54 11.76 39.69
N LYS A 157 0.29 12.89 39.03
CA LYS A 157 0.45 14.18 39.67
C LYS A 157 -0.60 14.38 40.77
N LEU A 158 -1.81 13.91 40.54
CA LEU A 158 -2.88 14.02 41.53
C LEU A 158 -2.64 13.08 42.70
N GLU A 159 -2.07 11.91 42.40
CA GLU A 159 -1.82 10.89 43.43
C GLU A 159 -0.68 11.29 44.35
N THR A 160 0.37 11.87 43.78
CA THR A 160 1.45 12.44 44.58
C THR A 160 0.90 13.46 45.57
N LEU A 161 -0.06 14.26 45.12
CA LEU A 161 -0.66 15.28 45.97
C LEU A 161 -1.53 14.65 47.06
N LEU A 162 -2.31 13.63 46.68
CA LEU A 162 -3.19 12.95 47.62
C LEU A 162 -2.39 12.09 48.59
N GLU A 163 -1.60 11.17 48.04
CA GLU A 163 -0.64 10.40 48.82
C GLU A 163 0.59 11.24 49.14
N GLY A 164 0.54 11.99 50.24
CA GLY A 164 1.68 12.79 50.69
C GLY A 164 1.51 14.26 50.35
N GLY A 187 -6.85 13.94 54.93
CA GLY A 187 -6.78 14.54 53.61
C GLY A 187 -7.84 14.01 52.67
N PRO A 188 -8.02 14.66 51.52
CA PRO A 188 -8.80 14.11 50.42
C PRO A 188 -8.18 12.83 49.84
N LYS A 189 -9.02 11.88 49.46
CA LYS A 189 -8.55 10.59 48.96
C LYS A 189 -9.21 10.25 47.62
N ALA A 190 -8.53 9.45 46.81
CA ALA A 190 -9.10 8.93 45.57
C ALA A 190 -9.69 7.54 45.80
N ASP A 191 -11.01 7.45 45.81
CA ASP A 191 -11.71 6.19 46.11
C ASP A 191 -11.43 5.15 45.02
N LYS A 192 -11.06 5.62 43.84
CA LYS A 192 -10.85 4.73 42.69
C LYS A 192 -10.31 5.49 41.49
N VAL A 193 -9.43 4.84 40.73
CA VAL A 193 -8.95 5.40 39.47
C VAL A 193 -9.32 4.49 38.30
N LEU A 194 -9.96 5.06 37.30
CA LEU A 194 -10.40 4.30 36.14
C LEU A 194 -9.70 4.79 34.87
N GLN A 195 -9.06 3.87 34.17
CA GLN A 195 -8.44 4.18 32.89
C GLN A 195 -9.23 3.56 31.75
N PHE A 196 -9.26 4.24 30.60
CA PHE A 196 -9.98 3.75 29.44
C PHE A 196 -9.15 3.91 28.18
N GLU A 197 -9.44 3.09 27.18
CA GLU A 197 -8.64 3.06 25.97
C GLU A 197 -8.99 4.25 25.05
N PRO A 198 -8.01 5.13 24.80
CA PRO A 198 -8.23 6.34 24.01
C PRO A 198 -8.77 6.04 22.62
N GLY A 199 -9.99 6.51 22.34
CA GLY A 199 -10.67 6.21 21.07
C GLY A 199 -11.94 5.41 21.27
N THR A 200 -12.24 5.08 22.53
CA THR A 200 -13.39 4.23 22.83
C THR A 200 -14.66 5.08 22.92
N LYS A 201 -15.71 4.64 22.24
CA LYS A 201 -16.89 5.48 22.02
C LYS A 201 -17.97 5.18 23.05
N ASN A 202 -18.21 3.89 23.30
CA ASN A 202 -19.09 3.49 24.41
C ASN A 202 -18.27 3.13 25.65
N LEU A 203 -18.65 3.72 26.78
CA LEU A 203 -17.80 3.74 27.96
C LEU A 203 -18.62 3.40 29.20
N THR A 204 -19.75 2.74 28.99
CA THR A 204 -20.74 2.58 30.05
C THR A 204 -20.26 1.55 31.09
N ALA A 205 -19.43 0.60 30.64
CA ALA A 205 -18.83 -0.38 31.54
C ALA A 205 -17.92 0.32 32.55
N LEU A 206 -17.06 1.20 32.05
CA LEU A 206 -16.23 2.03 32.91
C LEU A 206 -17.09 2.85 33.86
N LEU A 207 -18.13 3.47 33.31
CA LEU A 207 -18.86 4.51 34.03
C LEU A 207 -19.90 3.90 34.98
N LEU A 208 -20.27 2.66 34.70
CA LEU A 208 -21.12 1.89 35.63
C LEU A 208 -20.34 1.49 36.87
N GLU A 209 -19.02 1.31 36.71
CA GLU A 209 -18.14 1.06 37.83
C GLU A 209 -18.02 2.28 38.73
N ALA A 210 -18.10 3.47 38.13
CA ALA A 210 -18.03 4.72 38.88
C ALA A 210 -19.36 5.02 39.56
N LYS A 211 -20.45 4.61 38.93
CA LYS A 211 -21.78 4.93 39.42
C LYS A 211 -22.10 4.15 40.68
N GLU A 212 -21.52 2.96 40.79
CA GLU A 212 -21.81 2.06 41.90
C GLU A 212 -21.02 2.46 43.16
N LEU A 213 -19.94 3.21 42.96
CA LEU A 213 -19.19 3.79 44.07
C LEU A 213 -20.01 4.86 44.77
N GLU A 214 -19.61 5.18 46.01
CA GLU A 214 -20.37 6.12 46.83
C GLU A 214 -19.96 7.55 46.54
N ALA A 215 -18.72 7.72 46.10
CA ALA A 215 -18.20 9.04 45.74
C ALA A 215 -18.92 9.56 44.50
N ARG A 216 -19.14 10.87 44.47
CA ARG A 216 -19.96 11.47 43.44
C ARG A 216 -19.23 12.64 42.80
N VAL A 217 -17.99 12.84 43.21
CA VAL A 217 -17.10 13.78 42.55
C VAL A 217 -16.22 13.06 41.55
N ILE A 218 -16.35 13.45 40.29
CA ILE A 218 -15.61 12.79 39.21
C ILE A 218 -14.64 13.75 38.54
N ILE A 219 -13.39 13.32 38.42
CA ILE A 219 -12.35 14.12 37.79
C ILE A 219 -11.89 13.45 36.51
N LEU A 220 -11.76 14.23 35.45
CA LEU A 220 -11.53 13.67 34.12
C LEU A 220 -10.27 14.25 33.50
N SER A 221 -9.40 13.38 32.99
CA SER A 221 -8.39 13.77 32.04
C SER A 221 -8.54 13.00 30.75
N ALA A 222 -8.60 13.73 29.64
CA ALA A 222 -8.93 13.14 28.35
C ALA A 222 -8.78 14.18 27.25
N SER A 223 -8.52 13.72 26.04
CA SER A 223 -8.52 14.57 24.89
C SER A 223 -9.94 15.08 24.60
N GLU A 224 -10.02 16.13 23.79
CA GLU A 224 -11.30 16.63 23.29
C GLU A 224 -12.27 15.49 22.95
N ASP A 225 -11.86 14.61 22.03
CA ASP A 225 -12.79 13.63 21.45
C ASP A 225 -13.15 12.55 22.46
N ASP A 226 -12.22 12.22 23.33
CA ASP A 226 -12.43 11.18 24.33
C ASP A 226 -13.34 11.69 25.45
N ALA A 227 -13.23 12.97 25.76
CA ALA A 227 -14.12 13.61 26.73
C ALA A 227 -15.55 13.68 26.19
N THR A 228 -15.68 13.93 24.90
CA THR A 228 -16.97 13.87 24.24
C THR A 228 -17.65 12.53 24.49
N ALA A 229 -16.92 11.45 24.21
CA ALA A 229 -17.46 10.11 24.39
C ALA A 229 -17.88 9.87 25.84
N VAL A 230 -17.03 10.28 26.77
CA VAL A 230 -17.36 10.17 28.19
C VAL A 230 -18.66 10.89 28.50
N TYR A 231 -18.75 12.14 28.07
CA TYR A 231 -19.90 12.99 28.39
C TYR A 231 -21.20 12.35 27.90
N LYS A 232 -21.16 11.78 26.69
CA LYS A 232 -22.34 11.17 26.10
C LYS A 232 -22.78 9.94 26.88
N SER A 233 -21.81 9.08 27.22
CA SER A 233 -22.09 7.86 27.96
C SER A 233 -22.63 8.19 29.35
N ALA A 234 -22.08 9.23 29.95
CA ALA A 234 -22.45 9.60 31.31
C ALA A 234 -23.88 10.14 31.37
N ALA A 235 -24.26 10.91 30.35
CA ALA A 235 -25.61 11.46 30.26
C ALA A 235 -26.62 10.33 30.04
N MET A 236 -26.20 9.30 29.32
CA MET A 236 -27.04 8.13 29.08
C MET A 236 -27.27 7.34 30.37
N LEU A 237 -26.37 7.51 31.34
CA LEU A 237 -26.45 6.78 32.60
C LEU A 237 -26.94 7.67 33.74
N ASP A 238 -27.44 8.86 33.38
CA ASP A 238 -27.97 9.78 34.37
C ASP A 238 -26.92 10.11 35.43
N MET A 239 -25.69 10.29 34.99
CA MET A 239 -24.59 10.59 35.90
C MET A 239 -24.15 12.04 35.73
N THR A 240 -25.00 12.85 35.12
CA THR A 240 -24.69 14.25 34.87
C THR A 240 -25.68 15.16 35.59
N GLY A 241 -26.46 14.57 36.49
CA GLY A 241 -27.54 15.29 37.15
C GLY A 241 -27.22 15.58 38.60
N ALA A 242 -28.21 16.08 39.34
CA ALA A 242 -27.99 16.54 40.71
C ALA A 242 -27.40 15.42 41.55
N GLY A 243 -26.45 15.77 42.41
CA GLY A 243 -25.70 14.78 43.18
C GLY A 243 -24.26 14.69 42.74
N TYR A 244 -24.02 14.82 41.44
CA TYR A 244 -22.69 14.62 40.87
C TYR A 244 -21.94 15.93 40.75
N VAL A 245 -20.63 15.88 40.97
CA VAL A 245 -19.74 16.95 40.56
C VAL A 245 -18.77 16.46 39.50
N TRP A 246 -18.64 17.23 38.43
CA TRP A 246 -17.64 16.96 37.39
C TRP A 246 -16.56 18.02 37.43
N LEU A 247 -15.32 17.58 37.57
CA LEU A 247 -14.18 18.48 37.62
C LEU A 247 -13.16 18.07 36.60
N VAL A 248 -12.71 19.03 35.80
CA VAL A 248 -12.17 18.75 34.49
C VAL A 248 -11.14 19.81 34.13
N GLY A 249 -10.35 19.56 33.09
CA GLY A 249 -9.32 20.50 32.67
C GLY A 249 -9.75 21.32 31.46
N GLU A 250 -8.77 21.72 30.65
CA GLU A 250 -9.01 22.69 29.60
C GLU A 250 -9.40 22.00 28.29
N ARG A 251 -8.75 20.87 28.00
CA ARG A 251 -9.06 20.12 26.78
C ARG A 251 -10.50 19.60 26.81
N GLU A 252 -11.00 19.40 28.02
CA GLU A 252 -12.26 18.68 28.20
C GLU A 252 -13.45 19.64 28.14
N ILE A 253 -13.15 20.93 28.07
CA ILE A 253 -14.17 21.94 27.76
C ILE A 253 -13.77 22.77 26.55
N SER A 254 -13.19 22.10 25.55
CA SER A 254 -12.86 22.74 24.28
C SER A 254 -13.53 22.01 23.11
N GLY A 255 -13.68 22.71 21.99
CA GLY A 255 -14.19 22.09 20.77
C GLY A 255 -15.41 21.26 21.03
N SER A 256 -15.38 20.01 20.55
CA SER A 256 -16.59 19.18 20.54
C SER A 256 -16.94 18.67 21.94
N ALA A 257 -15.97 18.65 22.84
CA ALA A 257 -16.22 18.30 24.24
C ALA A 257 -17.16 19.30 24.87
N LEU A 258 -16.90 20.58 24.63
CA LEU A 258 -17.75 21.66 25.14
C LEU A 258 -19.18 21.48 24.64
N ARG A 259 -19.31 20.79 23.53
CA ARG A 259 -20.54 20.77 22.78
C ARG A 259 -21.52 19.74 23.36
N TYR A 260 -20.99 18.78 24.12
CA TYR A 260 -21.84 17.76 24.75
C TYR A 260 -21.67 17.75 26.26
N ALA A 261 -20.84 18.65 26.77
CA ALA A 261 -20.58 18.75 28.20
C ALA A 261 -21.89 18.97 28.94
N PRO A 262 -22.02 18.35 30.13
CA PRO A 262 -23.18 18.54 30.99
C PRO A 262 -23.14 19.87 31.73
N ASP A 263 -24.27 20.55 31.77
CA ASP A 263 -24.40 21.78 32.54
C ASP A 263 -23.90 21.58 33.97
N GLY A 264 -23.26 22.61 34.52
CA GLY A 264 -22.80 22.57 35.91
C GLY A 264 -21.37 22.05 36.05
N ILE A 265 -20.80 21.56 34.95
CA ILE A 265 -19.42 21.08 34.96
C ILE A 265 -18.44 22.20 35.29
N ILE A 266 -17.37 21.86 36.00
CA ILE A 266 -16.29 22.79 36.27
C ILE A 266 -15.03 22.41 35.48
N GLY A 267 -14.40 23.41 34.87
CA GLY A 267 -13.15 23.19 34.14
C GLY A 267 -12.19 24.35 34.28
N LEU A 268 -11.11 24.32 33.52
CA LEU A 268 -10.02 25.30 33.68
C LEU A 268 -9.62 25.87 32.34
N GLN A 269 -9.20 27.13 32.35
CA GLN A 269 -8.50 27.72 31.20
C GLN A 269 -7.25 28.46 31.65
N LEU A 270 -6.12 28.14 31.03
CA LEU A 270 -4.85 28.76 31.37
C LEU A 270 -4.81 30.19 30.84
N ILE A 271 -4.70 31.14 31.76
CA ILE A 271 -4.76 32.56 31.40
C ILE A 271 -3.52 32.96 30.62
N ASN A 272 -3.73 33.46 29.40
CA ASN A 272 -2.62 33.82 28.50
C ASN A 272 -1.96 32.59 27.89
N GLY A 273 -2.64 31.46 27.98
CA GLY A 273 -2.06 30.19 27.60
C GLY A 273 -1.82 30.09 26.11
N LYS A 274 -2.58 30.87 25.34
CA LYS A 274 -2.44 30.86 23.88
C LYS A 274 -1.91 32.19 23.37
N ASN A 275 -1.55 33.08 24.29
CA ASN A 275 -1.00 34.36 23.90
C ASN A 275 0.51 34.24 23.63
N GLU A 276 0.86 33.94 22.39
CA GLU A 276 2.25 33.74 21.99
C GLU A 276 3.07 35.02 22.27
N SER A 277 2.42 36.15 22.13
CA SER A 277 3.08 37.44 22.25
C SER A 277 3.47 37.72 23.70
N ALA A 278 2.56 37.43 24.63
CA ALA A 278 2.86 37.54 26.06
C ALA A 278 4.06 36.66 26.45
N HIS A 279 4.07 35.43 25.96
CA HIS A 279 5.07 34.46 26.40
C HIS A 279 6.44 34.73 25.75
N ILE A 280 6.42 35.32 24.56
CA ILE A 280 7.64 35.83 23.95
C ILE A 280 8.27 36.90 24.83
N SER A 281 7.44 37.80 25.34
CA SER A 281 7.92 38.86 26.22
C SER A 281 8.56 38.29 27.48
N ASP A 282 7.85 37.38 28.13
CA ASP A 282 8.31 36.84 29.41
C ASP A 282 9.53 35.95 29.22
N ALA A 283 9.51 35.12 28.18
CA ALA A 283 10.62 34.22 27.91
C ALA A 283 11.90 34.99 27.66
N VAL A 284 11.79 36.08 26.90
CA VAL A 284 12.95 36.90 26.55
C VAL A 284 13.52 37.60 27.79
N ALA A 285 12.63 38.07 28.66
CA ALA A 285 13.06 38.68 29.90
C ALA A 285 13.83 37.68 30.75
N VAL A 286 13.28 36.49 30.91
CA VAL A 286 13.90 35.44 31.71
C VAL A 286 15.26 35.02 31.12
N VAL A 287 15.30 34.86 29.80
CA VAL A 287 16.49 34.39 29.13
C VAL A 287 17.59 35.45 29.15
N ALA A 288 17.19 36.73 29.14
CA ALA A 288 18.16 37.83 29.16
C ALA A 288 18.77 37.96 30.55
N GLN A 289 17.93 37.89 31.56
CA GLN A 289 18.39 37.82 32.94
C GLN A 289 19.42 36.71 33.11
N ALA A 290 19.15 35.55 32.52
CA ALA A 290 19.93 34.35 32.77
C ALA A 290 21.27 34.41 32.04
N ILE A 291 21.28 35.06 30.88
CA ILE A 291 22.51 35.29 30.14
C ILE A 291 23.47 36.18 30.91
N HIS A 292 22.95 37.29 31.42
CA HIS A 292 23.77 38.24 32.16
C HIS A 292 24.29 37.64 33.45
N GLU A 293 23.50 36.75 34.03
CA GLU A 293 23.93 36.01 35.21
C GLU A 293 24.97 34.94 34.86
N LEU A 294 24.78 34.28 33.71
CA LEU A 294 25.73 33.29 33.23
C LEU A 294 27.12 33.89 33.10
N PHE A 295 27.19 35.12 32.59
CA PHE A 295 28.44 35.72 32.21
C PHE A 295 29.13 36.41 33.39
N GLU A 296 28.51 36.32 34.57
CA GLU A 296 29.18 36.68 35.81
C GLU A 296 30.16 35.58 36.23
N MET A 297 29.98 34.39 35.66
CA MET A 297 30.79 33.24 36.02
C MET A 297 31.99 33.13 35.10
N GLU A 298 32.93 32.27 35.47
CA GLU A 298 34.19 32.17 34.75
C GLU A 298 34.14 31.04 33.72
N ASN A 299 34.88 31.22 32.62
CA ASN A 299 35.15 30.13 31.69
C ASN A 299 33.87 29.72 30.98
N ILE A 300 33.13 30.72 30.51
CA ILE A 300 32.00 30.48 29.64
C ILE A 300 32.45 30.27 28.20
N THR A 301 32.05 29.16 27.61
CA THR A 301 32.40 28.86 26.22
C THR A 301 31.25 29.25 25.29
N ASP A 302 31.58 29.48 24.03
CA ASP A 302 30.58 29.69 23.00
C ASP A 302 29.97 28.37 22.57
N PRO A 303 28.71 28.40 22.15
CA PRO A 303 28.10 27.23 21.51
C PRO A 303 28.67 26.99 20.11
N PRO A 304 28.51 25.77 19.59
CA PRO A 304 29.00 25.42 18.27
C PRO A 304 28.44 26.34 17.18
N ARG A 305 29.28 26.72 16.24
CA ARG A 305 28.87 27.52 15.09
C ARG A 305 28.47 26.60 13.93
N GLY A 306 27.17 26.41 13.75
CA GLY A 306 26.66 25.47 12.75
C GLY A 306 26.66 24.03 13.26
N CYS A 307 25.98 23.15 12.52
CA CYS A 307 25.91 21.76 12.88
C CYS A 307 27.03 20.96 12.21
N VAL A 308 27.34 21.33 10.97
CA VAL A 308 28.17 20.48 10.11
C VAL A 308 29.56 20.27 10.74
N GLY A 309 29.92 19.02 10.96
CA GLY A 309 31.24 18.69 11.47
C GLY A 309 31.36 18.84 12.97
N ASN A 310 30.25 19.22 13.62
CA ASN A 310 30.23 19.41 15.06
C ASN A 310 29.37 18.34 15.75
N THR A 311 30.00 17.52 16.58
CA THR A 311 29.29 16.41 17.23
C THR A 311 29.47 16.43 18.76
N ASN A 312 30.25 17.37 19.26
CA ASN A 312 30.41 17.55 20.71
C ASN A 312 29.30 18.44 21.26
N ILE A 313 28.95 18.22 22.52
CA ILE A 313 28.02 19.13 23.21
C ILE A 313 28.67 20.48 23.50
N TRP A 314 27.84 21.50 23.58
CA TRP A 314 28.23 22.78 24.16
C TRP A 314 28.54 22.64 25.66
N LYS A 315 29.82 22.78 26.01
CA LYS A 315 30.29 22.39 27.35
C LYS A 315 29.64 23.24 28.43
N THR A 316 29.18 24.44 28.05
CA THR A 316 28.60 25.36 29.00
C THR A 316 27.07 25.23 29.04
N GLY A 317 26.54 24.36 28.17
CA GLY A 317 25.10 24.23 27.98
C GLY A 317 24.39 23.76 29.25
N PRO A 318 24.98 22.77 29.93
CA PRO A 318 24.38 22.26 31.16
C PRO A 318 24.41 23.27 32.32
N LEU A 319 25.44 24.11 32.36
CA LEU A 319 25.50 25.21 33.31
C LEU A 319 24.39 26.23 33.04
N PHE A 320 24.24 26.61 31.78
CA PHE A 320 23.26 27.60 31.41
C PHE A 320 21.85 27.08 31.68
N LYS A 321 21.66 25.77 31.52
CA LYS A 321 20.39 25.16 31.83
C LYS A 321 20.06 25.34 33.29
N ARG A 322 21.05 25.15 34.15
CA ARG A 322 20.85 25.26 35.59
C ARG A 322 20.50 26.69 35.98
N VAL A 323 21.15 27.65 35.34
CA VAL A 323 20.89 29.06 35.61
C VAL A 323 19.46 29.46 35.20
N LEU A 324 18.99 28.89 34.09
CA LEU A 324 17.60 29.11 33.66
C LEU A 324 16.61 28.47 34.64
N MET A 325 16.87 27.22 35.01
CA MET A 325 15.97 26.46 35.88
C MET A 325 15.67 27.23 37.15
N SER A 326 16.68 27.92 37.66
CA SER A 326 16.58 28.57 38.96
C SER A 326 16.34 30.09 38.81
N SER A 327 15.97 30.49 37.60
CA SER A 327 15.62 31.89 37.34
C SER A 327 14.26 32.25 37.96
N LYS A 328 14.17 33.46 38.49
CA LYS A 328 12.91 34.00 39.00
C LYS A 328 12.64 35.36 38.38
N TYR A 329 11.48 35.49 37.75
CA TYR A 329 11.03 36.77 37.21
C TYR A 329 9.64 37.11 37.73
N PRO A 330 9.58 37.94 38.79
CA PRO A 330 8.33 38.19 39.52
C PRO A 330 7.26 38.83 38.64
N ASP A 331 7.69 39.74 37.78
CA ASP A 331 6.80 40.77 37.24
C ASP A 331 6.44 40.45 35.80
N GLY A 332 6.11 39.19 35.54
CA GLY A 332 5.89 38.73 34.17
C GLY A 332 4.49 39.08 33.69
N VAL A 333 4.35 39.25 32.38
CA VAL A 333 3.05 39.51 31.79
C VAL A 333 2.09 38.34 32.07
N THR A 334 2.64 37.15 32.21
CA THR A 334 1.84 35.98 32.55
C THR A 334 1.97 35.66 34.04
N GLY A 335 2.46 36.62 34.80
CA GLY A 335 2.53 36.49 36.25
C GLY A 335 3.93 36.13 36.73
N ARG A 336 4.00 35.35 37.79
CA ARG A 336 5.27 35.06 38.45
C ARG A 336 5.95 33.87 37.80
N ILE A 337 7.10 34.12 37.15
CA ILE A 337 7.82 33.07 36.44
C ILE A 337 8.84 32.39 37.34
N GLU A 338 8.58 31.13 37.67
CA GLU A 338 9.63 30.21 38.08
C GLU A 338 9.43 28.85 37.44
N PHE A 339 10.46 28.00 37.53
CA PHE A 339 10.42 26.67 36.95
C PHE A 339 10.61 25.62 38.03
N ASN A 340 10.00 24.46 37.86
CA ASN A 340 10.17 23.35 38.79
C ASN A 340 11.25 22.39 38.29
N GLU A 341 11.35 21.24 38.93
CA GLU A 341 12.54 20.39 38.78
C GLU A 341 12.55 19.70 37.40
N ASP A 342 11.43 19.80 36.69
CA ASP A 342 11.35 19.32 35.30
C ASP A 342 11.48 20.46 34.31
N GLY A 343 11.59 21.66 34.84
CA GLY A 343 11.70 22.85 33.99
C GLY A 343 10.35 23.37 33.55
N ASP A 344 9.31 22.97 34.25
CA ASP A 344 7.96 23.39 33.92
C ASP A 344 7.57 24.66 34.70
N ARG A 345 6.72 25.48 34.08
CA ARG A 345 6.25 26.72 34.70
C ARG A 345 5.57 26.45 36.04
N LYS A 346 5.99 27.19 37.06
CA LYS A 346 5.24 27.29 38.30
C LYS A 346 4.47 28.61 38.38
N PHE A 347 3.52 28.67 39.31
CA PHE A 347 2.74 29.89 39.57
C PHE A 347 1.95 30.33 38.33
N ALA A 348 1.46 29.35 37.57
CA ALA A 348 0.58 29.62 36.44
C ALA A 348 -0.83 29.95 36.92
N GLN A 349 -1.54 30.75 36.15
CA GLN A 349 -2.84 31.26 36.58
C GLN A 349 -3.94 30.70 35.69
N TYR A 350 -5.00 30.21 36.33
CA TYR A 350 -6.09 29.56 35.62
C TYR A 350 -7.41 30.29 35.89
N SER A 351 -8.25 30.38 34.85
CA SER A 351 -9.67 30.69 35.03
C SER A 351 -10.43 29.44 35.42
N ILE A 352 -11.25 29.55 36.44
CA ILE A 352 -12.13 28.47 36.83
C ILE A 352 -13.52 28.65 36.22
N MET A 353 -13.86 27.78 35.28
CA MET A 353 -15.00 27.98 34.40
C MET A 353 -16.11 27.03 34.77
N ASN A 354 -17.34 27.51 34.67
CA ASN A 354 -18.49 26.73 35.07
C ASN A 354 -19.58 26.85 34.00
N LEU A 355 -19.99 25.70 33.47
CA LEU A 355 -20.95 25.68 32.38
C LEU A 355 -22.39 25.92 32.90
N GLN A 356 -22.89 27.12 32.66
CA GLN A 356 -24.22 27.52 33.14
C GLN A 356 -25.11 27.89 31.96
N ASN A 357 -26.22 27.18 31.81
CA ASN A 357 -27.12 27.43 30.68
C ASN A 357 -26.36 27.34 29.36
N ARG A 358 -25.34 26.48 29.32
CA ARG A 358 -24.61 26.18 28.09
C ARG A 358 -23.60 27.28 27.75
N LYS A 359 -23.41 28.22 28.65
CA LYS A 359 -22.34 29.21 28.53
C LYS A 359 -21.26 28.95 29.57
N LEU A 360 -20.00 28.94 29.12
CA LEU A 360 -18.86 28.95 30.02
C LEU A 360 -18.79 30.28 30.74
N VAL A 361 -18.90 30.21 32.07
CA VAL A 361 -18.82 31.40 32.91
C VAL A 361 -17.62 31.27 33.85
N GLN A 362 -16.87 32.35 34.00
CA GLN A 362 -15.80 32.40 34.99
C GLN A 362 -16.35 32.61 36.40
N VAL A 363 -16.05 31.69 37.30
CA VAL A 363 -16.53 31.77 38.68
C VAL A 363 -15.38 32.00 39.66
N GLY A 364 -14.16 32.00 39.15
CA GLY A 364 -13.00 32.38 39.95
C GLY A 364 -11.69 32.20 39.21
N ILE A 365 -10.59 32.47 39.89
CA ILE A 365 -9.26 32.17 39.35
C ILE A 365 -8.40 31.47 40.39
N PHE A 366 -7.52 30.59 39.92
CA PHE A 366 -6.34 30.19 40.66
C PHE A 366 -5.16 31.09 40.31
N ASN A 367 -4.72 31.89 41.28
CA ASN A 367 -3.84 33.03 41.00
C ASN A 367 -2.37 32.60 41.03
N GLY A 368 -2.13 31.30 41.08
CA GLY A 368 -0.78 30.77 41.12
C GLY A 368 -0.49 30.01 42.39
N SER A 369 -1.23 30.34 43.45
CA SER A 369 -1.07 29.67 44.74
C SER A 369 -2.39 29.61 45.50
N TYR A 370 -3.37 30.38 45.05
CA TYR A 370 -4.57 30.62 45.85
C TYR A 370 -5.82 30.64 44.96
N ILE A 371 -6.88 29.99 45.43
CA ILE A 371 -8.17 30.06 44.77
C ILE A 371 -8.94 31.31 45.19
N ILE A 372 -9.42 32.05 44.19
CA ILE A 372 -10.17 33.27 44.43
C ILE A 372 -11.53 33.20 43.75
N GLN A 373 -12.56 32.92 44.53
CA GLN A 373 -13.94 32.92 44.01
C GLN A 373 -14.41 34.33 43.76
N ASN A 374 -14.91 34.58 42.55
CA ASN A 374 -15.54 35.85 42.22
C ASN A 374 -17.03 35.83 42.56
N ASP A 375 -17.72 36.94 42.29
CA ASP A 375 -19.04 37.19 42.86
C ASP A 375 -20.14 36.51 42.05
N ARG A 376 -19.75 35.81 40.98
CA ARG A 376 -20.68 34.99 40.21
C ARG A 376 -20.84 33.62 40.83
N LYS A 377 -22.08 33.21 41.04
CA LYS A 377 -22.38 31.98 41.77
C LYS A 377 -22.12 30.76 40.90
N ILE A 378 -21.52 29.74 41.50
CA ILE A 378 -21.40 28.44 40.87
C ILE A 378 -22.76 27.74 40.81
N ILE A 379 -23.04 27.12 39.67
CA ILE A 379 -24.19 26.22 39.55
C ILE A 379 -23.72 24.80 39.29
N TRP A 380 -24.08 23.90 40.20
CA TRP A 380 -23.64 22.51 40.11
C TRP A 380 -24.55 21.70 39.19
N PRO A 381 -24.08 20.54 38.75
CA PRO A 381 -24.89 19.62 37.96
C PRO A 381 -26.24 19.33 38.62
N GLY A 382 -27.29 19.22 37.81
CA GLY A 382 -28.65 19.44 38.29
C GLY A 382 -29.01 20.92 38.28
N GLY A 383 -29.26 21.48 39.45
CA GLY A 383 -29.52 22.90 39.58
C GLY A 383 -28.98 23.47 40.87
N GLU A 384 -28.05 22.75 41.50
CA GLU A 384 -27.73 22.95 42.91
C GLU A 384 -26.96 24.26 43.10
N THR A 385 -26.89 24.72 44.35
CA THR A 385 -26.58 26.13 44.64
C THR A 385 -25.81 26.24 45.96
N PRO B 1 14.07 -10.27 -13.01
CA PRO B 1 13.64 -9.73 -11.71
C PRO B 1 14.01 -8.26 -11.52
N PRO B 2 13.04 -7.45 -11.07
CA PRO B 2 13.22 -6.00 -10.93
C PRO B 2 14.22 -5.64 -9.84
N SER B 3 14.84 -4.47 -9.97
CA SER B 3 15.85 -4.03 -9.02
C SER B 3 15.24 -3.04 -8.03
N ILE B 4 15.61 -3.19 -6.76
CA ILE B 4 15.36 -2.16 -5.76
C ILE B 4 16.67 -1.53 -5.30
N GLY B 5 16.65 -0.22 -5.08
CA GLY B 5 17.84 0.51 -4.68
C GLY B 5 18.07 0.40 -3.18
N ILE B 6 19.31 0.08 -2.81
CA ILE B 6 19.71 0.07 -1.41
C ILE B 6 20.96 0.89 -1.21
N ALA B 7 20.89 1.87 -0.32
CA ALA B 7 22.05 2.66 0.03
C ALA B 7 22.79 2.02 1.20
N VAL B 8 24.08 1.77 0.98
CA VAL B 8 24.98 1.41 2.07
C VAL B 8 25.88 2.58 2.43
N ILE B 9 25.69 3.11 3.64
CA ILE B 9 26.39 4.30 4.06
C ILE B 9 27.45 3.98 5.09
N LEU B 10 28.69 4.31 4.76
CA LEU B 10 29.83 3.94 5.58
C LEU B 10 30.53 5.18 6.09
N VAL B 11 30.55 5.34 7.40
CA VAL B 11 31.21 6.47 8.01
C VAL B 11 32.55 6.06 8.59
N GLY B 12 33.61 6.62 8.04
CA GLY B 12 34.93 6.52 8.63
C GLY B 12 35.58 5.17 8.37
N THR B 13 35.02 4.41 7.42
CA THR B 13 35.32 2.98 7.29
C THR B 13 35.84 2.66 5.89
N SER B 14 36.98 2.00 5.84
CA SER B 14 37.50 1.49 4.57
C SER B 14 37.89 0.02 4.69
N ASP B 15 36.88 -0.84 4.82
CA ASP B 15 36.94 -2.18 4.24
C ASP B 15 36.09 -2.25 2.95
N GLU B 16 36.23 -1.22 2.09
CA GLU B 16 35.23 -0.95 1.07
C GLU B 16 35.21 -2.06 0.03
N VAL B 17 36.39 -2.58 -0.28
CA VAL B 17 36.53 -3.65 -1.27
C VAL B 17 36.15 -4.99 -0.67
N ALA B 18 36.60 -5.23 0.56
CA ALA B 18 36.20 -6.43 1.31
C ALA B 18 34.69 -6.49 1.47
N ILE B 19 34.05 -5.32 1.47
CA ILE B 19 32.62 -5.23 1.71
C ILE B 19 31.83 -5.54 0.44
N LYS B 20 32.25 -4.93 -0.67
CA LYS B 20 31.62 -5.17 -1.96
C LYS B 20 31.80 -6.63 -2.40
N ASP B 21 32.74 -7.33 -1.75
CA ASP B 21 33.10 -8.69 -2.14
C ASP B 21 32.32 -9.72 -1.33
N ALA B 22 32.01 -9.39 -0.08
CA ALA B 22 31.15 -10.23 0.75
C ALA B 22 29.73 -10.28 0.18
N HIS B 23 29.34 -9.22 -0.54
CA HIS B 23 28.05 -9.17 -1.23
C HIS B 23 28.22 -9.54 -2.70
N PHE B 28 23.45 -14.98 -5.73
CA PHE B 28 23.40 -14.67 -4.31
C PHE B 28 21.95 -14.46 -3.85
N HIS B 29 21.13 -13.91 -4.73
CA HIS B 29 19.75 -13.59 -4.40
C HIS B 29 18.79 -14.23 -5.40
N HIS B 30 17.97 -15.16 -4.91
CA HIS B 30 17.19 -16.06 -5.79
C HIS B 30 15.72 -15.62 -5.88
N LEU B 31 15.42 -14.44 -5.34
CA LEU B 31 14.06 -14.11 -4.88
C LEU B 31 13.24 -13.45 -6.00
N SER B 32 12.22 -12.70 -5.60
CA SER B 32 11.39 -11.95 -6.55
C SER B 32 12.04 -10.62 -6.93
N VAL B 33 13.07 -10.25 -6.20
CA VAL B 33 13.67 -8.93 -6.33
C VAL B 33 15.19 -9.01 -6.11
N VAL B 34 15.94 -8.18 -6.83
CA VAL B 34 17.39 -8.11 -6.65
C VAL B 34 17.83 -6.71 -6.27
N PRO B 35 18.83 -6.60 -5.38
CA PRO B 35 19.32 -5.33 -4.89
C PRO B 35 20.24 -4.65 -5.89
N ARG B 36 20.08 -3.34 -6.03
CA ARG B 36 21.14 -2.50 -6.57
C ARG B 36 21.77 -1.66 -5.46
N VAL B 37 22.85 -2.16 -4.88
CA VAL B 37 23.50 -1.51 -3.76
C VAL B 37 24.36 -0.34 -4.25
N GLU B 38 24.31 0.76 -3.50
CA GLU B 38 25.20 1.89 -3.76
C GLU B 38 25.97 2.25 -2.50
N LEU B 39 27.26 1.91 -2.47
CA LEU B 39 28.15 2.33 -1.40
C LEU B 39 28.32 3.84 -1.39
N VAL B 40 28.12 4.44 -0.23
CA VAL B 40 28.29 5.87 -0.06
C VAL B 40 29.16 6.14 1.17
N ALA B 41 30.13 7.03 1.00
CA ALA B 41 31.05 7.35 2.09
C ALA B 41 30.68 8.70 2.71
N MET B 42 30.59 8.73 4.04
CA MET B 42 30.32 9.96 4.77
C MET B 42 31.49 10.29 5.69
N ASN B 43 31.68 11.58 5.95
CA ASN B 43 32.74 12.02 6.84
C ASN B 43 32.18 12.51 8.17
N GLU B 44 30.98 13.07 8.14
CA GLU B 44 30.45 13.81 9.29
C GLU B 44 29.19 13.12 9.84
N THR B 45 28.99 13.25 11.14
CA THR B 45 27.92 12.52 11.82
C THR B 45 27.09 13.45 12.71
N ASP B 46 27.10 14.73 12.39
CA ASP B 46 26.15 15.67 12.96
C ASP B 46 24.78 15.52 12.30
N PRO B 47 23.75 16.18 12.87
CA PRO B 47 22.39 15.97 12.40
C PRO B 47 22.16 16.45 10.97
N LYS B 48 22.78 17.57 10.61
CA LYS B 48 22.59 18.15 9.28
C LYS B 48 23.24 17.28 8.19
N SER B 49 24.47 16.85 8.45
CA SER B 49 25.21 16.02 7.50
C SER B 49 24.47 14.71 7.23
N ILE B 50 23.94 14.10 8.29
CA ILE B 50 23.29 12.81 8.16
C ILE B 50 21.93 12.94 7.48
N ILE B 51 21.17 13.97 7.84
CA ILE B 51 19.86 14.19 7.26
C ILE B 51 19.95 14.53 5.77
N THR B 52 20.84 15.47 5.42
CA THR B 52 20.93 15.96 4.03
C THR B 52 21.52 14.88 3.11
N ARG B 53 22.46 14.11 3.65
CA ARG B 53 23.09 13.06 2.88
C ARG B 53 22.07 12.01 2.48
N ILE B 54 21.26 11.58 3.43
CA ILE B 54 20.28 10.54 3.20
C ILE B 54 19.14 11.05 2.35
N CYS B 55 18.85 12.34 2.46
CA CYS B 55 17.75 12.93 1.76
C CYS B 55 18.14 13.28 0.32
N ASP B 56 19.40 13.67 0.13
CA ASP B 56 19.99 13.76 -1.20
C ASP B 56 19.92 12.41 -1.92
N LEU B 57 20.34 11.35 -1.23
CA LEU B 57 20.30 10.01 -1.79
C LEU B 57 18.90 9.67 -2.27
N MET B 58 17.92 9.94 -1.41
CA MET B 58 16.55 9.54 -1.67
C MET B 58 15.99 10.31 -2.88
N SER B 59 16.59 11.47 -3.15
CA SER B 59 16.06 12.36 -4.18
C SER B 59 16.79 12.15 -5.51
N ASP B 60 18.04 11.70 -5.44
CA ASP B 60 18.84 11.48 -6.65
C ASP B 60 18.63 10.07 -7.18
N ARG B 61 18.32 9.14 -6.28
CA ARG B 61 18.04 7.76 -6.66
C ARG B 61 16.72 7.29 -6.03
N LYS B 62 16.35 6.05 -6.33
CA LYS B 62 15.16 5.45 -5.71
C LYS B 62 15.56 4.44 -4.65
N ILE B 63 15.57 4.88 -3.39
CA ILE B 63 16.04 4.05 -2.29
C ILE B 63 14.89 3.36 -1.59
N GLN B 64 14.95 2.03 -1.57
CA GLN B 64 13.98 1.23 -0.84
C GLN B 64 14.38 1.07 0.64
N GLY B 65 15.63 1.39 0.95
CA GLY B 65 16.24 0.98 2.23
C GLY B 65 17.66 1.50 2.40
N VAL B 66 18.05 1.70 3.66
CA VAL B 66 19.40 2.15 3.97
C VAL B 66 20.08 1.21 4.95
N VAL B 67 21.27 0.74 4.60
CA VAL B 67 22.14 0.05 5.54
C VAL B 67 23.26 0.98 6.00
N PHE B 68 23.36 1.19 7.31
CA PHE B 68 24.19 2.25 7.86
C PHE B 68 25.23 1.68 8.81
N ALA B 69 26.49 2.08 8.63
CA ALA B 69 27.55 1.71 9.56
C ALA B 69 28.48 2.90 9.81
N ASP B 70 28.90 3.05 11.06
CA ASP B 70 29.89 4.07 11.40
C ASP B 70 30.95 3.54 12.36
N ASP B 71 32.01 4.31 12.53
CA ASP B 71 33.16 3.89 13.33
C ASP B 71 33.33 4.79 14.54
N THR B 72 32.21 5.25 15.09
CA THR B 72 32.23 6.21 16.18
C THR B 72 31.62 5.61 17.44
N ASP B 73 31.63 6.38 18.52
CA ASP B 73 30.99 6.00 19.77
C ASP B 73 29.74 6.83 20.03
N GLN B 74 29.16 7.36 18.96
CA GLN B 74 28.17 8.43 19.08
C GLN B 74 26.76 7.87 19.02
N GLU B 75 26.18 7.62 20.18
CA GLU B 75 24.89 6.96 20.27
C GLU B 75 23.78 7.82 19.67
N ALA B 76 24.02 9.12 19.58
CA ALA B 76 23.04 10.06 18.97
C ALA B 76 22.71 9.66 17.54
N ILE B 77 23.67 9.04 16.87
CA ILE B 77 23.50 8.69 15.46
C ILE B 77 22.28 7.79 15.28
N ALA B 78 22.05 6.91 16.25
CA ALA B 78 20.88 6.05 16.24
C ALA B 78 19.59 6.87 16.39
N GLN B 79 19.62 7.85 17.29
CA GLN B 79 18.47 8.72 17.50
C GLN B 79 18.12 9.47 16.23
N ILE B 80 19.13 9.98 15.56
CA ILE B 80 18.93 10.72 14.32
C ILE B 80 18.33 9.81 13.24
N LEU B 81 18.78 8.57 13.18
CA LEU B 81 18.35 7.64 12.13
C LEU B 81 16.89 7.20 12.36
N ASP B 82 16.53 6.96 13.61
CA ASP B 82 15.15 6.64 13.95
C ASP B 82 14.22 7.77 13.51
N PHE B 83 14.66 9.00 13.72
CA PHE B 83 13.87 10.17 13.36
C PHE B 83 13.69 10.25 11.85
N ILE B 84 14.78 10.01 11.13
CA ILE B 84 14.75 10.04 9.67
C ILE B 84 13.90 8.91 9.12
N SER B 85 13.99 7.75 9.77
CA SER B 85 13.24 6.57 9.35
C SER B 85 11.73 6.77 9.56
N ALA B 86 11.39 7.36 10.69
CA ALA B 86 9.99 7.58 11.05
C ALA B 86 9.35 8.60 10.12
N GLN B 87 10.11 9.63 9.77
CA GLN B 87 9.56 10.76 9.03
C GLN B 87 9.41 10.43 7.54
N THR B 88 10.32 9.62 7.00
CA THR B 88 10.31 9.31 5.58
C THR B 88 9.70 7.94 5.33
N LEU B 89 9.36 7.27 6.42
CA LEU B 89 8.98 5.87 6.36
C LEU B 89 9.90 5.09 5.43
N THR B 90 11.16 5.00 5.84
CA THR B 90 12.17 4.27 5.08
C THR B 90 12.93 3.33 6.01
N PRO B 91 13.04 2.06 5.64
CA PRO B 91 13.84 1.09 6.39
C PRO B 91 15.30 1.52 6.52
N ILE B 92 15.75 1.67 7.76
CA ILE B 92 17.16 1.92 8.05
C ILE B 92 17.69 0.88 9.06
N LEU B 93 18.75 0.18 8.67
CA LEU B 93 19.45 -0.73 9.58
C LEU B 93 20.74 -0.10 10.08
N GLY B 94 20.82 0.10 11.40
CA GLY B 94 22.07 0.52 12.02
C GLY B 94 22.87 -0.67 12.53
N ILE B 95 23.93 -1.02 11.80
CA ILE B 95 24.52 -2.34 11.91
C ILE B 95 25.84 -2.30 12.68
N HIS B 96 26.35 -1.12 12.93
CA HIS B 96 27.68 -0.96 13.51
C HIS B 96 27.91 0.47 13.99
N GLY B 97 28.54 0.61 15.14
CA GLY B 97 28.95 1.91 15.63
C GLY B 97 27.87 2.57 16.47
N GLY B 98 27.92 3.90 16.55
CA GLY B 98 26.85 4.68 17.17
C GLY B 98 25.47 4.33 16.63
N SER B 99 25.42 3.88 15.38
CA SER B 99 24.17 3.54 14.73
C SER B 99 23.52 2.30 15.36
N SER B 100 24.31 1.49 16.04
CA SER B 100 23.83 0.21 16.59
C SER B 100 23.59 0.30 18.10
N MET B 101 23.94 1.44 18.69
CA MET B 101 23.81 1.64 20.13
C MET B 101 22.36 1.86 20.53
N ILE B 102 21.89 1.11 21.52
CA ILE B 102 20.46 0.87 21.68
C ILE B 102 19.71 2.18 21.65
N MET B 103 18.66 2.21 20.83
CA MET B 103 17.73 3.31 20.83
C MET B 103 16.39 2.85 21.41
N ALA B 104 16.18 3.17 22.68
CA ALA B 104 14.98 2.74 23.38
C ALA B 104 13.80 3.66 23.04
N ASP B 105 12.61 3.10 23.00
CA ASP B 105 11.44 3.84 22.54
C ASP B 105 11.72 4.48 21.16
N LYS B 106 11.87 3.64 20.15
CA LYS B 106 11.78 4.07 18.77
C LYS B 106 10.37 4.58 18.47
N ASP B 107 10.26 5.44 17.45
CA ASP B 107 8.99 6.03 17.07
C ASP B 107 8.00 4.95 16.63
N GLU B 108 6.71 5.22 16.86
CA GLU B 108 5.65 4.32 16.40
C GLU B 108 5.78 4.01 14.90
N SER B 109 6.22 5.00 14.13
CA SER B 109 6.29 4.87 12.66
C SER B 109 7.70 4.45 12.20
N SER B 110 8.60 4.27 13.15
CA SER B 110 9.99 3.91 12.82
C SER B 110 10.01 2.66 11.95
N MET B 111 10.89 2.66 10.96
CA MET B 111 11.35 1.42 10.35
C MET B 111 12.85 1.28 10.57
N PHE B 112 13.28 1.55 11.80
CA PHE B 112 14.69 1.56 12.16
C PHE B 112 15.04 0.34 13.00
N PHE B 113 15.95 -0.47 12.49
CA PHE B 113 16.33 -1.71 13.16
C PHE B 113 17.83 -1.75 13.41
N GLN B 114 18.21 -2.27 14.57
CA GLN B 114 19.58 -2.20 15.05
C GLN B 114 20.14 -3.60 15.28
N PHE B 115 21.33 -3.86 14.75
CA PHE B 115 22.12 -5.00 15.19
C PHE B 115 22.58 -4.80 16.64
N GLY B 116 22.52 -5.87 17.41
CA GLY B 116 22.89 -5.81 18.81
C GLY B 116 21.73 -6.10 19.72
N PRO B 117 22.01 -6.27 21.02
CA PRO B 117 21.04 -6.74 21.98
C PRO B 117 20.13 -5.63 22.49
N SER B 118 18.89 -5.98 22.82
CA SER B 118 18.03 -5.11 23.59
C SER B 118 18.69 -4.76 24.92
N ILE B 119 18.13 -3.76 25.59
CA ILE B 119 18.50 -3.44 26.96
C ILE B 119 18.18 -4.62 27.89
N GLU B 120 17.01 -5.19 27.72
CA GLU B 120 16.52 -6.21 28.63
C GLU B 120 17.41 -7.46 28.54
N GLN B 121 17.89 -7.74 27.34
CA GLN B 121 18.74 -8.89 27.12
C GLN B 121 20.10 -8.68 27.81
N GLN B 122 20.62 -7.46 27.75
CA GLN B 122 21.88 -7.14 28.39
C GLN B 122 21.74 -7.19 29.91
N ALA B 123 20.65 -6.62 30.43
CA ALA B 123 20.37 -6.68 31.86
C ALA B 123 20.36 -8.12 32.34
N SER B 124 19.83 -9.00 31.50
CA SER B 124 19.64 -10.38 31.88
C SER B 124 20.99 -11.13 31.86
N VAL B 125 21.84 -10.76 30.92
CA VAL B 125 23.19 -11.31 30.86
C VAL B 125 24.02 -10.86 32.07
N MET B 126 23.77 -9.65 32.53
CA MET B 126 24.54 -9.08 33.61
C MET B 126 24.22 -9.78 34.93
N LEU B 127 22.98 -10.22 35.06
CA LEU B 127 22.54 -10.94 36.26
C LEU B 127 23.03 -12.40 36.24
N ASN B 128 23.09 -12.98 35.04
CA ASN B 128 23.69 -14.30 34.87
C ASN B 128 25.17 -14.30 35.27
N ILE B 129 25.92 -13.32 34.77
CA ILE B 129 27.30 -13.14 35.17
C ILE B 129 27.42 -13.09 36.69
N MET B 130 26.56 -12.30 37.33
CA MET B 130 26.64 -12.12 38.78
C MET B 130 26.29 -13.43 39.51
N GLU B 131 25.38 -14.20 38.93
CA GLU B 131 25.00 -15.48 39.49
C GLU B 131 26.16 -16.47 39.42
N GLU B 132 26.85 -16.48 38.28
CA GLU B 132 27.99 -17.37 38.08
C GLU B 132 28.99 -17.24 39.23
N TYR B 133 29.24 -16.01 39.65
CA TYR B 133 30.27 -15.73 40.63
C TYR B 133 29.65 -15.43 42.00
N ASP B 134 28.37 -15.74 42.13
CA ASP B 134 27.66 -15.57 43.41
C ASP B 134 27.85 -14.16 43.95
N TRP B 135 27.76 -13.17 43.06
CA TRP B 135 27.63 -11.78 43.46
C TRP B 135 26.16 -11.36 43.55
N TYR B 136 25.64 -11.30 44.76
CA TYR B 136 24.20 -11.25 44.96
C TYR B 136 23.77 -9.89 45.51
N ILE B 137 24.72 -9.21 46.15
CA ILE B 137 24.51 -7.86 46.62
C ILE B 137 25.08 -6.86 45.63
N PHE B 138 24.25 -5.90 45.20
CA PHE B 138 24.65 -4.94 44.16
C PHE B 138 23.82 -3.67 44.23
N SER B 139 24.27 -2.64 43.51
CA SER B 139 23.49 -1.41 43.33
C SER B 139 23.49 -0.97 41.87
N ILE B 140 22.58 -0.06 41.51
CA ILE B 140 22.47 0.42 40.14
C ILE B 140 22.72 1.93 40.06
N VAL B 141 23.48 2.33 39.05
CA VAL B 141 23.59 3.73 38.68
C VAL B 141 23.21 3.92 37.22
N THR B 142 22.28 4.84 36.97
CA THR B 142 21.98 5.27 35.62
C THR B 142 21.93 6.77 35.52
N THR B 143 22.07 7.27 34.30
CA THR B 143 21.64 8.61 33.98
C THR B 143 20.21 8.60 33.47
N TYR B 144 19.80 9.70 32.83
CA TYR B 144 18.48 9.79 32.23
C TYR B 144 18.49 9.33 30.78
N PHE B 145 19.61 8.79 30.32
CA PHE B 145 19.70 8.28 28.97
C PHE B 145 18.59 7.26 28.71
N PRO B 146 17.88 7.42 27.60
CA PRO B 146 16.67 6.65 27.35
C PRO B 146 16.94 5.15 27.31
N GLY B 147 16.11 4.40 28.03
CA GLY B 147 16.40 3.00 28.31
C GLY B 147 16.61 2.75 29.79
N TYR B 148 16.95 3.81 30.53
CA TYR B 148 17.38 3.65 31.91
C TYR B 148 16.28 3.01 32.74
N GLN B 149 15.04 3.26 32.37
CA GLN B 149 13.91 2.72 33.11
C GLN B 149 13.70 1.25 32.78
N ASP B 150 13.78 0.91 31.50
CA ASP B 150 13.70 -0.48 31.06
C ASP B 150 14.77 -1.31 31.75
N PHE B 151 15.96 -0.72 31.89
CA PHE B 151 17.06 -1.38 32.55
C PHE B 151 16.70 -1.71 34.00
N VAL B 152 16.36 -0.69 34.78
CA VAL B 152 16.04 -0.86 36.18
C VAL B 152 14.83 -1.80 36.36
N ASN B 153 13.82 -1.63 35.51
CA ASN B 153 12.62 -2.46 35.60
C ASN B 153 12.94 -3.94 35.37
N LYS B 154 13.73 -4.21 34.34
CA LYS B 154 14.07 -5.58 33.98
C LYS B 154 14.84 -6.27 35.10
N ILE B 155 15.82 -5.57 35.66
CA ILE B 155 16.53 -6.06 36.83
C ILE B 155 15.55 -6.37 37.95
N ARG B 156 14.74 -5.38 38.31
CA ARG B 156 13.89 -5.48 39.50
C ARG B 156 12.95 -6.66 39.38
N SER B 157 12.46 -6.91 38.18
CA SER B 157 11.42 -7.90 37.97
C SER B 157 12.01 -9.30 37.84
N THR B 158 13.27 -9.37 37.39
CA THR B 158 13.99 -10.64 37.36
C THR B 158 14.28 -11.13 38.78
N ILE B 159 14.73 -10.23 39.64
CA ILE B 159 15.23 -10.62 40.95
C ILE B 159 14.10 -10.79 41.97
N GLU B 160 12.99 -10.12 41.74
CA GLU B 160 11.84 -10.22 42.64
C GLU B 160 11.01 -11.47 42.35
N ASN B 161 11.29 -12.11 41.21
CA ASN B 161 10.69 -13.41 40.89
C ASN B 161 11.75 -14.52 40.91
N SER B 162 12.55 -14.55 41.98
CA SER B 162 13.74 -15.42 42.02
C SER B 162 14.01 -15.89 43.44
N PHE B 163 14.18 -17.20 43.59
CA PHE B 163 14.50 -17.80 44.89
C PHE B 163 15.89 -17.38 45.37
N VAL B 164 16.71 -16.95 44.42
CA VAL B 164 18.06 -16.47 44.74
C VAL B 164 17.97 -15.23 45.62
N GLY B 165 18.91 -15.11 46.56
CA GLY B 165 18.87 -14.05 47.56
C GLY B 165 19.53 -12.78 47.07
N TRP B 166 18.99 -12.22 45.98
CA TRP B 166 19.43 -10.92 45.49
C TRP B 166 19.21 -9.85 46.55
N GLU B 167 20.11 -8.87 46.59
CA GLU B 167 19.93 -7.69 47.42
C GLU B 167 20.28 -6.43 46.66
N LEU B 168 19.27 -5.82 46.05
CA LEU B 168 19.43 -4.52 45.40
C LEU B 168 19.38 -3.40 46.43
N GLU B 169 20.54 -2.82 46.73
CA GLU B 169 20.71 -1.99 47.92
C GLU B 169 20.33 -0.55 47.63
N GLU B 170 20.61 -0.12 46.41
CA GLU B 170 20.56 1.29 46.06
C GLU B 170 20.40 1.43 44.55
N VAL B 171 19.54 2.36 44.16
CA VAL B 171 19.42 2.76 42.77
C VAL B 171 19.62 4.26 42.64
N LEU B 172 20.74 4.66 42.04
CA LEU B 172 21.02 6.07 41.83
C LEU B 172 20.59 6.53 40.43
N LEU B 173 20.05 7.75 40.36
CA LEU B 173 19.67 8.37 39.10
C LEU B 173 20.38 9.71 38.95
N LEU B 174 21.37 9.75 38.07
CA LEU B 174 22.24 10.91 37.96
C LEU B 174 21.77 11.84 36.86
N ASP B 175 21.63 13.12 37.18
CA ASP B 175 21.19 14.13 36.22
C ASP B 175 22.40 14.87 35.64
N MET B 176 22.82 14.45 34.46
CA MET B 176 23.95 15.07 33.82
C MET B 176 23.51 15.97 32.68
N SER B 177 22.28 16.47 32.78
CA SER B 177 21.82 17.59 31.96
C SER B 177 22.14 18.93 32.63
N LEU B 178 22.53 18.86 33.89
CA LEU B 178 23.01 20.04 34.62
C LEU B 178 24.51 19.93 34.89
N ASP B 179 25.17 21.06 35.06
CA ASP B 179 26.58 21.07 35.45
C ASP B 179 26.76 20.47 36.85
N ASP B 180 27.99 20.08 37.16
CA ASP B 180 28.28 19.41 38.42
C ASP B 180 29.18 20.28 39.29
N GLY B 181 28.80 21.54 39.46
CA GLY B 181 29.63 22.49 40.19
C GLY B 181 29.36 22.47 41.68
N ASP B 182 28.25 21.85 42.07
CA ASP B 182 27.92 21.68 43.49
C ASP B 182 28.23 20.26 43.95
N SER B 183 28.91 19.50 43.09
CA SER B 183 29.46 18.22 43.48
C SER B 183 28.34 17.25 43.89
N LYS B 184 27.22 17.32 43.19
CA LYS B 184 26.04 16.55 43.56
C LYS B 184 26.21 15.08 43.17
N ILE B 185 26.94 14.84 42.09
CA ILE B 185 27.17 13.49 41.61
C ILE B 185 28.17 12.77 42.51
N GLN B 186 29.13 13.52 43.04
CA GLN B 186 29.98 13.04 44.14
C GLN B 186 29.14 12.61 45.34
N ASN B 187 28.24 13.49 45.75
CA ASN B 187 27.42 13.26 46.94
C ASN B 187 26.58 11.99 46.78
N GLN B 188 26.07 11.79 45.57
CA GLN B 188 25.18 10.67 45.31
C GLN B 188 25.96 9.35 45.29
N LEU B 189 27.15 9.38 44.67
CA LEU B 189 27.98 8.17 44.54
C LEU B 189 28.52 7.74 45.91
N LYS B 190 28.75 8.72 46.79
CA LYS B 190 29.25 8.44 48.14
C LYS B 190 28.37 7.44 48.86
N LYS B 191 27.11 7.37 48.44
CA LYS B 191 26.11 6.58 49.16
C LYS B 191 26.29 5.08 48.87
N LEU B 192 27.11 4.78 47.87
CA LEU B 192 27.21 3.42 47.35
C LEU B 192 28.07 2.55 48.27
N GLN B 193 27.55 1.38 48.64
CA GLN B 193 28.26 0.47 49.52
C GLN B 193 28.52 -0.86 48.83
N SER B 194 27.66 -1.19 47.87
CA SER B 194 27.61 -2.53 47.30
C SER B 194 28.92 -2.87 46.60
N PRO B 195 29.27 -4.16 46.55
CA PRO B 195 30.52 -4.58 45.90
C PRO B 195 30.36 -4.72 44.39
N ILE B 196 29.13 -4.90 43.93
CA ILE B 196 28.83 -4.89 42.50
C ILE B 196 27.98 -3.69 42.11
N ILE B 197 28.37 -3.03 41.04
CA ILE B 197 27.63 -1.86 40.56
C ILE B 197 27.32 -1.99 39.08
N LEU B 198 26.04 -1.96 38.75
CA LEU B 198 25.60 -1.92 37.37
C LEU B 198 25.38 -0.48 36.91
N LEU B 199 25.99 -0.12 35.79
CA LEU B 199 25.95 1.24 35.31
C LEU B 199 25.34 1.31 33.91
N TYR B 200 24.21 1.99 33.80
CA TYR B 200 23.59 2.28 32.49
C TYR B 200 23.73 3.76 32.16
N CYS B 201 24.54 4.06 31.16
CA CYS B 201 24.67 5.41 30.66
C CYS B 201 25.42 5.40 29.33
N THR B 202 25.76 6.58 28.82
CA THR B 202 26.55 6.66 27.60
C THR B 202 28.05 6.59 27.93
N LYS B 203 28.85 6.29 26.91
CA LYS B 203 30.27 6.19 27.08
C LYS B 203 30.87 7.48 27.65
N GLU B 204 30.43 8.63 27.15
CA GLU B 204 30.95 9.92 27.58
C GLU B 204 30.49 10.22 29.00
N GLU B 205 29.26 9.84 29.30
CA GLU B 205 28.73 9.97 30.65
C GLU B 205 29.50 9.07 31.62
N ALA B 206 29.90 7.89 31.15
CA ALA B 206 30.57 6.91 32.00
C ALA B 206 31.96 7.40 32.39
N THR B 207 32.62 8.12 31.50
CA THR B 207 33.99 8.53 31.75
C THR B 207 34.06 9.63 32.81
N TYR B 208 33.02 10.47 32.85
CA TYR B 208 32.88 11.47 33.93
C TYR B 208 32.54 10.79 35.25
N ILE B 209 31.60 9.85 35.18
CA ILE B 209 31.11 9.19 36.37
C ILE B 209 32.22 8.34 37.02
N PHE B 210 33.03 7.70 36.18
CA PHE B 210 34.17 6.93 36.65
C PHE B 210 35.22 7.84 37.27
N GLU B 211 35.42 9.01 36.66
CA GLU B 211 36.37 9.99 37.17
C GLU B 211 36.00 10.40 38.60
N VAL B 212 34.71 10.57 38.83
CA VAL B 212 34.23 10.99 40.15
C VAL B 212 34.27 9.82 41.13
N ALA B 213 33.85 8.65 40.67
CA ALA B 213 33.84 7.45 41.51
C ALA B 213 35.26 7.11 41.99
N ASN B 214 36.23 7.26 41.10
CA ASN B 214 37.62 7.07 41.46
C ASN B 214 38.02 8.00 42.62
N SER B 215 37.58 9.25 42.54
CA SER B 215 38.00 10.26 43.51
C SER B 215 37.46 9.95 44.91
N VAL B 216 36.42 9.13 44.98
CA VAL B 216 35.81 8.77 46.27
C VAL B 216 35.91 7.27 46.52
N GLY B 217 36.73 6.60 45.72
CA GLY B 217 37.36 5.34 46.16
C GLY B 217 36.50 4.13 45.84
N LEU B 218 35.85 4.15 44.69
CA LEU B 218 34.81 3.17 44.39
C LEU B 218 35.18 2.30 43.17
N THR B 219 36.40 2.47 42.67
CA THR B 219 36.81 1.82 41.42
C THR B 219 37.88 0.76 41.67
N GLY B 220 38.41 0.72 42.88
CA GLY B 220 39.50 -0.19 43.23
C GLY B 220 39.00 -1.60 43.50
N TYR B 221 39.78 -2.36 44.28
CA TYR B 221 39.40 -3.73 44.65
C TYR B 221 38.18 -3.71 45.54
N GLY B 222 37.36 -4.75 45.43
CA GLY B 222 36.13 -4.83 46.20
C GLY B 222 35.04 -3.93 45.66
N TYR B 223 35.28 -3.35 44.50
CA TYR B 223 34.22 -2.82 43.67
C TYR B 223 34.39 -3.29 42.23
N THR B 224 33.34 -3.90 41.71
CA THR B 224 33.33 -4.35 40.33
C THR B 224 32.18 -3.72 39.55
N TRP B 225 32.52 -2.90 38.57
CA TRP B 225 31.53 -2.21 37.76
C TRP B 225 31.21 -3.01 36.50
N ILE B 226 29.93 -3.14 36.20
CA ILE B 226 29.49 -3.84 35.00
C ILE B 226 28.61 -2.93 34.12
N VAL B 227 28.86 -2.93 32.81
CA VAL B 227 28.26 -1.96 31.91
C VAL B 227 27.84 -2.62 30.60
N PRO B 228 26.90 -1.99 29.88
CA PRO B 228 26.41 -2.55 28.62
C PRO B 228 27.29 -2.15 27.43
N SER B 229 26.87 -2.59 26.25
CA SER B 229 27.66 -2.45 25.04
C SER B 229 28.08 -1.00 24.80
N LEU B 230 27.14 -0.09 24.98
CA LEU B 230 27.29 1.26 24.47
C LEU B 230 28.28 2.05 25.32
N VAL B 231 28.61 1.49 26.48
CA VAL B 231 29.60 2.12 27.35
C VAL B 231 31.03 1.75 26.95
N ALA B 232 31.26 0.46 26.76
CA ALA B 232 32.49 0.00 26.11
C ALA B 232 32.62 0.61 24.73
N GLY B 233 31.53 0.55 23.97
CA GLY B 233 31.53 1.06 22.62
C GLY B 233 32.60 0.44 21.76
N ASP B 234 33.25 1.28 20.95
CA ASP B 234 34.43 0.88 20.19
C ASP B 234 35.57 0.51 21.13
N THR B 235 35.93 -0.78 21.16
CA THR B 235 36.80 -1.31 22.22
C THR B 235 38.28 -1.03 21.93
N ASP B 236 38.55 -0.37 20.80
CA ASP B 236 39.88 0.15 20.50
C ASP B 236 40.07 1.56 21.05
N THR B 237 38.99 2.18 21.50
CA THR B 237 39.07 3.48 22.15
C THR B 237 38.68 3.38 23.62
N VAL B 238 39.67 3.54 24.49
CA VAL B 238 39.50 3.28 25.91
C VAL B 238 39.87 4.51 26.72
N PRO B 239 38.85 5.28 27.14
CA PRO B 239 39.12 6.43 28.01
C PRO B 239 39.98 6.04 29.20
N SER B 240 40.83 6.96 29.64
CA SER B 240 41.80 6.66 30.70
C SER B 240 41.11 6.62 32.06
N GLU B 241 39.86 7.04 32.09
CA GLU B 241 39.10 7.09 33.34
C GLU B 241 38.48 5.73 33.63
N PHE B 242 38.26 4.94 32.59
CA PHE B 242 37.77 3.58 32.75
C PHE B 242 38.72 2.79 33.65
N PRO B 243 38.18 2.19 34.72
CA PRO B 243 38.98 1.47 35.68
C PRO B 243 39.23 0.03 35.26
N THR B 244 40.47 -0.44 35.42
CA THR B 244 40.78 -1.84 35.19
C THR B 244 39.91 -2.72 36.08
N GLY B 245 39.32 -3.74 35.49
CA GLY B 245 38.35 -4.58 36.19
C GLY B 245 36.95 -4.37 35.69
N LEU B 246 36.74 -3.31 34.92
CA LEU B 246 35.44 -3.05 34.31
C LEU B 246 35.02 -4.23 33.44
N ILE B 247 33.83 -4.74 33.70
CA ILE B 247 33.25 -5.77 32.85
C ILE B 247 32.13 -5.19 31.98
N SER B 248 32.09 -5.61 30.72
CA SER B 248 31.08 -5.12 29.79
C SER B 248 30.57 -6.25 28.91
N VAL B 249 29.29 -6.18 28.57
CA VAL B 249 28.74 -6.97 27.49
C VAL B 249 28.90 -6.25 26.17
N SER B 250 29.33 -6.97 25.14
CA SER B 250 29.79 -6.34 23.92
C SER B 250 29.21 -7.03 22.69
N TYR B 251 28.82 -6.23 21.70
CA TYR B 251 28.58 -6.73 20.37
C TYR B 251 29.37 -5.91 19.34
N ASP B 252 30.56 -5.47 19.74
CA ASP B 252 31.40 -4.63 18.89
C ASP B 252 32.30 -5.49 18.01
N GLU B 253 31.98 -5.56 16.72
CA GLU B 253 32.80 -6.30 15.75
C GLU B 253 33.80 -7.25 16.44
N TRP B 254 33.29 -8.40 16.87
CA TRP B 254 34.15 -9.48 17.35
C TRP B 254 34.20 -10.60 16.33
N ASP B 255 33.16 -11.42 16.32
CA ASP B 255 33.07 -12.58 15.43
C ASP B 255 32.19 -12.26 14.23
N TYR B 256 31.51 -11.12 14.29
CA TYR B 256 30.52 -10.75 13.28
C TYR B 256 30.98 -9.50 12.51
N GLY B 257 31.82 -9.71 11.50
CA GLY B 257 32.58 -8.63 10.89
C GLY B 257 31.71 -7.68 10.09
N LEU B 258 32.19 -6.46 9.88
CA LEU B 258 31.43 -5.44 9.17
C LEU B 258 31.02 -5.94 7.77
N PRO B 259 31.95 -6.58 7.05
CA PRO B 259 31.63 -7.13 5.72
C PRO B 259 30.41 -8.06 5.76
N ALA B 260 30.36 -8.91 6.77
CA ALA B 260 29.27 -9.86 6.90
C ALA B 260 27.98 -9.16 7.30
N ARG B 261 28.12 -8.12 8.11
CA ARG B 261 26.98 -7.36 8.59
C ARG B 261 26.30 -6.62 7.43
N VAL B 262 27.10 -5.99 6.57
CA VAL B 262 26.58 -5.30 5.41
C VAL B 262 25.88 -6.25 4.48
N ARG B 263 26.42 -7.46 4.35
CA ARG B 263 25.82 -8.50 3.53
C ARG B 263 24.44 -8.88 4.07
N ASP B 264 24.35 -9.06 5.39
CA ASP B 264 23.11 -9.47 6.01
C ASP B 264 22.08 -8.33 5.99
N GLY B 265 22.56 -7.10 6.14
CA GLY B 265 21.71 -5.93 6.00
C GLY B 265 21.06 -5.85 4.63
N ILE B 266 21.85 -6.10 3.60
CA ILE B 266 21.33 -6.06 2.23
C ILE B 266 20.34 -7.18 2.01
N ALA B 267 20.57 -8.32 2.65
CA ALA B 267 19.72 -9.49 2.48
C ALA B 267 18.37 -9.27 3.17
N ILE B 268 18.40 -8.68 4.36
CA ILE B 268 17.19 -8.44 5.13
C ILE B 268 16.23 -7.55 4.36
N ILE B 269 16.76 -6.47 3.79
CA ILE B 269 15.94 -5.50 3.09
C ILE B 269 15.44 -6.08 1.77
N THR B 270 16.31 -6.81 1.09
CA THR B 270 15.97 -7.40 -0.20
C THR B 270 14.91 -8.50 -0.03
N THR B 271 15.07 -9.30 1.01
CA THR B 271 14.16 -10.40 1.28
C THR B 271 12.79 -9.88 1.70
N ALA B 272 12.78 -8.89 2.60
CA ALA B 272 11.54 -8.29 3.05
C ALA B 272 10.71 -7.79 1.87
N ALA B 273 11.37 -7.12 0.93
CA ALA B 273 10.68 -6.53 -0.22
C ALA B 273 10.21 -7.63 -1.18
N SER B 274 10.97 -8.72 -1.26
CA SER B 274 10.58 -9.87 -2.06
C SER B 274 9.33 -10.54 -1.49
N ASP B 275 9.30 -10.69 -0.16
CA ASP B 275 8.20 -11.37 0.52
C ASP B 275 6.91 -10.58 0.38
N MET B 276 7.02 -9.26 0.46
CA MET B 276 5.86 -8.40 0.36
C MET B 276 5.31 -8.41 -1.07
N LEU B 277 6.20 -8.24 -2.04
CA LEU B 277 5.81 -8.23 -3.44
C LEU B 277 5.17 -9.56 -3.83
N SER B 278 5.54 -10.61 -3.11
CA SER B 278 4.98 -11.94 -3.35
C SER B 278 3.55 -12.03 -2.84
N GLU B 279 3.30 -11.41 -1.69
CA GLU B 279 2.03 -11.58 -1.00
C GLU B 279 1.01 -10.52 -1.43
N HIS B 280 1.49 -9.40 -1.96
CA HIS B 280 0.65 -8.22 -2.12
C HIS B 280 0.81 -7.61 -3.52
N SER B 281 1.80 -8.10 -4.27
CA SER B 281 1.98 -7.67 -5.66
C SER B 281 2.29 -6.18 -5.74
N PHE B 282 2.82 -5.64 -4.65
CA PHE B 282 3.50 -4.35 -4.69
C PHE B 282 4.48 -4.22 -3.53
N ILE B 283 5.46 -3.35 -3.69
CA ILE B 283 6.18 -2.79 -2.56
C ILE B 283 5.98 -1.27 -2.51
N PRO B 284 6.28 -0.67 -1.35
CA PRO B 284 6.18 0.78 -1.17
C PRO B 284 7.11 1.54 -2.12
N GLU B 285 6.62 2.63 -2.68
CA GLU B 285 7.40 3.44 -3.59
C GLU B 285 8.47 4.23 -2.82
N PRO B 286 9.73 4.05 -3.19
CA PRO B 286 10.81 4.87 -2.63
C PRO B 286 10.44 6.36 -2.62
N LYS B 287 10.50 6.95 -1.43
CA LYS B 287 10.18 8.36 -1.25
C LYS B 287 11.02 9.24 -2.16
N SER B 288 10.35 10.04 -2.99
CA SER B 288 11.04 10.94 -3.91
C SER B 288 11.73 12.07 -3.14
N SER B 289 11.16 12.42 -1.99
CA SER B 289 11.60 13.58 -1.26
C SER B 289 11.23 13.48 0.21
N CYS B 290 12.13 13.92 1.07
CA CYS B 290 11.84 14.07 2.49
C CYS B 290 11.41 15.53 2.78
N TYR B 291 11.41 16.36 1.74
CA TYR B 291 11.05 17.76 1.90
C TYR B 291 9.58 18.00 1.54
N ASN B 292 8.80 16.92 1.50
CA ASN B 292 7.34 17.03 1.37
C ASN B 292 6.65 15.79 1.94
N THR B 293 7.16 15.32 3.07
CA THR B 293 6.62 14.14 3.73
C THR B 293 5.23 14.43 4.30
N HIS B 294 4.94 15.71 4.50
CA HIS B 294 3.68 16.13 5.10
C HIS B 294 2.50 15.88 4.13
N GLU B 295 2.72 16.16 2.85
CA GLU B 295 1.70 15.96 1.83
C GLU B 295 1.45 14.47 1.59
N LYS B 296 2.52 13.69 1.57
CA LYS B 296 2.51 12.38 0.93
C LYS B 296 2.46 11.26 1.97
N ARG B 297 1.95 11.58 3.16
CA ARG B 297 2.02 10.66 4.30
C ARG B 297 0.81 9.73 4.32
N ILE B 298 -0.33 10.24 3.85
CA ILE B 298 -1.52 9.45 3.69
C ILE B 298 -1.34 8.38 2.60
N TYR B 299 -0.19 8.42 1.93
CA TYR B 299 0.11 7.48 0.86
C TYR B 299 1.23 6.53 1.25
N GLN B 300 1.69 6.64 2.48
CA GLN B 300 2.83 5.86 2.96
C GLN B 300 2.47 5.11 4.22
N SER B 301 3.28 4.13 4.58
CA SER B 301 3.06 3.34 5.78
C SER B 301 4.33 2.56 6.13
N ASN B 302 4.31 1.93 7.30
CA ASN B 302 5.39 1.04 7.69
C ASN B 302 4.95 -0.40 7.54
N MET B 303 4.25 -0.69 6.45
CA MET B 303 3.80 -2.04 6.15
C MET B 303 4.98 -3.00 6.05
N LEU B 304 6.10 -2.50 5.53
CA LEU B 304 7.22 -3.33 5.20
C LEU B 304 7.90 -3.88 6.47
N ASN B 305 7.54 -3.31 7.62
CA ASN B 305 8.15 -3.69 8.89
C ASN B 305 7.88 -5.15 9.21
N ARG B 306 6.67 -5.61 8.94
CA ARG B 306 6.24 -6.94 9.37
C ARG B 306 7.01 -8.01 8.62
N TYR B 307 7.60 -7.62 7.51
CA TYR B 307 8.46 -8.50 6.75
C TYR B 307 9.92 -8.33 7.14
N LEU B 308 10.28 -7.10 7.50
CA LEU B 308 11.67 -6.77 7.79
C LEU B 308 12.17 -7.55 9.00
N ILE B 309 11.25 -7.97 9.85
CA ILE B 309 11.62 -8.51 11.16
C ILE B 309 11.63 -10.04 11.16
N ASN B 310 11.24 -10.65 10.05
CA ASN B 310 11.08 -12.10 9.98
C ASN B 310 11.84 -12.69 8.78
N VAL B 311 13.09 -12.30 8.63
CA VAL B 311 13.91 -12.76 7.51
C VAL B 311 14.92 -13.81 7.97
N THR B 312 15.08 -14.85 7.17
CA THR B 312 16.27 -15.70 7.23
C THR B 312 16.97 -15.77 5.87
N PHE B 313 18.30 -15.76 5.89
CA PHE B 313 19.07 -15.59 4.68
C PHE B 313 19.70 -16.91 4.24
N GLU B 314 20.99 -17.07 4.56
CA GLU B 314 21.73 -18.27 4.12
C GLU B 314 21.57 -19.39 5.13
N GLY B 315 20.31 -19.72 5.46
CA GLY B 315 20.02 -20.65 6.53
C GLY B 315 20.33 -20.06 7.91
N ARG B 316 20.16 -18.76 8.04
CA ARG B 316 20.37 -18.08 9.32
C ARG B 316 19.19 -17.19 9.69
N ASP B 317 18.74 -17.30 10.95
CA ASP B 317 17.63 -16.49 11.43
C ASP B 317 18.12 -15.10 11.82
N LEU B 318 17.72 -14.10 11.04
CA LEU B 318 18.16 -12.73 11.26
C LEU B 318 17.03 -11.89 11.84
N SER B 319 16.14 -12.53 12.58
CA SER B 319 14.93 -11.88 13.08
C SER B 319 15.28 -10.64 13.89
N PHE B 320 14.44 -9.62 13.78
CA PHE B 320 14.40 -8.56 14.77
C PHE B 320 13.14 -8.70 15.62
N SER B 321 13.20 -8.18 16.84
CA SER B 321 11.99 -7.84 17.57
C SER B 321 11.25 -6.67 16.91
N GLU B 322 9.96 -6.56 17.21
CA GLU B 322 9.18 -5.39 16.79
C GLU B 322 9.75 -4.10 17.36
N ASP B 323 10.49 -4.23 18.47
CA ASP B 323 11.04 -3.07 19.17
C ASP B 323 12.37 -2.61 18.53
N GLY B 324 12.90 -3.42 17.62
CA GLY B 324 13.86 -2.95 16.63
C GLY B 324 15.30 -3.36 16.94
N TYR B 325 15.46 -4.49 17.61
CA TYR B 325 16.79 -5.00 17.92
C TYR B 325 16.93 -6.47 17.51
N GLN B 326 18.17 -6.92 17.38
CA GLN B 326 18.45 -8.30 16.99
C GLN B 326 17.89 -9.29 18.02
N MET B 327 17.38 -10.41 17.53
CA MET B 327 16.55 -11.29 18.34
C MET B 327 17.41 -12.09 19.32
N HIS B 328 18.32 -12.89 18.79
CA HIS B 328 19.27 -13.62 19.61
CA HIS B 328 19.27 -13.61 19.62
C HIS B 328 20.67 -13.50 19.04
N PRO B 329 21.33 -12.37 19.31
CA PRO B 329 22.73 -12.19 18.97
C PRO B 329 23.64 -12.93 19.93
N LYS B 330 24.75 -13.47 19.40
CA LYS B 330 25.81 -14.04 20.24
C LYS B 330 26.67 -12.92 20.84
N LEU B 331 26.56 -12.75 22.16
CA LEU B 331 27.21 -11.64 22.85
C LEU B 331 28.56 -12.06 23.40
N VAL B 332 29.48 -11.10 23.48
CA VAL B 332 30.82 -11.37 23.98
C VAL B 332 31.08 -10.59 25.26
N ILE B 333 31.34 -11.31 26.35
CA ILE B 333 31.67 -10.66 27.62
C ILE B 333 33.14 -10.30 27.67
N ILE B 334 33.43 -9.06 28.03
CA ILE B 334 34.78 -8.53 27.92
C ILE B 334 35.21 -7.84 29.19
N LEU B 335 36.52 -7.78 29.40
CA LEU B 335 37.08 -7.25 30.63
C LEU B 335 38.23 -6.31 30.32
N LEU B 336 38.29 -5.19 31.04
CA LEU B 336 39.36 -4.23 30.86
C LEU B 336 40.52 -4.54 31.79
N ASN B 337 41.58 -5.12 31.25
CA ASN B 337 42.57 -5.82 32.07
C ASN B 337 43.72 -4.89 32.42
N LYS B 338 44.77 -5.45 33.02
CA LYS B 338 45.82 -4.66 33.68
C LYS B 338 46.56 -3.79 32.66
N GLU B 339 46.39 -4.12 31.37
CA GLU B 339 47.12 -3.44 30.32
C GLU B 339 46.25 -2.40 29.65
N ARG B 340 45.04 -2.20 30.20
CA ARG B 340 44.06 -1.29 29.61
C ARG B 340 43.66 -1.74 28.21
N LYS B 341 43.65 -3.04 28.00
CA LYS B 341 43.04 -3.61 26.80
C LYS B 341 41.79 -4.39 27.16
N TRP B 342 40.80 -4.33 26.28
CA TRP B 342 39.61 -5.14 26.44
C TRP B 342 39.88 -6.59 26.03
N GLU B 343 39.49 -7.50 26.91
CA GLU B 343 39.84 -8.89 26.78
C GLU B 343 38.58 -9.76 26.85
N ARG B 344 38.41 -10.61 25.84
CA ARG B 344 37.37 -11.66 25.86
C ARG B 344 37.48 -12.50 27.14
N VAL B 345 36.35 -12.66 27.81
CA VAL B 345 36.31 -13.47 29.03
C VAL B 345 35.02 -14.28 29.14
N GLY B 346 34.26 -14.35 28.05
CA GLY B 346 33.01 -15.12 28.04
C GLY B 346 32.26 -15.01 26.73
N LYS B 347 31.33 -15.95 26.51
CA LYS B 347 30.33 -15.82 25.47
C LYS B 347 28.93 -16.05 26.04
N TRP B 348 27.96 -15.28 25.54
CA TRP B 348 26.56 -15.60 25.74
C TRP B 348 25.93 -16.09 24.44
N LYS B 349 25.47 -17.34 24.45
CA LYS B 349 25.19 -18.07 23.21
C LYS B 349 24.21 -19.21 23.48
N ASP B 350 23.27 -19.41 22.57
CA ASP B 350 22.11 -20.27 22.85
C ASP B 350 21.59 -20.01 24.26
N LYS B 351 21.50 -18.73 24.64
CA LYS B 351 20.87 -18.34 25.90
C LYS B 351 21.54 -19.02 27.09
N SER B 352 22.78 -19.48 26.89
CA SER B 352 23.61 -19.97 27.98
C SER B 352 24.85 -19.09 28.14
N LEU B 353 25.33 -18.98 29.37
CA LEU B 353 26.56 -18.25 29.64
C LEU B 353 27.75 -19.21 29.71
N GLN B 354 28.86 -18.81 29.09
CA GLN B 354 30.11 -19.56 29.21
C GLN B 354 31.28 -18.62 29.49
N MET B 355 31.79 -18.69 30.72
CA MET B 355 32.83 -17.76 31.17
C MET B 355 34.20 -18.41 31.12
N LYS B 356 35.23 -17.59 30.93
CA LYS B 356 36.59 -18.09 30.83
C LYS B 356 37.14 -18.41 32.22
N TYR B 357 36.95 -17.49 33.15
CA TYR B 357 37.49 -17.62 34.49
C TYR B 357 36.46 -18.27 35.42
N TYR B 358 36.94 -19.16 36.29
CA TYR B 358 36.17 -19.56 37.46
C TYR B 358 36.39 -18.56 38.59
N VAL B 359 37.60 -18.03 38.65
CA VAL B 359 37.92 -16.98 39.61
C VAL B 359 38.61 -15.82 38.90
N TRP B 360 38.17 -14.60 39.19
CA TRP B 360 38.70 -13.42 38.49
C TRP B 360 40.14 -13.19 38.87
N PRO B 361 41.00 -13.05 37.86
CA PRO B 361 42.39 -12.72 38.07
C PRO B 361 42.56 -11.26 38.49
N ARG B 362 43.73 -10.93 39.02
CA ARG B 362 43.94 -9.65 39.66
C ARG B 362 43.81 -8.51 38.66
N MET B 363 43.36 -7.36 39.15
CA MET B 363 43.24 -6.18 38.31
C MET B 363 44.29 -5.14 38.72
N ASP C 1 -5.97 8.37 -60.10
CA ASP C 1 -7.16 7.72 -60.70
C ASP C 1 -7.67 6.57 -59.83
N PRO C 2 -6.77 5.99 -59.00
CA PRO C 2 -7.14 4.85 -58.18
C PRO C 2 -7.52 5.25 -56.77
N LYS C 3 -8.51 4.56 -56.21
CA LYS C 3 -8.87 4.71 -54.81
C LYS C 3 -7.76 4.17 -53.92
N ILE C 4 -7.30 4.98 -52.98
CA ILE C 4 -6.24 4.57 -52.07
C ILE C 4 -6.82 3.86 -50.85
N VAL C 5 -6.34 2.65 -50.61
CA VAL C 5 -6.83 1.83 -49.51
C VAL C 5 -5.68 1.49 -48.56
N ASN C 6 -5.73 2.05 -47.36
CA ASN C 6 -4.63 1.93 -46.41
C ASN C 6 -4.67 0.58 -45.68
N ILE C 7 -3.53 -0.09 -45.60
CA ILE C 7 -3.32 -1.17 -44.65
C ILE C 7 -2.52 -0.67 -43.46
N GLY C 8 -2.88 -1.16 -42.26
CA GLY C 8 -2.18 -0.78 -41.04
C GLY C 8 -1.27 -1.91 -40.53
N ALA C 9 -0.28 -1.54 -39.71
CA ALA C 9 0.55 -2.52 -39.04
C ALA C 9 1.14 -1.96 -37.75
N VAL C 10 1.18 -2.82 -36.73
CA VAL C 10 1.93 -2.54 -35.53
C VAL C 10 3.02 -3.55 -35.35
N LEU C 11 4.27 -3.11 -35.47
CA LEU C 11 5.40 -4.01 -35.69
C LEU C 11 6.52 -3.72 -34.71
N SER C 12 7.53 -4.59 -34.68
CA SER C 12 8.47 -4.63 -33.58
C SER C 12 9.52 -3.53 -33.70
N THR C 13 10.02 -3.35 -34.92
CA THR C 13 11.10 -2.40 -35.16
C THR C 13 10.87 -1.65 -36.45
N LYS C 14 11.68 -0.63 -36.67
CA LYS C 14 11.60 0.17 -37.88
C LYS C 14 11.99 -0.64 -39.09
N LYS C 15 12.91 -1.57 -38.89
CA LYS C 15 13.29 -2.48 -39.96
C LYS C 15 12.08 -3.27 -40.46
N HIS C 16 11.18 -3.62 -39.55
CA HIS C 16 10.03 -4.43 -39.90
C HIS C 16 8.95 -3.59 -40.56
N GLU C 17 8.83 -2.35 -40.13
CA GLU C 17 8.04 -1.34 -40.84
C GLU C 17 8.45 -1.23 -42.31
N GLN C 18 9.75 -1.16 -42.54
CA GLN C 18 10.29 -1.08 -43.90
C GLN C 18 9.91 -2.32 -44.70
N ILE C 19 10.03 -3.48 -44.09
CA ILE C 19 9.63 -4.74 -44.73
C ILE C 19 8.13 -4.76 -45.05
N PHE C 20 7.36 -4.04 -44.24
CA PHE C 20 5.92 -3.95 -44.43
C PHE C 20 5.58 -3.10 -45.64
N ARG C 21 6.29 -1.98 -45.79
CA ARG C 21 6.13 -1.12 -46.95
C ARG C 21 6.52 -1.85 -48.24
N GLU C 22 7.62 -2.59 -48.17
CA GLU C 22 8.09 -3.33 -49.32
C GLU C 22 7.08 -4.41 -49.72
N ALA C 23 6.54 -5.09 -48.73
CA ALA C 23 5.49 -6.08 -48.94
C ALA C 23 4.30 -5.48 -49.68
N VAL C 24 3.81 -4.35 -49.19
CA VAL C 24 2.69 -3.66 -49.82
C VAL C 24 3.01 -3.29 -51.27
N ASN C 25 4.21 -2.75 -51.48
CA ASN C 25 4.70 -2.47 -52.82
C ASN C 25 4.57 -3.71 -53.72
N GLN C 26 4.98 -4.85 -53.21
CA GLN C 26 4.86 -6.12 -53.96
C GLN C 26 3.42 -6.37 -54.37
N ALA C 27 2.50 -6.17 -53.42
CA ALA C 27 1.09 -6.44 -53.64
C ALA C 27 0.55 -5.56 -54.76
N ASN C 28 1.01 -4.30 -54.79
CA ASN C 28 0.56 -3.35 -55.80
C ASN C 28 1.06 -3.74 -57.18
N LYS C 29 2.25 -4.34 -57.22
CA LYS C 29 2.79 -4.88 -58.48
C LYS C 29 2.00 -6.10 -58.91
N ARG C 30 1.76 -7.00 -57.96
CA ARG C 30 1.17 -8.30 -58.26
C ARG C 30 -0.24 -8.14 -58.84
N HIS C 31 -0.99 -7.18 -58.31
CA HIS C 31 -2.40 -7.02 -58.66
C HIS C 31 -2.58 -5.88 -59.66
N PHE C 32 -3.69 -5.91 -60.39
CA PHE C 32 -4.11 -4.76 -61.20
C PHE C 32 -4.63 -3.63 -60.32
N THR C 33 -3.98 -2.47 -60.41
CA THR C 33 -4.20 -1.40 -59.45
C THR C 33 -4.47 -0.08 -60.16
N ARG C 34 -5.31 -0.13 -61.19
CA ARG C 34 -5.99 1.06 -61.70
C ARG C 34 -7.14 1.47 -60.78
N LYS C 35 -7.89 0.49 -60.28
CA LYS C 35 -9.10 0.76 -59.50
C LYS C 35 -8.75 1.06 -58.04
N ILE C 36 -8.11 0.11 -57.38
CA ILE C 36 -7.68 0.29 -56.00
C ILE C 36 -6.18 0.06 -55.86
N GLN C 37 -5.53 0.90 -55.05
CA GLN C 37 -4.11 0.76 -54.79
C GLN C 37 -3.84 0.86 -53.29
N LEU C 38 -3.02 -0.07 -52.78
CA LEU C 38 -2.81 -0.17 -51.34
C LEU C 38 -1.74 0.80 -50.89
N GLN C 39 -1.85 1.25 -49.65
CA GLN C 39 -0.85 2.10 -49.05
C GLN C 39 -0.58 1.69 -47.61
N ALA C 40 0.69 1.70 -47.23
CA ALA C 40 1.10 1.20 -45.93
C ALA C 40 1.01 2.31 -44.89
N THR C 41 0.49 1.97 -43.72
CA THR C 41 0.58 2.82 -42.54
C THR C 41 0.96 1.99 -41.33
N SER C 42 1.94 2.45 -40.57
CA SER C 42 2.58 1.61 -39.57
C SER C 42 3.10 2.42 -38.40
N VAL C 43 3.04 1.82 -37.22
CA VAL C 43 3.84 2.25 -36.10
C VAL C 43 4.55 1.05 -35.48
N THR C 44 5.33 1.29 -34.42
CA THR C 44 5.86 0.23 -33.59
C THR C 44 5.15 0.19 -32.25
N HIS C 45 5.34 -0.92 -31.53
CA HIS C 45 4.68 -1.13 -30.24
C HIS C 45 5.00 0.02 -29.28
N ARG C 46 3.96 0.59 -28.67
CA ARG C 46 4.13 1.56 -27.61
C ARG C 46 4.49 0.86 -26.31
N PRO C 47 4.97 1.63 -25.34
CA PRO C 47 5.58 1.04 -24.15
C PRO C 47 4.55 0.45 -23.18
N ASN C 48 3.29 0.84 -23.35
CA ASN C 48 2.21 0.29 -22.53
C ASN C 48 0.87 0.37 -23.25
N ALA C 49 -0.12 -0.35 -22.73
CA ALA C 49 -1.24 -0.79 -23.53
C ALA C 49 -2.17 0.38 -23.81
N ILE C 50 -2.22 1.32 -22.89
CA ILE C 50 -3.06 2.49 -23.04
C ILE C 50 -2.54 3.39 -24.16
N GLN C 51 -1.23 3.64 -24.17
CA GLN C 51 -0.60 4.37 -25.26
C GLN C 51 -0.82 3.62 -26.57
N MET C 52 -0.70 2.31 -26.55
CA MET C 52 -0.83 1.52 -27.75
C MET C 52 -2.24 1.67 -28.33
N ALA C 53 -3.25 1.72 -27.45
CA ALA C 53 -4.64 1.90 -27.89
C ALA C 53 -4.84 3.28 -28.50
N LEU C 54 -4.34 4.30 -27.81
CA LEU C 54 -4.36 5.66 -28.36
C LEU C 54 -3.75 5.71 -29.75
N SER C 55 -2.60 5.06 -29.92
CA SER C 55 -1.84 5.17 -31.14
C SER C 55 -2.58 4.51 -32.30
N VAL C 56 -3.23 3.39 -32.03
CA VAL C 56 -4.10 2.74 -33.02
C VAL C 56 -5.15 3.73 -33.55
N CYS C 57 -5.68 4.56 -32.66
CA CYS C 57 -6.65 5.58 -33.06
C CYS C 57 -5.95 6.70 -33.84
N GLU C 58 -4.84 7.19 -33.30
CA GLU C 58 -4.26 8.45 -33.75
C GLU C 58 -3.50 8.25 -35.08
N ASP C 59 -2.91 7.07 -35.25
CA ASP C 59 -1.91 6.86 -36.28
C ASP C 59 -2.42 5.94 -37.39
N LEU C 60 -3.42 5.10 -37.06
CA LEU C 60 -3.86 4.05 -37.97
C LEU C 60 -5.30 4.29 -38.43
N ILE C 61 -6.23 4.31 -37.49
CA ILE C 61 -7.63 4.43 -37.82
C ILE C 61 -7.96 5.82 -38.36
N SER C 62 -7.07 6.77 -38.08
CA SER C 62 -7.17 8.11 -38.67
C SER C 62 -6.76 8.12 -40.14
N SER C 63 -6.17 7.03 -40.59
CA SER C 63 -5.86 6.85 -42.01
C SER C 63 -6.88 5.92 -42.68
N GLN C 64 -7.98 5.65 -41.99
CA GLN C 64 -8.99 4.73 -42.49
C GLN C 64 -8.35 3.45 -43.01
N VAL C 65 -7.82 2.67 -42.08
CA VAL C 65 -7.17 1.44 -42.41
C VAL C 65 -8.18 0.28 -42.43
N TYR C 66 -8.06 -0.57 -43.43
CA TYR C 66 -9.04 -1.64 -43.65
C TYR C 66 -8.69 -2.86 -42.82
N ALA C 67 -7.42 -2.95 -42.43
CA ALA C 67 -6.94 -4.05 -41.64
C ALA C 67 -5.65 -3.67 -40.93
N ILE C 68 -5.38 -4.31 -39.80
CA ILE C 68 -4.18 -4.04 -39.04
C ILE C 68 -3.41 -5.34 -38.76
N LEU C 69 -2.21 -5.43 -39.34
CA LEU C 69 -1.24 -6.45 -38.95
C LEU C 69 -0.64 -6.13 -37.60
N VAL C 70 -0.48 -7.14 -36.76
CA VAL C 70 0.11 -6.96 -35.43
C VAL C 70 1.12 -8.06 -35.13
N SER C 71 2.36 -7.65 -34.87
CA SER C 71 3.37 -8.56 -34.38
C SER C 71 3.25 -8.72 -32.86
N HIS C 72 3.73 -9.85 -32.35
CA HIS C 72 3.95 -10.00 -30.92
C HIS C 72 5.25 -9.32 -30.50
N PRO C 73 5.15 -8.33 -29.61
CA PRO C 73 6.33 -7.71 -28.98
C PRO C 73 7.29 -8.75 -28.41
N PRO C 74 8.57 -8.65 -28.75
CA PRO C 74 9.57 -9.63 -28.36
C PRO C 74 10.41 -9.18 -27.18
N ALA C 75 10.06 -9.62 -25.99
CA ALA C 75 10.86 -9.35 -24.79
C ALA C 75 10.06 -9.67 -23.53
N LEU C 80 3.45 -6.94 -22.70
CA LEU C 80 2.38 -6.28 -23.45
C LEU C 80 2.13 -6.99 -24.77
N THR C 81 0.89 -6.89 -25.26
CA THR C 81 0.35 -7.89 -26.19
C THR C 81 -0.48 -7.23 -27.28
N PRO C 82 -0.93 -8.02 -28.27
CA PRO C 82 -1.77 -7.51 -29.34
C PRO C 82 -3.14 -7.03 -28.85
N THR C 83 -3.43 -7.27 -27.58
CA THR C 83 -4.80 -7.24 -27.09
C THR C 83 -5.43 -5.84 -27.27
N PRO C 84 -4.68 -4.79 -26.91
CA PRO C 84 -5.16 -3.40 -27.03
C PRO C 84 -5.44 -3.00 -28.48
N ILE C 85 -4.81 -3.70 -29.41
CA ILE C 85 -5.04 -3.48 -30.83
C ILE C 85 -6.27 -4.24 -31.32
N SER C 86 -6.41 -5.48 -30.84
CA SER C 86 -7.60 -6.28 -31.10
C SER C 86 -8.84 -5.59 -30.56
N TYR C 87 -8.73 -5.08 -29.34
CA TYR C 87 -9.84 -4.40 -28.70
C TYR C 87 -10.28 -3.19 -29.50
N THR C 88 -9.33 -2.33 -29.81
CA THR C 88 -9.62 -1.01 -30.35
C THR C 88 -10.10 -1.11 -31.80
N ALA C 89 -9.43 -1.95 -32.59
CA ALA C 89 -9.90 -2.24 -33.94
C ALA C 89 -11.28 -2.89 -33.92
N GLY C 90 -11.47 -3.81 -32.99
CA GLY C 90 -12.67 -4.65 -32.97
C GLY C 90 -13.89 -3.85 -32.56
N PHE C 91 -13.68 -2.78 -31.84
CA PHE C 91 -14.71 -1.79 -31.59
C PHE C 91 -15.37 -1.35 -32.89
N TYR C 92 -14.57 -1.25 -33.95
CA TYR C 92 -15.06 -0.80 -35.26
C TYR C 92 -15.23 -1.97 -36.22
N ARG C 93 -14.92 -3.18 -35.75
CA ARG C 93 -14.93 -4.39 -36.60
C ARG C 93 -13.94 -4.24 -37.76
N ILE C 94 -12.82 -3.59 -37.49
CA ILE C 94 -11.65 -3.65 -38.36
C ILE C 94 -10.83 -4.89 -38.06
N PRO C 95 -10.62 -5.75 -39.06
CA PRO C 95 -9.90 -7.00 -38.85
C PRO C 95 -8.46 -6.78 -38.36
N VAL C 96 -7.99 -7.70 -37.54
CA VAL C 96 -6.62 -7.68 -37.07
C VAL C 96 -5.94 -8.99 -37.43
N ILE C 97 -4.76 -8.90 -38.03
CA ILE C 97 -3.99 -10.07 -38.41
C ILE C 97 -2.78 -10.24 -37.52
N GLY C 98 -2.89 -11.14 -36.54
CA GLY C 98 -1.76 -11.51 -35.71
C GLY C 98 -0.72 -12.28 -36.49
N LEU C 99 0.54 -11.95 -36.25
CA LEU C 99 1.64 -12.45 -37.07
C LEU C 99 2.40 -13.58 -36.35
N THR C 100 2.49 -13.49 -35.04
CA THR C 100 3.38 -14.37 -34.29
C THR C 100 2.82 -14.79 -32.91
N THR C 101 1.62 -14.31 -32.59
CA THR C 101 1.01 -14.62 -31.29
C THR C 101 0.39 -16.03 -31.32
N ARG C 102 0.72 -16.84 -30.31
CA ARG C 102 0.43 -18.27 -30.37
C ARG C 102 -0.61 -18.72 -29.29
N MET C 103 -0.85 -17.87 -28.29
CA MET C 103 -1.75 -18.24 -27.18
C MET C 103 -3.17 -18.52 -27.68
N SER C 104 -3.80 -19.54 -27.11
CA SER C 104 -5.07 -20.04 -27.63
C SER C 104 -6.22 -19.08 -27.32
N ILE C 105 -6.00 -18.18 -26.36
CA ILE C 105 -7.04 -17.29 -25.90
C ILE C 105 -7.45 -16.32 -27.02
N TYR C 106 -6.57 -16.16 -28.01
CA TYR C 106 -6.86 -15.27 -29.15
C TYR C 106 -7.76 -15.95 -30.19
N SER C 107 -8.21 -17.17 -29.88
CA SER C 107 -9.16 -17.88 -30.74
C SER C 107 -10.58 -17.67 -30.25
N ASP C 108 -10.71 -16.96 -29.13
CA ASP C 108 -12.01 -16.77 -28.50
C ASP C 108 -12.73 -15.54 -29.10
N LYS C 109 -13.80 -15.81 -29.84
CA LYS C 109 -14.48 -14.77 -30.62
C LYS C 109 -15.11 -13.71 -29.72
N SER C 110 -15.33 -14.07 -28.45
CA SER C 110 -15.99 -13.17 -27.50
C SER C 110 -15.06 -12.04 -27.10
N ILE C 111 -13.78 -12.35 -27.08
CA ILE C 111 -12.78 -11.40 -26.61
C ILE C 111 -12.13 -10.71 -27.80
N HIS C 112 -11.93 -11.49 -28.87
CA HIS C 112 -11.24 -11.00 -30.05
C HIS C 112 -12.05 -11.29 -31.29
N LEU C 113 -13.05 -10.45 -31.56
CA LEU C 113 -14.15 -10.83 -32.45
C LEU C 113 -13.83 -10.53 -33.90
N SER C 114 -12.64 -9.95 -34.13
CA SER C 114 -12.16 -9.78 -35.49
C SER C 114 -10.65 -9.97 -35.55
N PHE C 115 -10.22 -11.23 -35.36
CA PHE C 115 -8.81 -11.55 -35.20
C PHE C 115 -8.48 -12.82 -35.97
N LEU C 116 -7.61 -12.67 -36.97
CA LEU C 116 -6.98 -13.82 -37.60
C LEU C 116 -5.50 -13.82 -37.29
N ARG C 117 -4.83 -14.92 -37.59
CA ARG C 117 -3.38 -14.96 -37.45
C ARG C 117 -2.76 -15.98 -38.40
N THR C 118 -1.53 -15.70 -38.80
CA THR C 118 -0.85 -16.51 -39.81
C THR C 118 0.04 -17.55 -39.13
N VAL C 119 0.04 -17.54 -37.81
CA VAL C 119 0.51 -18.70 -37.04
C VAL C 119 -0.65 -19.37 -36.32
N PRO C 120 -0.53 -20.68 -36.07
CA PRO C 120 -1.50 -21.41 -35.27
C PRO C 120 -1.30 -21.20 -33.79
N PRO C 121 -2.38 -21.33 -33.00
CA PRO C 121 -2.24 -21.39 -31.55
C PRO C 121 -1.58 -22.67 -31.09
N TYR C 122 -0.96 -22.64 -29.92
CA TYR C 122 -0.23 -23.79 -29.38
C TYR C 122 -1.09 -25.05 -29.38
N SER C 123 -2.40 -24.88 -29.25
CA SER C 123 -3.32 -26.02 -29.08
C SER C 123 -3.46 -26.81 -30.37
N HIS C 124 -3.02 -26.23 -31.48
CA HIS C 124 -3.03 -26.92 -32.77
C HIS C 124 -1.87 -27.91 -32.86
N GLN C 125 -0.95 -27.84 -31.91
CA GLN C 125 0.13 -28.81 -31.81
C GLN C 125 -0.43 -30.23 -31.63
N ALA C 126 -1.67 -30.32 -31.16
CA ALA C 126 -2.32 -31.62 -30.95
C ALA C 126 -2.60 -32.33 -32.28
N LEU C 127 -2.79 -31.54 -33.33
CA LEU C 127 -2.90 -32.08 -34.68
C LEU C 127 -1.66 -32.90 -35.04
N VAL C 128 -0.50 -32.41 -34.62
CA VAL C 128 0.76 -33.08 -34.93
C VAL C 128 0.95 -34.30 -34.05
N TRP C 129 0.67 -34.14 -32.75
CA TRP C 129 0.68 -35.27 -31.83
C TRP C 129 -0.13 -36.44 -32.38
N PHE C 130 -1.36 -36.14 -32.80
CA PHE C 130 -2.28 -37.18 -33.22
C PHE C 130 -1.73 -37.93 -34.43
N GLU C 131 -1.15 -37.19 -35.37
CA GLU C 131 -0.61 -37.78 -36.59
C GLU C 131 0.65 -38.61 -36.29
N MET C 132 1.39 -38.21 -35.27
CA MET C 132 2.45 -39.04 -34.70
C MET C 132 1.88 -40.35 -34.15
N MET C 133 0.77 -40.25 -33.42
CA MET C 133 0.17 -41.41 -32.77
C MET C 133 -0.29 -42.41 -33.81
N ARG C 134 -0.80 -41.91 -34.93
CA ARG C 134 -1.27 -42.75 -36.02
C ARG C 134 -0.08 -43.41 -36.73
N LEU C 135 1.05 -42.72 -36.77
CA LEU C 135 2.22 -43.22 -37.47
C LEU C 135 2.94 -44.26 -36.62
N PHE C 136 3.18 -43.93 -35.36
CA PHE C 136 3.98 -44.78 -34.49
C PHE C 136 3.08 -45.72 -33.69
N ASN C 137 1.81 -45.79 -34.08
CA ASN C 137 0.86 -46.72 -33.46
C ASN C 137 0.96 -46.68 -31.94
N TRP C 138 0.94 -45.46 -31.39
CA TRP C 138 0.63 -45.27 -29.98
C TRP C 138 -0.87 -45.15 -29.76
N ASN C 139 -1.47 -46.23 -29.27
CA ASN C 139 -2.93 -46.35 -29.22
C ASN C 139 -3.44 -46.03 -27.83
N HIS C 140 -2.53 -45.94 -26.87
CA HIS C 140 -2.87 -45.53 -25.51
C HIS C 140 -1.88 -44.48 -25.00
N VAL C 141 -2.41 -43.31 -24.62
CA VAL C 141 -1.56 -42.20 -24.19
C VAL C 141 -2.10 -41.56 -22.93
N ILE C 142 -1.20 -41.06 -22.10
CA ILE C 142 -1.57 -40.21 -20.99
C ILE C 142 -1.34 -38.74 -21.35
N LEU C 143 -2.36 -37.91 -21.11
CA LEU C 143 -2.25 -36.48 -21.38
C LEU C 143 -2.20 -35.69 -20.07
N ILE C 144 -1.07 -35.05 -19.84
CA ILE C 144 -0.92 -34.13 -18.72
C ILE C 144 -0.97 -32.69 -19.22
N VAL C 145 -1.89 -31.91 -18.68
CA VAL C 145 -2.02 -30.50 -19.05
C VAL C 145 -2.09 -29.62 -17.82
N SER C 146 -1.52 -28.43 -17.92
CA SER C 146 -1.77 -27.38 -16.95
C SER C 146 -3.23 -26.99 -16.94
N ASP C 147 -3.77 -26.76 -15.74
CA ASP C 147 -5.16 -26.37 -15.60
C ASP C 147 -5.32 -24.87 -15.80
N ASP C 148 -4.90 -24.40 -16.96
CA ASP C 148 -5.22 -23.06 -17.40
C ASP C 148 -5.85 -23.11 -18.78
N HIS C 149 -6.09 -21.95 -19.37
CA HIS C 149 -6.76 -21.87 -20.66
C HIS C 149 -5.98 -22.61 -21.74
N GLU C 150 -4.66 -22.49 -21.70
CA GLU C 150 -3.81 -23.05 -22.75
C GLU C 150 -3.78 -24.58 -22.69
N GLY C 151 -3.66 -25.12 -21.48
CA GLY C 151 -3.63 -26.57 -21.30
C GLY C 151 -4.98 -27.21 -21.58
N ARG C 152 -6.05 -26.57 -21.11
CA ARG C 152 -7.40 -27.05 -21.36
C ARG C 152 -7.74 -26.99 -22.86
N ALA C 153 -7.14 -26.03 -23.56
CA ALA C 153 -7.34 -25.89 -25.01
C ALA C 153 -6.64 -27.02 -25.78
N ALA C 154 -5.47 -27.43 -25.30
CA ALA C 154 -4.74 -28.55 -25.89
C ALA C 154 -5.47 -29.86 -25.64
N GLN C 155 -6.00 -29.99 -24.43
CA GLN C 155 -6.84 -31.13 -24.09
C GLN C 155 -8.05 -31.24 -25.03
N LYS C 156 -8.77 -30.13 -25.19
CA LYS C 156 -9.99 -30.13 -25.99
C LYS C 156 -9.70 -30.48 -27.44
N LYS C 157 -8.62 -29.93 -27.98
CA LYS C 157 -8.26 -30.16 -29.36
C LYS C 157 -7.87 -31.62 -29.60
N LEU C 158 -7.14 -32.20 -28.65
CA LEU C 158 -6.71 -33.59 -28.78
C LEU C 158 -7.89 -34.53 -28.64
N GLU C 159 -8.83 -34.17 -27.77
CA GLU C 159 -9.98 -35.03 -27.47
C GLU C 159 -10.96 -35.05 -28.64
N THR C 160 -11.10 -33.92 -29.30
CA THR C 160 -11.92 -33.82 -30.49
C THR C 160 -11.38 -34.70 -31.60
N LEU C 161 -10.06 -34.84 -31.63
CA LEU C 161 -9.41 -35.64 -32.66
C LEU C 161 -9.52 -37.12 -32.34
N LEU C 162 -9.43 -37.46 -31.05
CA LEU C 162 -9.57 -38.85 -30.61
C LEU C 162 -11.04 -39.28 -30.62
N GLU C 163 -11.88 -38.50 -29.95
CA GLU C 163 -13.33 -38.75 -29.94
C GLU C 163 -14.05 -37.85 -30.94
N GLY C 187 -9.51 -46.89 -32.65
CA GLY C 187 -8.73 -45.65 -32.70
C GLY C 187 -7.70 -45.58 -31.58
N PRO C 188 -6.81 -44.57 -31.63
CA PRO C 188 -5.98 -44.21 -30.48
C PRO C 188 -6.80 -43.50 -29.41
N LYS C 189 -6.41 -43.68 -28.15
CA LYS C 189 -7.21 -43.22 -27.03
C LYS C 189 -6.31 -42.63 -25.94
N ALA C 190 -6.80 -41.59 -25.28
CA ALA C 190 -6.23 -41.15 -24.00
C ALA C 190 -6.80 -41.98 -22.86
N ASP C 191 -5.95 -42.80 -22.24
CA ASP C 191 -6.36 -43.62 -21.11
C ASP C 191 -6.70 -42.75 -19.91
N LYS C 192 -6.03 -41.62 -19.79
CA LYS C 192 -6.22 -40.72 -18.66
C LYS C 192 -5.77 -39.31 -19.01
N VAL C 193 -6.53 -38.32 -18.56
CA VAL C 193 -6.09 -36.94 -18.61
C VAL C 193 -5.89 -36.40 -17.22
N LEU C 194 -4.68 -35.94 -16.93
CA LEU C 194 -4.36 -35.37 -15.63
C LEU C 194 -4.14 -33.87 -15.75
N GLN C 195 -4.88 -33.10 -14.95
CA GLN C 195 -4.66 -31.66 -14.84
C GLN C 195 -3.94 -31.32 -13.54
N PHE C 196 -3.04 -30.33 -13.60
CA PHE C 196 -2.39 -29.82 -12.39
C PHE C 196 -2.49 -28.31 -12.31
N GLU C 197 -2.43 -27.77 -11.09
CA GLU C 197 -2.54 -26.33 -10.89
C GLU C 197 -1.26 -25.63 -11.31
N PRO C 198 -1.37 -24.68 -12.26
CA PRO C 198 -0.24 -23.85 -12.68
C PRO C 198 0.53 -23.28 -11.50
N GLY C 199 1.81 -23.61 -11.42
CA GLY C 199 2.69 -23.08 -10.37
C GLY C 199 3.05 -24.14 -9.35
N THR C 200 2.60 -25.36 -9.58
CA THR C 200 2.77 -26.44 -8.62
C THR C 200 4.09 -27.14 -8.82
N LYS C 201 4.88 -27.23 -7.76
CA LYS C 201 6.26 -27.70 -7.86
C LYS C 201 6.36 -29.20 -7.56
N ASN C 202 5.61 -29.66 -6.56
CA ASN C 202 5.56 -31.07 -6.23
C ASN C 202 4.42 -31.76 -6.97
N LEU C 203 4.78 -32.70 -7.84
CA LEU C 203 3.81 -33.28 -8.77
C LEU C 203 3.90 -34.80 -8.75
N THR C 204 4.38 -35.34 -7.63
CA THR C 204 4.69 -36.76 -7.53
C THR C 204 3.41 -37.60 -7.48
N ALA C 205 2.39 -37.05 -6.84
CA ALA C 205 1.08 -37.71 -6.78
C ALA C 205 0.47 -37.84 -8.17
N LEU C 206 0.45 -36.73 -8.91
CA LEU C 206 -0.03 -36.73 -10.27
C LEU C 206 0.74 -37.76 -11.10
N LEU C 207 2.06 -37.77 -10.96
CA LEU C 207 2.93 -38.52 -11.84
C LEU C 207 2.97 -40.00 -11.45
N LEU C 208 2.95 -40.29 -10.15
CA LEU C 208 2.74 -41.65 -9.66
C LEU C 208 1.51 -42.27 -10.33
N GLU C 209 0.45 -41.47 -10.47
CA GLU C 209 -0.78 -41.92 -11.12
C GLU C 209 -0.51 -42.33 -12.57
N ALA C 210 0.44 -41.65 -13.21
CA ALA C 210 0.73 -41.90 -14.62
C ALA C 210 1.66 -43.11 -14.78
N LYS C 211 2.54 -43.30 -13.81
CA LYS C 211 3.42 -44.45 -13.79
C LYS C 211 2.64 -45.74 -13.57
N GLU C 212 1.62 -45.67 -12.72
CA GLU C 212 0.84 -46.85 -12.36
C GLU C 212 -0.02 -47.30 -13.52
N LEU C 213 -0.37 -46.36 -14.39
CA LEU C 213 -1.12 -46.68 -15.59
C LEU C 213 -0.29 -47.52 -16.56
N GLU C 214 -0.96 -48.29 -17.39
CA GLU C 214 -0.28 -49.19 -18.31
C GLU C 214 0.41 -48.41 -19.43
N ALA C 215 -0.20 -47.31 -19.84
CA ALA C 215 0.29 -46.54 -20.99
C ALA C 215 1.66 -45.94 -20.70
N ARG C 216 2.47 -45.80 -21.74
CA ARG C 216 3.87 -45.42 -21.58
C ARG C 216 4.18 -44.18 -22.43
N VAL C 217 3.19 -43.72 -23.18
CA VAL C 217 3.31 -42.50 -23.95
C VAL C 217 2.68 -41.33 -23.20
N ILE C 218 3.51 -40.36 -22.82
CA ILE C 218 3.04 -39.20 -22.08
C ILE C 218 3.09 -37.95 -22.95
N ILE C 219 1.93 -37.29 -23.07
CA ILE C 219 1.84 -36.02 -23.78
C ILE C 219 1.62 -34.89 -22.78
N LEU C 220 2.38 -33.82 -22.93
CA LEU C 220 2.39 -32.75 -21.95
C LEU C 220 2.11 -31.40 -22.60
N SER C 221 1.12 -30.68 -22.05
CA SER C 221 0.98 -29.26 -22.34
C SER C 221 1.17 -28.45 -21.07
N ALA C 222 2.14 -27.54 -21.11
CA ALA C 222 2.45 -26.70 -19.96
C ALA C 222 3.33 -25.54 -20.37
N SER C 223 3.28 -24.47 -19.60
CA SER C 223 4.20 -23.37 -19.77
C SER C 223 5.61 -23.81 -19.46
N GLU C 224 6.56 -22.91 -19.69
CA GLU C 224 7.96 -23.18 -19.47
C GLU C 224 8.20 -23.68 -18.06
N ASP C 225 7.81 -22.87 -17.07
CA ASP C 225 8.17 -23.12 -15.68
C ASP C 225 7.43 -24.35 -15.15
N ASP C 226 6.21 -24.57 -15.65
CA ASP C 226 5.40 -25.72 -15.22
C ASP C 226 5.94 -27.01 -15.81
N ALA C 227 6.39 -26.95 -17.06
CA ALA C 227 7.00 -28.12 -17.71
C ALA C 227 8.29 -28.52 -17.01
N THR C 228 9.05 -27.52 -16.55
CA THR C 228 10.26 -27.77 -15.77
C THR C 228 9.95 -28.60 -14.54
N ALA C 229 8.89 -28.22 -13.83
CA ALA C 229 8.52 -28.87 -12.58
C ALA C 229 8.08 -30.30 -12.82
N VAL C 230 7.33 -30.51 -13.89
CA VAL C 230 6.96 -31.86 -14.31
C VAL C 230 8.19 -32.69 -14.56
N TYR C 231 9.13 -32.14 -15.34
CA TYR C 231 10.33 -32.86 -15.74
C TYR C 231 11.13 -33.28 -14.50
N LYS C 232 11.26 -32.36 -13.55
CA LYS C 232 12.02 -32.63 -12.33
C LYS C 232 11.42 -33.82 -11.58
N SER C 233 10.13 -33.76 -11.30
CA SER C 233 9.47 -34.77 -10.50
C SER C 233 9.49 -36.11 -11.23
N ALA C 234 9.34 -36.05 -12.55
CA ALA C 234 9.28 -37.26 -13.35
C ALA C 234 10.60 -38.03 -13.27
N ALA C 235 11.70 -37.29 -13.21
CA ALA C 235 13.03 -37.89 -13.17
C ALA C 235 13.27 -38.59 -11.82
N MET C 236 12.75 -37.99 -10.75
CA MET C 236 12.82 -38.60 -9.42
C MET C 236 12.14 -39.95 -9.41
N LEU C 237 11.08 -40.08 -10.20
CA LEU C 237 10.25 -41.28 -10.18
C LEU C 237 10.63 -42.22 -11.33
N ASP C 238 11.79 -41.97 -11.93
CA ASP C 238 12.35 -42.89 -12.91
C ASP C 238 11.40 -43.08 -14.10
N MET C 239 10.72 -42.01 -14.47
CA MET C 239 9.71 -42.08 -15.54
C MET C 239 10.29 -41.57 -16.86
N THR C 240 11.57 -41.20 -16.84
CA THR C 240 12.19 -40.57 -18.00
C THR C 240 13.21 -41.51 -18.65
N GLY C 241 13.14 -42.80 -18.27
CA GLY C 241 14.05 -43.79 -18.81
C GLY C 241 13.42 -44.62 -19.92
N ALA C 242 13.94 -45.83 -20.11
CA ALA C 242 13.54 -46.68 -21.23
C ALA C 242 12.08 -47.13 -21.05
N GLY C 243 11.43 -47.44 -22.18
CA GLY C 243 10.01 -47.80 -22.16
C GLY C 243 9.11 -46.60 -22.35
N TYR C 244 9.52 -45.45 -21.80
CA TYR C 244 8.67 -44.27 -21.75
C TYR C 244 8.86 -43.41 -23.00
N VAL C 245 7.79 -42.76 -23.44
CA VAL C 245 7.87 -41.76 -24.49
C VAL C 245 7.31 -40.43 -23.99
N TRP C 246 8.04 -39.35 -24.28
CA TRP C 246 7.56 -38.02 -23.92
C TRP C 246 7.32 -37.17 -25.16
N LEU C 247 6.07 -36.78 -25.35
CA LEU C 247 5.67 -36.03 -26.51
C LEU C 247 5.10 -34.70 -26.08
N VAL C 248 5.72 -33.63 -26.53
CA VAL C 248 5.41 -32.29 -26.03
C VAL C 248 5.36 -31.27 -27.17
N GLY C 249 5.06 -30.03 -26.84
CA GLY C 249 5.02 -28.96 -27.83
C GLY C 249 6.28 -28.10 -27.79
N GLU C 250 6.11 -26.80 -28.04
CA GLU C 250 7.25 -25.91 -28.27
C GLU C 250 7.69 -25.24 -26.98
N ARG C 251 6.72 -24.86 -26.15
CA ARG C 251 7.03 -24.19 -24.89
C ARG C 251 7.74 -25.12 -23.93
N GLU C 252 7.49 -26.42 -24.09
CA GLU C 252 7.92 -27.41 -23.11
C GLU C 252 9.35 -27.85 -23.39
N ILE C 253 9.91 -27.35 -24.51
CA ILE C 253 11.34 -27.49 -24.77
C ILE C 253 11.98 -26.12 -25.05
N SER C 254 11.57 -25.13 -24.26
CA SER C 254 12.17 -23.81 -24.32
C SER C 254 12.74 -23.41 -22.95
N GLY C 255 13.62 -22.41 -22.96
CA GLY C 255 14.13 -21.84 -21.72
C GLY C 255 14.51 -22.91 -20.73
N SER C 256 14.02 -22.78 -19.50
CA SER C 256 14.52 -23.57 -18.39
C SER C 256 13.98 -25.00 -18.45
N ALA C 257 12.92 -25.20 -19.22
CA ALA C 257 12.35 -26.52 -19.41
C ALA C 257 13.34 -27.42 -20.14
N LEU C 258 14.06 -26.84 -21.10
CA LEU C 258 15.02 -27.60 -21.90
C LEU C 258 16.17 -28.11 -21.02
N ARG C 259 16.43 -27.39 -19.94
CA ARG C 259 17.46 -27.76 -19.00
C ARG C 259 17.16 -29.11 -18.33
N TYR C 260 15.87 -29.38 -18.08
CA TYR C 260 15.48 -30.51 -17.24
C TYR C 260 14.73 -31.55 -18.05
N ALA C 261 14.40 -31.21 -19.29
CA ALA C 261 13.81 -32.18 -20.20
C ALA C 261 14.57 -33.49 -20.16
N PRO C 262 13.84 -34.61 -20.23
CA PRO C 262 14.47 -35.93 -20.34
C PRO C 262 15.12 -36.16 -21.70
N ASP C 263 16.30 -36.76 -21.70
CA ASP C 263 16.91 -37.27 -22.91
C ASP C 263 15.89 -38.07 -23.71
N GLY C 264 15.85 -37.81 -25.02
CA GLY C 264 15.06 -38.62 -25.92
C GLY C 264 13.68 -38.04 -26.15
N ILE C 265 13.38 -36.95 -25.44
CA ILE C 265 12.08 -36.29 -25.57
C ILE C 265 11.83 -35.88 -27.01
N ILE C 266 10.56 -35.95 -27.42
CA ILE C 266 10.14 -35.40 -28.69
C ILE C 266 9.36 -34.11 -28.49
N GLY C 267 9.75 -33.07 -29.20
CA GLY C 267 9.07 -31.78 -29.13
C GLY C 267 8.80 -31.19 -30.50
N LEU C 268 8.15 -30.02 -30.51
CA LEU C 268 7.83 -29.34 -31.76
C LEU C 268 8.40 -27.93 -31.76
N GLN C 269 8.65 -27.41 -32.95
CA GLN C 269 8.90 -25.98 -33.13
C GLN C 269 8.30 -25.48 -34.43
N LEU C 270 7.49 -24.42 -34.34
CA LEU C 270 6.80 -23.88 -35.49
C LEU C 270 7.78 -23.16 -36.41
N ILE C 271 7.95 -23.70 -37.62
CA ILE C 271 8.95 -23.19 -38.54
C ILE C 271 8.60 -21.78 -38.99
N ASN C 272 9.53 -20.86 -38.79
CA ASN C 272 9.32 -19.45 -39.14
C ASN C 272 8.35 -18.78 -38.15
N GLY C 273 8.15 -19.44 -37.02
CA GLY C 273 7.14 -19.01 -36.06
C GLY C 273 7.51 -17.71 -35.36
N LYS C 274 8.79 -17.41 -35.32
CA LYS C 274 9.26 -16.14 -34.76
C LYS C 274 9.90 -15.28 -35.84
N ASN C 275 9.70 -15.66 -37.08
CA ASN C 275 10.15 -14.85 -38.20
C ASN C 275 9.09 -13.80 -38.57
N GLU C 276 9.16 -12.64 -37.92
CA GLU C 276 8.19 -11.57 -38.15
C GLU C 276 8.20 -11.13 -39.62
N SER C 277 9.35 -11.23 -40.26
CA SER C 277 9.50 -10.76 -41.64
C SER C 277 8.74 -11.66 -42.59
N ALA C 278 8.93 -12.97 -42.44
CA ALA C 278 8.22 -13.95 -43.24
C ALA C 278 6.71 -13.71 -43.15
N HIS C 279 6.22 -13.48 -41.94
CA HIS C 279 4.78 -13.44 -41.70
C HIS C 279 4.18 -12.09 -42.11
N ILE C 280 4.97 -11.02 -41.96
CA ILE C 280 4.64 -9.73 -42.57
C ILE C 280 4.38 -9.89 -44.05
N SER C 281 5.28 -10.61 -44.72
CA SER C 281 5.18 -10.82 -46.15
C SER C 281 3.90 -11.60 -46.50
N ASP C 282 3.68 -12.72 -45.81
CA ASP C 282 2.54 -13.59 -46.11
C ASP C 282 1.20 -12.90 -45.77
N ALA C 283 1.15 -12.26 -44.60
CA ALA C 283 -0.06 -11.58 -44.15
C ALA C 283 -0.50 -10.51 -45.14
N VAL C 284 0.46 -9.69 -45.60
CA VAL C 284 0.17 -8.63 -46.55
C VAL C 284 -0.37 -9.21 -47.86
N ALA C 285 0.25 -10.29 -48.32
CA ALA C 285 -0.20 -10.95 -49.54
C ALA C 285 -1.66 -11.41 -49.40
N VAL C 286 -2.01 -11.95 -48.25
CA VAL C 286 -3.35 -12.49 -48.03
C VAL C 286 -4.36 -11.36 -47.91
N VAL C 287 -3.99 -10.30 -47.19
CA VAL C 287 -4.88 -9.16 -47.00
C VAL C 287 -5.10 -8.43 -48.32
N ALA C 288 -4.05 -8.33 -49.13
CA ALA C 288 -4.16 -7.68 -50.42
C ALA C 288 -5.11 -8.44 -51.33
N GLN C 289 -4.96 -9.76 -51.38
CA GLN C 289 -5.85 -10.62 -52.15
C GLN C 289 -7.31 -10.37 -51.75
N ALA C 290 -7.55 -10.25 -50.45
CA ALA C 290 -8.91 -10.18 -49.93
C ALA C 290 -9.51 -8.80 -50.20
N ILE C 291 -8.68 -7.78 -50.15
CA ILE C 291 -9.12 -6.42 -50.45
C ILE C 291 -9.66 -6.34 -51.89
N HIS C 292 -8.94 -6.96 -52.83
CA HIS C 292 -9.31 -6.88 -54.24
C HIS C 292 -10.54 -7.71 -54.52
N GLU C 293 -10.71 -8.79 -53.76
CA GLU C 293 -11.91 -9.62 -53.85
C GLU C 293 -13.11 -8.91 -53.22
N LEU C 294 -12.88 -8.24 -52.10
CA LEU C 294 -13.89 -7.40 -51.49
C LEU C 294 -14.48 -6.43 -52.51
N PHE C 295 -13.59 -5.76 -53.25
CA PHE C 295 -13.98 -4.61 -54.07
C PHE C 295 -14.64 -5.06 -55.37
N GLU C 296 -14.63 -6.37 -55.62
CA GLU C 296 -15.44 -6.94 -56.70
C GLU C 296 -16.92 -6.95 -56.32
N MET C 297 -17.20 -6.89 -55.03
CA MET C 297 -18.58 -6.84 -54.54
C MET C 297 -19.08 -5.40 -54.48
N GLU C 298 -20.39 -5.25 -54.35
CA GLU C 298 -21.02 -3.94 -54.45
C GLU C 298 -21.28 -3.37 -53.06
N ASN C 299 -21.39 -2.05 -52.99
CA ASN C 299 -21.79 -1.38 -51.75
C ASN C 299 -20.73 -1.54 -50.68
N ILE C 300 -19.50 -1.16 -51.01
CA ILE C 300 -18.40 -1.24 -50.08
C ILE C 300 -18.14 0.12 -49.45
N THR C 301 -18.32 0.21 -48.14
CA THR C 301 -18.15 1.48 -47.43
C THR C 301 -16.73 1.59 -46.89
N ASP C 302 -16.30 2.83 -46.65
CA ASP C 302 -15.02 3.07 -46.00
C ASP C 302 -15.15 2.89 -44.49
N PRO C 303 -14.05 2.48 -43.85
CA PRO C 303 -13.97 2.51 -42.38
C PRO C 303 -13.94 3.93 -41.84
N PRO C 304 -14.30 4.11 -40.57
CA PRO C 304 -14.31 5.42 -39.95
C PRO C 304 -12.94 6.09 -39.98
N ARG C 305 -12.93 7.38 -40.24
CA ARG C 305 -11.69 8.15 -40.25
C ARG C 305 -11.43 8.75 -38.89
N GLY C 306 -10.60 8.07 -38.10
CA GLY C 306 -10.36 8.47 -36.72
C GLY C 306 -11.35 7.83 -35.76
N CYS C 307 -11.02 7.87 -34.48
CA CYS C 307 -11.89 7.33 -33.44
C CYS C 307 -12.85 8.42 -32.95
N VAL C 308 -12.36 9.65 -32.89
CA VAL C 308 -13.05 10.71 -32.18
C VAL C 308 -14.39 11.01 -32.85
N GLY C 309 -15.47 10.79 -32.10
CA GLY C 309 -16.80 11.10 -32.59
C GLY C 309 -17.41 9.95 -33.40
N ASN C 310 -16.73 8.81 -33.40
CA ASN C 310 -17.24 7.64 -34.12
C ASN C 310 -17.45 6.46 -33.16
N THR C 311 -18.72 6.07 -33.00
CA THR C 311 -19.07 4.99 -32.08
C THR C 311 -19.86 3.87 -32.79
N ASN C 312 -19.97 3.99 -34.12
CA ASN C 312 -20.60 2.95 -34.91
C ASN C 312 -19.56 2.03 -35.54
N ILE C 313 -19.94 0.80 -35.80
CA ILE C 313 -19.05 -0.16 -36.46
C ILE C 313 -18.88 0.20 -37.93
N TRP C 314 -17.76 -0.23 -38.49
CA TRP C 314 -17.56 -0.18 -39.92
C TRP C 314 -18.44 -1.22 -40.60
N LYS C 315 -19.46 -0.74 -41.31
CA LYS C 315 -20.58 -1.61 -41.70
C LYS C 315 -20.10 -2.75 -42.61
N THR C 316 -18.90 -2.60 -43.16
CA THR C 316 -18.37 -3.57 -44.11
C THR C 316 -17.36 -4.50 -43.43
N GLY C 317 -16.99 -4.15 -42.20
CA GLY C 317 -16.03 -4.95 -41.44
C GLY C 317 -16.39 -6.43 -41.41
N PRO C 318 -17.67 -6.74 -41.16
CA PRO C 318 -18.06 -8.15 -41.02
C PRO C 318 -18.01 -8.91 -42.32
N LEU C 319 -18.28 -8.21 -43.43
CA LEU C 319 -18.14 -8.79 -44.75
C LEU C 319 -16.67 -9.03 -45.08
N PHE C 320 -15.82 -8.07 -44.74
CA PHE C 320 -14.40 -8.18 -45.02
C PHE C 320 -13.76 -9.30 -44.20
N LYS C 321 -14.25 -9.47 -42.98
CA LYS C 321 -13.80 -10.56 -42.14
C LYS C 321 -14.08 -11.89 -42.80
N ARG C 322 -15.26 -12.00 -43.42
CA ARG C 322 -15.67 -13.25 -44.06
C ARG C 322 -14.80 -13.55 -45.28
N VAL C 323 -14.60 -12.55 -46.12
CA VAL C 323 -13.69 -12.67 -47.26
C VAL C 323 -12.30 -13.15 -46.80
N LEU C 324 -11.79 -12.55 -45.73
CA LEU C 324 -10.46 -12.90 -45.22
C LEU C 324 -10.41 -14.36 -44.76
N MET C 325 -11.44 -14.79 -44.04
CA MET C 325 -11.42 -16.11 -43.41
C MET C 325 -11.51 -17.21 -44.44
N SER C 326 -11.89 -16.86 -45.66
CA SER C 326 -12.04 -17.84 -46.72
C SER C 326 -10.95 -17.65 -47.80
N SER C 327 -10.03 -16.72 -47.54
CA SER C 327 -8.91 -16.46 -48.45
C SER C 327 -7.92 -17.62 -48.44
N LYS C 328 -7.45 -18.01 -49.62
CA LYS C 328 -6.39 -18.98 -49.74
C LYS C 328 -5.21 -18.39 -50.49
N TYR C 329 -4.03 -18.48 -49.91
CA TYR C 329 -2.79 -18.09 -50.59
C TYR C 329 -1.77 -19.22 -50.54
N PRO C 330 -1.70 -20.02 -51.62
CA PRO C 330 -1.01 -21.31 -51.60
C PRO C 330 0.51 -21.17 -51.43
N ASP C 331 1.06 -20.05 -51.92
CA ASP C 331 2.51 -19.93 -52.13
C ASP C 331 3.12 -18.92 -51.15
N GLY C 332 2.77 -19.05 -49.89
CA GLY C 332 3.36 -18.21 -48.84
C GLY C 332 4.80 -18.58 -48.57
N VAL C 333 5.53 -17.67 -47.93
CA VAL C 333 6.86 -17.96 -47.42
C VAL C 333 6.78 -19.02 -46.33
N THR C 334 5.70 -18.99 -45.56
CA THR C 334 5.50 -19.96 -44.48
C THR C 334 4.56 -21.07 -44.94
N GLY C 335 4.30 -21.12 -46.24
CA GLY C 335 3.62 -22.26 -46.84
C GLY C 335 2.21 -21.92 -47.26
N ARG C 336 1.31 -22.88 -47.12
CA ARG C 336 -0.05 -22.74 -47.60
C ARG C 336 -0.89 -21.99 -46.56
N ILE C 337 -1.34 -20.80 -46.92
CA ILE C 337 -2.09 -19.95 -45.99
C ILE C 337 -3.59 -20.11 -46.20
N GLU C 338 -4.23 -20.81 -45.28
CA GLU C 338 -5.67 -20.69 -45.08
C GLU C 338 -5.97 -20.48 -43.61
N PHE C 339 -7.25 -20.21 -43.32
CA PHE C 339 -7.69 -20.04 -41.94
C PHE C 339 -8.88 -20.94 -41.64
N ASN C 340 -8.96 -21.41 -40.41
CA ASN C 340 -10.09 -22.23 -39.96
C ASN C 340 -11.19 -21.35 -39.35
N GLU C 341 -12.18 -21.99 -38.75
CA GLU C 341 -13.43 -21.31 -38.38
C GLU C 341 -13.20 -20.30 -37.25
N ASP C 342 -12.07 -20.42 -36.57
CA ASP C 342 -11.70 -19.47 -35.52
C ASP C 342 -10.78 -18.36 -36.06
N GLY C 343 -10.47 -18.43 -37.34
CA GLY C 343 -9.54 -17.49 -37.95
C GLY C 343 -8.09 -17.85 -37.67
N ASP C 344 -7.86 -19.10 -37.30
CA ASP C 344 -6.52 -19.57 -36.97
C ASP C 344 -5.85 -20.25 -38.19
N ARG C 345 -4.54 -20.05 -38.33
CA ARG C 345 -3.80 -20.57 -39.48
C ARG C 345 -3.96 -22.08 -39.60
N LYS C 346 -4.29 -22.53 -40.81
CA LYS C 346 -4.20 -23.94 -41.15
C LYS C 346 -2.93 -24.23 -41.95
N PHE C 347 -2.57 -25.51 -42.03
CA PHE C 347 -1.47 -25.96 -42.89
C PHE C 347 -0.13 -25.39 -42.41
N ALA C 348 -0.04 -25.14 -41.11
CA ALA C 348 1.22 -24.70 -40.52
C ALA C 348 2.24 -25.83 -40.55
N GLN C 349 3.53 -25.47 -40.47
CA GLN C 349 4.60 -26.44 -40.65
C GLN C 349 5.51 -26.47 -39.43
N TYR C 350 5.80 -27.67 -38.95
CA TYR C 350 6.48 -27.84 -37.68
C TYR C 350 7.75 -28.66 -37.87
N SER C 351 8.82 -28.25 -37.18
CA SER C 351 9.95 -29.14 -36.93
C SER C 351 9.62 -30.11 -35.82
N ILE C 352 9.81 -31.39 -36.10
CA ILE C 352 9.82 -32.41 -35.08
C ILE C 352 11.21 -32.60 -34.51
N MET C 353 11.38 -32.29 -33.23
CA MET C 353 12.69 -32.20 -32.62
C MET C 353 12.89 -33.33 -31.59
N ASN C 354 14.10 -33.89 -31.58
CA ASN C 354 14.42 -34.98 -30.67
C ASN C 354 15.69 -34.65 -29.91
N LEU C 355 15.62 -34.72 -28.59
CA LEU C 355 16.74 -34.32 -27.74
C LEU C 355 17.80 -35.44 -27.70
N GLN C 356 18.77 -35.36 -28.62
CA GLN C 356 19.89 -36.32 -28.67
C GLN C 356 21.19 -35.65 -28.24
N ASN C 357 21.94 -36.33 -27.40
CA ASN C 357 23.30 -35.90 -27.07
C ASN C 357 23.34 -34.42 -26.73
N ARG C 358 22.36 -33.98 -25.94
CA ARG C 358 22.37 -32.64 -25.39
C ARG C 358 22.23 -31.61 -26.49
N LYS C 359 21.68 -32.04 -27.62
CA LYS C 359 21.18 -31.13 -28.63
C LYS C 359 19.72 -31.41 -28.93
N LEU C 360 19.03 -30.39 -29.43
CA LEU C 360 17.78 -30.59 -30.14
C LEU C 360 18.05 -30.86 -31.62
N VAL C 361 17.62 -32.01 -32.09
CA VAL C 361 17.87 -32.42 -33.47
C VAL C 361 16.57 -32.61 -34.20
N GLN C 362 16.50 -32.14 -35.44
CA GLN C 362 15.34 -32.36 -36.29
C GLN C 362 15.35 -33.77 -36.85
N VAL C 363 14.24 -34.49 -36.67
CA VAL C 363 14.12 -35.85 -37.16
C VAL C 363 12.99 -35.96 -38.16
N GLY C 364 12.29 -34.85 -38.39
CA GLY C 364 11.29 -34.78 -39.44
C GLY C 364 10.55 -33.46 -39.42
N ILE C 365 9.65 -33.29 -40.39
CA ILE C 365 8.73 -32.16 -40.39
C ILE C 365 7.30 -32.64 -40.54
N PHE C 366 6.38 -31.95 -39.86
CA PHE C 366 4.98 -31.95 -40.26
C PHE C 366 4.73 -30.82 -41.27
N ASN C 367 4.40 -31.19 -42.51
CA ASN C 367 4.45 -30.25 -43.64
C ASN C 367 3.11 -29.57 -43.83
N GLY C 368 2.19 -29.77 -42.89
CA GLY C 368 0.89 -29.12 -42.93
C GLY C 368 -0.25 -30.11 -42.98
N SER C 369 0.04 -31.32 -43.46
CA SER C 369 -0.98 -32.35 -43.62
C SER C 369 -0.40 -33.74 -43.36
N TYR C 370 0.88 -33.91 -43.66
CA TYR C 370 1.53 -35.20 -43.52
C TYR C 370 2.83 -35.07 -42.72
N ILE C 371 3.17 -36.12 -41.98
CA ILE C 371 4.48 -36.22 -41.36
C ILE C 371 5.49 -36.78 -42.35
N ILE C 372 6.68 -36.19 -42.34
CA ILE C 372 7.76 -36.64 -43.21
C ILE C 372 9.05 -36.84 -42.42
N GLN C 373 9.36 -38.10 -42.11
CA GLN C 373 10.59 -38.43 -41.40
C GLN C 373 11.81 -38.18 -42.28
N ASN C 374 12.85 -37.60 -41.70
CA ASN C 374 14.15 -37.51 -42.36
C ASN C 374 15.06 -38.63 -41.87
N ASP C 375 16.23 -38.75 -42.51
CA ASP C 375 17.04 -39.95 -42.38
C ASP C 375 17.60 -40.10 -40.97
N ARG C 376 17.66 -38.98 -40.24
CA ARG C 376 18.15 -39.00 -38.86
C ARG C 376 17.28 -39.90 -37.98
N LYS C 377 17.89 -40.92 -37.39
CA LYS C 377 17.18 -41.83 -36.49
C LYS C 377 16.80 -41.11 -35.20
N ILE C 378 15.55 -41.29 -34.79
CA ILE C 378 15.13 -40.98 -33.42
C ILE C 378 15.80 -41.91 -32.43
N ILE C 379 16.24 -41.35 -31.30
CA ILE C 379 16.56 -42.16 -30.13
C ILE C 379 15.63 -41.84 -28.98
N TRP C 380 14.95 -42.87 -28.48
CA TRP C 380 13.91 -42.70 -27.49
C TRP C 380 14.52 -42.54 -26.11
N PRO C 381 13.72 -42.03 -25.17
CA PRO C 381 14.12 -42.00 -23.77
C PRO C 381 14.74 -43.32 -23.32
N GLY C 382 15.83 -43.24 -22.57
CA GLY C 382 16.67 -44.40 -22.32
C GLY C 382 17.62 -44.68 -23.46
N GLY C 383 17.57 -45.91 -23.97
CA GLY C 383 18.49 -46.33 -25.02
C GLY C 383 17.85 -46.26 -26.40
N GLU C 384 17.30 -47.39 -26.86
CA GLU C 384 16.28 -47.38 -27.91
C GLU C 384 16.90 -47.08 -29.27
N PRO D 1 -9.61 16.50 8.48
CA PRO D 1 -9.60 15.25 7.71
C PRO D 1 -9.24 15.48 6.23
N PRO D 2 -8.22 14.77 5.74
CA PRO D 2 -7.65 15.02 4.40
C PRO D 2 -8.63 14.70 3.27
N SER D 3 -8.40 15.31 2.10
CA SER D 3 -9.32 15.21 0.98
C SER D 3 -8.78 14.24 -0.08
N ILE D 4 -9.68 13.46 -0.68
CA ILE D 4 -9.32 12.61 -1.81
C ILE D 4 -10.11 13.01 -3.05
N GLY D 5 -9.40 13.12 -4.18
CA GLY D 5 -10.02 13.53 -5.43
C GLY D 5 -10.90 12.43 -6.01
N ILE D 6 -12.15 12.78 -6.33
CA ILE D 6 -13.04 11.88 -7.05
C ILE D 6 -13.64 12.57 -8.27
N ALA D 7 -13.39 12.01 -9.45
CA ALA D 7 -13.97 12.53 -10.68
C ALA D 7 -15.33 11.90 -10.95
N VAL D 8 -16.36 12.73 -11.00
CA VAL D 8 -17.65 12.33 -11.55
C VAL D 8 -17.77 12.74 -13.01
N ILE D 9 -17.82 11.75 -13.89
CA ILE D 9 -17.86 12.02 -15.34
C ILE D 9 -19.25 11.77 -15.90
N LEU D 10 -19.81 12.79 -16.54
CA LEU D 10 -21.21 12.75 -16.97
C LEU D 10 -21.29 12.90 -18.48
N VAL D 11 -21.68 11.81 -19.15
CA VAL D 11 -21.91 11.85 -20.57
C VAL D 11 -23.39 11.98 -20.86
N GLY D 12 -23.70 12.63 -21.97
CA GLY D 12 -25.06 13.08 -22.22
C GLY D 12 -25.42 14.25 -21.33
N THR D 13 -26.68 14.28 -20.89
CA THR D 13 -27.33 15.54 -20.58
C THR D 13 -28.15 15.40 -19.32
N SER D 14 -27.81 16.19 -18.31
CA SER D 14 -28.03 15.78 -16.94
C SER D 14 -28.37 16.98 -16.08
N ASP D 15 -28.88 16.70 -14.88
CA ASP D 15 -29.05 17.74 -13.87
C ASP D 15 -27.82 17.79 -12.96
N GLU D 16 -26.76 18.43 -13.46
CA GLU D 16 -25.59 18.70 -12.65
C GLU D 16 -25.99 19.24 -11.27
N VAL D 17 -26.87 20.23 -11.27
CA VAL D 17 -27.30 20.88 -10.03
C VAL D 17 -27.98 19.87 -9.11
N ALA D 18 -28.91 19.11 -9.66
CA ALA D 18 -29.64 18.09 -8.89
C ALA D 18 -28.68 17.03 -8.37
N ILE D 19 -27.57 16.83 -9.08
CA ILE D 19 -26.56 15.87 -8.68
C ILE D 19 -25.67 16.46 -7.60
N LYS D 20 -25.19 17.67 -7.82
CA LYS D 20 -24.35 18.36 -6.85
C LYS D 20 -25.09 18.51 -5.52
N ASP D 21 -26.42 18.51 -5.58
CA ASP D 21 -27.24 18.82 -4.41
C ASP D 21 -27.61 17.55 -3.65
N ALA D 22 -27.69 16.42 -4.36
CA ALA D 22 -27.83 15.12 -3.72
C ALA D 22 -26.57 14.76 -2.92
N HIS D 23 -25.45 15.38 -3.26
CA HIS D 23 -24.17 15.07 -2.64
C HIS D 23 -23.86 16.07 -1.53
N GLU D 24 -24.51 17.23 -1.57
CA GLU D 24 -24.15 18.36 -0.73
C GLU D 24 -24.19 17.97 0.75
N PHE D 28 -21.55 15.48 5.48
CA PHE D 28 -22.10 14.30 4.82
C PHE D 28 -21.21 13.08 5.05
N HIS D 29 -19.95 13.33 5.37
CA HIS D 29 -18.99 12.25 5.63
C HIS D 29 -19.14 11.74 7.08
N HIS D 30 -18.19 12.10 7.93
CA HIS D 30 -18.05 11.46 9.24
C HIS D 30 -16.65 10.91 9.42
N LEU D 31 -16.01 10.55 8.29
CA LEU D 31 -15.13 9.38 8.23
C LEU D 31 -13.68 9.76 8.56
N SER D 32 -12.73 9.01 8.02
CA SER D 32 -11.30 9.36 8.12
C SER D 32 -10.88 10.26 6.97
N VAL D 33 -11.74 10.35 5.97
CA VAL D 33 -11.39 11.02 4.72
C VAL D 33 -12.64 11.63 4.10
N VAL D 34 -12.48 12.76 3.42
CA VAL D 34 -13.59 13.42 2.75
C VAL D 34 -13.28 13.66 1.28
N PRO D 35 -14.32 13.63 0.44
CA PRO D 35 -14.15 13.67 -1.01
C PRO D 35 -14.04 15.10 -1.54
N ARG D 36 -13.11 15.31 -2.46
CA ARG D 36 -13.12 16.50 -3.30
C ARG D 36 -13.67 16.17 -4.69
N VAL D 37 -14.96 16.47 -4.90
CA VAL D 37 -15.67 15.99 -6.07
C VAL D 37 -15.50 16.97 -7.23
N GLU D 38 -15.20 16.43 -8.40
CA GLU D 38 -15.07 17.25 -9.61
C GLU D 38 -15.96 16.70 -10.72
N LEU D 39 -17.08 17.39 -10.98
CA LEU D 39 -17.95 17.05 -12.11
C LEU D 39 -17.28 17.41 -13.42
N VAL D 40 -17.10 16.41 -14.28
CA VAL D 40 -16.67 16.65 -15.66
C VAL D 40 -17.78 16.23 -16.62
N ALA D 41 -17.94 17.01 -17.69
CA ALA D 41 -18.90 16.67 -18.74
C ALA D 41 -18.18 16.24 -20.00
N MET D 42 -18.57 15.09 -20.53
CA MET D 42 -18.04 14.59 -21.79
C MET D 42 -19.11 14.68 -22.88
N ASN D 43 -18.65 14.79 -24.14
CA ASN D 43 -19.56 14.73 -25.29
C ASN D 43 -19.50 13.36 -25.96
N GLU D 44 -18.29 12.84 -26.14
CA GLU D 44 -18.07 11.68 -27.01
C GLU D 44 -17.76 10.44 -26.17
N THR D 45 -18.03 9.27 -26.75
CA THR D 45 -17.87 8.01 -26.03
C THR D 45 -17.17 6.97 -26.90
N ASP D 46 -16.34 7.44 -27.83
CA ASP D 46 -15.35 6.57 -28.49
C ASP D 46 -14.15 6.33 -27.58
N PRO D 47 -13.30 5.36 -27.94
CA PRO D 47 -12.22 4.90 -27.08
C PRO D 47 -11.21 6.01 -26.75
N LYS D 48 -10.81 6.77 -27.76
CA LYS D 48 -9.81 7.82 -27.59
C LYS D 48 -10.33 8.92 -26.67
N SER D 49 -11.58 9.33 -26.90
CA SER D 49 -12.18 10.40 -26.14
C SER D 49 -12.26 10.03 -24.66
N ILE D 50 -12.62 8.78 -24.41
CA ILE D 50 -12.82 8.32 -23.05
C ILE D 50 -11.48 8.13 -22.34
N ILE D 51 -10.50 7.60 -23.07
CA ILE D 51 -9.19 7.34 -22.51
C ILE D 51 -8.43 8.65 -22.23
N THR D 52 -8.41 9.54 -23.22
CA THR D 52 -7.67 10.80 -23.10
C THR D 52 -8.28 11.69 -22.03
N ARG D 53 -9.60 11.59 -21.87
CA ARG D 53 -10.32 12.42 -20.91
C ARG D 53 -9.97 12.00 -19.48
N ILE D 54 -10.02 10.70 -19.22
CA ILE D 54 -9.71 10.18 -17.89
C ILE D 54 -8.22 10.31 -17.58
N CYS D 55 -7.39 10.17 -18.61
CA CYS D 55 -5.94 10.27 -18.44
C CYS D 55 -5.51 11.72 -18.20
N ASP D 56 -6.20 12.64 -18.86
CA ASP D 56 -5.98 14.06 -18.62
C ASP D 56 -6.38 14.43 -17.19
N LEU D 57 -7.51 13.92 -16.73
CA LEU D 57 -7.94 14.15 -15.36
C LEU D 57 -6.87 13.69 -14.38
N MET D 58 -6.31 12.53 -14.65
CA MET D 58 -5.43 11.86 -13.70
C MET D 58 -4.09 12.58 -13.63
N SER D 59 -3.77 13.32 -14.69
CA SER D 59 -2.50 14.03 -14.76
C SER D 59 -2.65 15.48 -14.30
N ASP D 60 -3.87 16.01 -14.36
CA ASP D 60 -4.12 17.39 -14.00
C ASP D 60 -4.53 17.52 -12.54
N ARG D 61 -5.34 16.56 -12.10
CA ARG D 61 -5.70 16.47 -10.69
C ARG D 61 -5.16 15.18 -10.08
N LYS D 62 -5.39 14.99 -8.78
CA LYS D 62 -5.04 13.74 -8.12
C LYS D 62 -6.29 12.91 -7.85
N ILE D 63 -6.55 11.93 -8.72
CA ILE D 63 -7.82 11.22 -8.72
C ILE D 63 -7.66 9.85 -8.06
N GLN D 64 -8.42 9.64 -6.99
CA GLN D 64 -8.43 8.36 -6.30
C GLN D 64 -9.40 7.38 -6.97
N GLY D 65 -10.33 7.91 -7.75
CA GLY D 65 -11.52 7.16 -8.14
C GLY D 65 -12.37 7.90 -9.17
N VAL D 66 -13.06 7.14 -9.99
CA VAL D 66 -13.92 7.71 -11.02
C VAL D 66 -15.35 7.15 -10.91
N VAL D 67 -16.31 8.06 -10.83
CA VAL D 67 -17.72 7.70 -10.97
C VAL D 67 -18.24 8.13 -12.34
N PHE D 68 -18.80 7.17 -13.08
CA PHE D 68 -19.06 7.37 -14.51
C PHE D 68 -20.53 7.10 -14.82
N ALA D 69 -21.13 7.99 -15.60
CA ALA D 69 -22.54 7.86 -15.98
C ALA D 69 -22.77 8.42 -17.38
N ASP D 70 -23.48 7.66 -18.21
CA ASP D 70 -23.74 8.08 -19.57
C ASP D 70 -25.19 7.76 -19.97
N ASP D 71 -25.66 8.48 -20.99
CA ASP D 71 -27.05 8.35 -21.43
C ASP D 71 -27.13 7.62 -22.78
N THR D 72 -26.25 6.64 -22.97
CA THR D 72 -26.19 5.92 -24.22
C THR D 72 -26.61 4.47 -24.03
N ASP D 73 -26.67 3.73 -25.14
CA ASP D 73 -26.88 2.29 -25.09
C ASP D 73 -25.61 1.54 -25.47
N GLN D 74 -24.46 2.15 -25.21
CA GLN D 74 -23.20 1.66 -25.76
C GLN D 74 -22.45 0.80 -24.74
N GLU D 75 -22.68 -0.50 -24.79
CA GLU D 75 -22.15 -1.42 -23.79
C GLU D 75 -20.62 -1.48 -23.86
N ALA D 76 -20.06 -0.99 -24.97
CA ALA D 76 -18.61 -0.99 -25.17
C ALA D 76 -17.93 -0.01 -24.20
N ILE D 77 -18.69 0.98 -23.74
CA ILE D 77 -18.18 1.93 -22.77
C ILE D 77 -17.66 1.20 -21.53
N ALA D 78 -18.38 0.17 -21.11
CA ALA D 78 -18.02 -0.58 -19.91
C ALA D 78 -16.71 -1.34 -20.13
N GLN D 79 -16.56 -1.92 -21.33
CA GLN D 79 -15.35 -2.64 -21.69
C GLN D 79 -14.14 -1.71 -21.63
N ILE D 80 -14.32 -0.49 -22.11
CA ILE D 80 -13.26 0.49 -22.16
C ILE D 80 -12.85 0.92 -20.77
N LEU D 81 -13.83 0.99 -19.87
CA LEU D 81 -13.59 1.44 -18.50
C LEU D 81 -12.90 0.36 -17.69
N ASP D 82 -13.29 -0.90 -17.90
CA ASP D 82 -12.55 -2.03 -17.35
C ASP D 82 -11.07 -1.96 -17.74
N PHE D 83 -10.82 -1.78 -19.04
CA PHE D 83 -9.46 -1.73 -19.57
C PHE D 83 -8.66 -0.63 -18.89
N ILE D 84 -9.24 0.55 -18.80
CA ILE D 84 -8.55 1.70 -18.22
C ILE D 84 -8.33 1.47 -16.71
N SER D 85 -9.31 0.86 -16.07
CA SER D 85 -9.24 0.59 -14.64
C SER D 85 -8.11 -0.39 -14.33
N ALA D 86 -7.97 -1.41 -15.17
CA ALA D 86 -6.99 -2.45 -14.93
C ALA D 86 -5.58 -1.95 -15.25
N GLN D 87 -5.49 -1.05 -16.22
CA GLN D 87 -4.19 -0.56 -16.69
C GLN D 87 -3.63 0.50 -15.74
N THR D 88 -4.51 1.26 -15.11
CA THR D 88 -4.10 2.37 -14.25
C THR D 88 -4.25 2.00 -12.79
N LEU D 89 -4.79 0.81 -12.54
CA LEU D 89 -5.22 0.43 -11.21
C LEU D 89 -5.90 1.61 -10.52
N THR D 90 -7.00 2.04 -11.12
CA THR D 90 -7.84 3.08 -10.53
C THR D 90 -9.29 2.60 -10.44
N PRO D 91 -9.92 2.76 -9.26
CA PRO D 91 -11.33 2.46 -9.07
C PRO D 91 -12.24 3.24 -10.04
N ILE D 92 -13.07 2.51 -10.78
CA ILE D 92 -14.08 3.13 -11.62
C ILE D 92 -15.45 2.45 -11.42
N LEU D 93 -16.46 3.25 -11.12
CA LEU D 93 -17.83 2.76 -11.01
C LEU D 93 -18.65 3.17 -12.23
N GLY D 94 -19.17 2.18 -12.95
CA GLY D 94 -20.17 2.43 -13.99
C GLY D 94 -21.59 2.33 -13.44
N ILE D 95 -22.23 3.47 -13.28
CA ILE D 95 -23.39 3.57 -12.41
C ILE D 95 -24.68 3.74 -13.23
N HIS D 96 -24.52 4.02 -14.52
CA HIS D 96 -25.67 4.29 -15.38
C HIS D 96 -25.27 4.22 -16.85
N GLY D 97 -26.14 3.60 -17.66
CA GLY D 97 -26.02 3.69 -19.11
C GLY D 97 -25.17 2.59 -19.69
N GLY D 98 -24.44 2.89 -20.76
CA GLY D 98 -23.51 1.94 -21.35
C GLY D 98 -22.48 1.44 -20.36
N SER D 99 -22.10 2.30 -19.42
CA SER D 99 -21.07 1.97 -18.45
C SER D 99 -21.54 0.89 -17.48
N SER D 100 -22.86 0.78 -17.31
CA SER D 100 -23.43 -0.14 -16.33
C SER D 100 -23.92 -1.42 -16.98
N MET D 101 -23.75 -1.51 -18.30
CA MET D 101 -24.12 -2.72 -19.03
C MET D 101 -23.08 -3.80 -18.84
N ILE D 102 -23.55 -4.99 -18.52
CA ILE D 102 -22.76 -5.94 -17.77
C ILE D 102 -21.50 -6.31 -18.54
N MET D 103 -20.35 -6.20 -17.89
CA MET D 103 -19.08 -6.56 -18.47
C MET D 103 -18.58 -7.83 -17.84
N ALA D 104 -18.86 -8.96 -18.49
CA ALA D 104 -18.45 -10.26 -17.98
C ALA D 104 -16.94 -10.45 -18.22
N ASP D 105 -16.33 -11.25 -17.37
CA ASP D 105 -14.88 -11.44 -17.45
C ASP D 105 -14.16 -10.10 -17.41
N LYS D 106 -14.27 -9.39 -16.29
CA LYS D 106 -13.40 -8.27 -16.01
C LYS D 106 -11.97 -8.74 -15.79
N ASP D 107 -11.02 -7.85 -16.05
CA ASP D 107 -9.61 -8.19 -15.95
C ASP D 107 -9.26 -8.56 -14.50
N GLU D 108 -8.26 -9.42 -14.34
CA GLU D 108 -7.77 -9.78 -13.02
C GLU D 108 -7.43 -8.54 -12.19
N SER D 109 -6.95 -7.49 -12.86
CA SER D 109 -6.44 -6.30 -12.19
C SER D 109 -7.48 -5.20 -12.13
N SER D 110 -8.64 -5.46 -12.73
CA SER D 110 -9.71 -4.49 -12.78
C SER D 110 -10.08 -4.02 -11.38
N MET D 111 -10.31 -2.72 -11.24
CA MET D 111 -11.08 -2.18 -10.14
C MET D 111 -12.33 -1.50 -10.67
N PHE D 112 -12.99 -2.16 -11.62
CA PHE D 112 -14.17 -1.60 -12.26
C PHE D 112 -15.42 -2.31 -11.75
N PHE D 113 -16.31 -1.54 -11.14
CA PHE D 113 -17.52 -2.10 -10.54
C PHE D 113 -18.76 -1.45 -11.13
N GLN D 114 -19.82 -2.23 -11.31
CA GLN D 114 -21.00 -1.79 -12.06
C GLN D 114 -22.27 -1.87 -11.20
N PHE D 115 -23.04 -0.78 -11.20
CA PHE D 115 -24.42 -0.85 -10.74
C PHE D 115 -25.23 -1.72 -11.68
N GLY D 116 -26.01 -2.62 -11.10
CA GLY D 116 -26.82 -3.54 -11.89
C GLY D 116 -26.56 -4.98 -11.54
N PRO D 117 -27.36 -5.89 -12.10
CA PRO D 117 -27.33 -7.30 -11.74
C PRO D 117 -26.33 -8.07 -12.58
N SER D 118 -25.73 -9.10 -11.98
CA SER D 118 -24.99 -10.10 -12.74
C SER D 118 -25.86 -10.71 -13.83
N ILE D 119 -25.21 -11.34 -14.80
CA ILE D 119 -25.88 -12.19 -15.76
C ILE D 119 -26.65 -13.28 -15.07
N GLU D 120 -26.01 -13.92 -14.10
CA GLU D 120 -26.55 -15.09 -13.46
C GLU D 120 -27.81 -14.76 -12.67
N GLN D 121 -27.81 -13.60 -12.03
CA GLN D 121 -28.96 -13.13 -11.28
C GLN D 121 -30.15 -12.87 -12.22
N GLN D 122 -29.87 -12.26 -13.37
CA GLN D 122 -30.90 -11.99 -14.36
C GLN D 122 -31.49 -13.29 -14.92
N ALA D 123 -30.62 -14.25 -15.22
CA ALA D 123 -31.06 -15.55 -15.74
C ALA D 123 -31.99 -16.24 -14.74
N SER D 124 -31.70 -16.09 -13.45
CA SER D 124 -32.51 -16.71 -12.41
C SER D 124 -33.84 -15.97 -12.23
N VAL D 125 -33.83 -14.66 -12.46
CA VAL D 125 -35.06 -13.87 -12.47
C VAL D 125 -35.97 -14.31 -13.62
N MET D 126 -35.38 -14.52 -14.79
CA MET D 126 -36.14 -14.88 -15.98
C MET D 126 -36.85 -16.22 -15.78
N LEU D 127 -36.21 -17.13 -15.04
CA LEU D 127 -36.76 -18.47 -14.82
C LEU D 127 -37.86 -18.43 -13.78
N ASN D 128 -37.72 -17.53 -12.81
CA ASN D 128 -38.76 -17.31 -11.82
C ASN D 128 -40.04 -16.78 -12.48
N ILE D 129 -39.86 -15.87 -13.43
CA ILE D 129 -40.97 -15.38 -14.22
C ILE D 129 -41.64 -16.53 -14.98
N MET D 130 -40.82 -17.34 -15.64
CA MET D 130 -41.35 -18.43 -16.43
C MET D 130 -42.12 -19.42 -15.55
N GLU D 131 -41.64 -19.61 -14.32
CA GLU D 131 -42.29 -20.53 -13.38
C GLU D 131 -43.65 -19.96 -12.94
N GLU D 132 -43.69 -18.67 -12.69
CA GLU D 132 -44.90 -18.00 -12.23
C GLU D 132 -46.07 -18.30 -13.16
N TYR D 133 -45.82 -18.32 -14.46
CA TYR D 133 -46.87 -18.52 -15.47
C TYR D 133 -46.76 -19.90 -16.14
N ASP D 134 -45.90 -20.75 -15.58
CA ASP D 134 -45.75 -22.13 -16.08
C ASP D 134 -45.33 -22.15 -17.55
N TRP D 135 -44.34 -21.33 -17.89
CA TRP D 135 -43.71 -21.39 -19.20
C TRP D 135 -42.47 -22.28 -19.15
N TYR D 136 -42.68 -23.59 -19.24
CA TYR D 136 -41.65 -24.55 -18.90
C TYR D 136 -40.87 -24.96 -20.14
N ILE D 137 -41.42 -24.65 -21.32
CA ILE D 137 -40.85 -25.09 -22.57
C ILE D 137 -40.32 -23.90 -23.36
N PHE D 138 -39.02 -23.90 -23.62
CA PHE D 138 -38.32 -22.68 -24.04
C PHE D 138 -37.04 -23.01 -24.81
N SER D 139 -36.56 -22.03 -25.57
CA SER D 139 -35.26 -22.12 -26.21
C SER D 139 -34.40 -20.94 -25.82
N ILE D 140 -33.10 -21.01 -26.16
CA ILE D 140 -32.18 -19.90 -25.91
C ILE D 140 -31.49 -19.47 -27.20
N VAL D 141 -31.42 -18.16 -27.41
CA VAL D 141 -30.58 -17.59 -28.47
C VAL D 141 -29.57 -16.61 -27.88
N THR D 142 -28.31 -16.77 -28.25
CA THR D 142 -27.28 -15.78 -27.91
C THR D 142 -26.41 -15.44 -29.11
N THR D 143 -25.72 -14.31 -29.03
CA THR D 143 -24.54 -14.07 -29.83
C THR D 143 -23.30 -14.47 -29.06
N TYR D 144 -22.13 -14.01 -29.51
CA TYR D 144 -20.89 -14.29 -28.80
C TYR D 144 -20.55 -13.18 -27.84
N PHE D 145 -21.49 -12.27 -27.61
CA PHE D 145 -21.27 -11.18 -26.66
C PHE D 145 -20.88 -11.75 -25.30
N PRO D 146 -19.80 -11.21 -24.72
CA PRO D 146 -19.23 -11.84 -23.55
C PRO D 146 -20.23 -11.94 -22.41
N GLY D 147 -20.32 -13.12 -21.83
CA GLY D 147 -21.42 -13.44 -20.92
C GLY D 147 -22.28 -14.58 -21.42
N TYR D 148 -22.33 -14.77 -22.74
CA TYR D 148 -23.32 -15.64 -23.35
C TYR D 148 -23.27 -17.06 -22.74
N GLN D 149 -22.07 -17.47 -22.32
CA GLN D 149 -21.88 -18.81 -21.76
C GLN D 149 -22.33 -18.87 -20.32
N ASP D 150 -21.98 -17.84 -19.55
CA ASP D 150 -22.44 -17.71 -18.18
C ASP D 150 -23.98 -17.70 -18.12
N PHE D 151 -24.59 -17.08 -19.12
CA PHE D 151 -26.04 -17.06 -19.24
C PHE D 151 -26.58 -18.47 -19.45
N VAL D 152 -26.06 -19.15 -20.48
CA VAL D 152 -26.55 -20.47 -20.86
C VAL D 152 -26.27 -21.48 -19.75
N ASN D 153 -25.06 -21.41 -19.19
CA ASN D 153 -24.62 -22.34 -18.17
C ASN D 153 -25.52 -22.26 -16.95
N LYS D 154 -25.90 -21.04 -16.57
CA LYS D 154 -26.71 -20.81 -15.39
C LYS D 154 -28.11 -21.38 -15.55
N ILE D 155 -28.72 -21.15 -16.71
CA ILE D 155 -29.99 -21.77 -17.04
C ILE D 155 -29.90 -23.29 -16.92
N ARG D 156 -28.94 -23.86 -17.64
CA ARG D 156 -28.78 -25.31 -17.70
C ARG D 156 -28.57 -25.89 -16.30
N SER D 157 -27.69 -25.24 -15.54
CA SER D 157 -27.44 -25.64 -14.18
C SER D 157 -28.74 -25.63 -13.37
N THR D 158 -29.55 -24.59 -13.56
CA THR D 158 -30.69 -24.34 -12.69
C THR D 158 -31.80 -25.36 -12.93
N ILE D 159 -31.99 -25.74 -14.20
CA ILE D 159 -33.11 -26.59 -14.58
C ILE D 159 -32.74 -28.06 -14.49
N GLU D 160 -31.46 -28.36 -14.58
CA GLU D 160 -30.96 -29.74 -14.47
C GLU D 160 -31.18 -30.28 -13.05
N ASN D 161 -31.05 -29.39 -12.06
CA ASN D 161 -31.39 -29.73 -10.67
C ASN D 161 -32.76 -29.15 -10.30
N SER D 162 -33.83 -29.83 -10.74
CA SER D 162 -35.19 -29.32 -10.54
C SER D 162 -36.23 -30.44 -10.67
N PHE D 163 -37.15 -30.48 -9.71
CA PHE D 163 -38.35 -31.32 -9.82
C PHE D 163 -39.24 -30.83 -10.96
N VAL D 164 -39.11 -29.56 -11.30
CA VAL D 164 -39.95 -28.95 -12.33
C VAL D 164 -39.65 -29.57 -13.70
N GLY D 165 -40.66 -29.58 -14.57
CA GLY D 165 -40.54 -30.25 -15.87
C GLY D 165 -40.08 -29.29 -16.96
N TRP D 166 -38.91 -28.69 -16.76
CA TRP D 166 -38.33 -27.80 -17.76
C TRP D 166 -37.98 -28.59 -19.02
N GLU D 167 -38.21 -27.97 -20.18
CA GLU D 167 -37.75 -28.53 -21.44
C GLU D 167 -37.02 -27.46 -22.28
N LEU D 168 -35.69 -27.52 -22.25
CA LEU D 168 -34.87 -26.65 -23.09
C LEU D 168 -34.67 -27.29 -24.46
N GLU D 169 -35.37 -26.76 -25.46
CA GLU D 169 -35.55 -27.47 -26.72
C GLU D 169 -34.36 -27.24 -27.64
N GLU D 170 -33.79 -26.04 -27.58
CA GLU D 170 -32.83 -25.60 -28.58
C GLU D 170 -32.01 -24.44 -28.03
N VAL D 171 -30.69 -24.51 -28.25
CA VAL D 171 -29.81 -23.38 -27.97
C VAL D 171 -29.09 -22.94 -29.24
N LEU D 172 -29.34 -21.70 -29.66
CA LEU D 172 -28.69 -21.16 -30.87
C LEU D 172 -27.56 -20.22 -30.50
N LEU D 173 -26.50 -20.25 -31.31
CA LEU D 173 -25.37 -19.37 -31.13
C LEU D 173 -25.09 -18.61 -32.43
N LEU D 174 -25.45 -17.33 -32.46
CA LEU D 174 -25.44 -16.55 -33.70
C LEU D 174 -24.15 -15.77 -33.83
N ASP D 175 -23.40 -16.03 -34.90
CA ASP D 175 -22.15 -15.31 -35.15
C ASP D 175 -22.41 -14.05 -35.96
N MET D 176 -22.45 -12.92 -35.27
CA MET D 176 -22.72 -11.65 -35.93
C MET D 176 -21.43 -10.83 -36.09
N SER D 177 -20.30 -11.52 -36.07
CA SER D 177 -19.05 -10.92 -36.50
C SER D 177 -18.85 -11.12 -38.01
N LEU D 178 -19.73 -11.89 -38.61
CA LEU D 178 -19.74 -12.08 -40.06
C LEU D 178 -20.99 -11.46 -40.66
N ASP D 179 -20.87 -10.98 -41.89
CA ASP D 179 -22.03 -10.46 -42.62
C ASP D 179 -23.09 -11.54 -42.80
N ASP D 180 -24.34 -11.12 -42.93
CA ASP D 180 -25.46 -12.04 -43.04
C ASP D 180 -25.99 -12.09 -44.47
N GLY D 181 -25.07 -12.26 -45.42
CA GLY D 181 -25.43 -12.21 -46.84
C GLY D 181 -25.86 -13.56 -47.37
N ASP D 182 -25.68 -14.59 -46.55
CA ASP D 182 -26.14 -15.95 -46.89
C ASP D 182 -27.38 -16.33 -46.07
N SER D 183 -27.93 -15.37 -45.34
CA SER D 183 -29.15 -15.60 -44.56
C SER D 183 -28.96 -16.77 -43.59
N LYS D 184 -27.86 -16.76 -42.86
CA LYS D 184 -27.48 -17.90 -42.04
C LYS D 184 -28.21 -17.88 -40.70
N ILE D 185 -28.44 -16.69 -40.16
CA ILE D 185 -29.11 -16.57 -38.87
C ILE D 185 -30.61 -16.67 -39.03
N GLN D 186 -31.11 -16.33 -40.22
CA GLN D 186 -32.46 -16.74 -40.63
C GLN D 186 -32.60 -18.26 -40.61
N ASN D 187 -31.67 -18.94 -41.26
CA ASN D 187 -31.68 -20.39 -41.32
C ASN D 187 -31.67 -20.98 -39.91
N GLN D 188 -31.00 -20.30 -39.00
CA GLN D 188 -30.87 -20.78 -37.63
C GLN D 188 -32.16 -20.51 -36.85
N LEU D 189 -32.67 -19.30 -36.99
CA LEU D 189 -33.88 -18.89 -36.28
C LEU D 189 -35.08 -19.75 -36.68
N LYS D 190 -34.99 -20.35 -37.88
CA LYS D 190 -36.08 -21.19 -38.39
C LYS D 190 -36.25 -22.45 -37.53
N LYS D 191 -35.19 -22.84 -36.84
CA LYS D 191 -35.17 -24.09 -36.11
C LYS D 191 -36.04 -24.01 -34.86
N LEU D 192 -36.40 -22.79 -34.48
CA LEU D 192 -37.04 -22.55 -33.18
C LEU D 192 -38.50 -22.97 -33.21
N GLN D 193 -38.92 -23.74 -32.22
CA GLN D 193 -40.32 -24.11 -32.07
C GLN D 193 -40.94 -23.47 -30.82
N SER D 194 -40.12 -23.26 -29.79
CA SER D 194 -40.62 -23.00 -28.44
C SER D 194 -41.47 -21.72 -28.42
N PRO D 195 -42.41 -21.65 -27.46
CA PRO D 195 -43.19 -20.43 -27.30
C PRO D 195 -42.49 -19.38 -26.44
N ILE D 196 -41.47 -19.80 -25.69
CA ILE D 196 -40.62 -18.87 -24.97
C ILE D 196 -39.19 -18.90 -25.52
N ILE D 197 -38.62 -17.73 -25.71
CA ILE D 197 -37.25 -17.62 -26.21
C ILE D 197 -36.44 -16.61 -25.37
N LEU D 198 -35.39 -17.09 -24.74
CA LEU D 198 -34.48 -16.23 -24.01
C LEU D 198 -33.35 -15.76 -24.93
N LEU D 199 -33.20 -14.45 -25.03
CA LEU D 199 -32.23 -13.86 -25.95
C LEU D 199 -31.16 -13.09 -25.16
N TYR D 200 -29.91 -13.51 -25.32
CA TYR D 200 -28.78 -12.79 -24.72
C TYR D 200 -27.85 -12.24 -25.78
N CYS D 201 -27.68 -10.93 -25.76
CA CYS D 201 -27.01 -10.21 -26.84
C CYS D 201 -27.16 -8.71 -26.57
N THR D 202 -26.54 -7.91 -27.44
CA THR D 202 -26.57 -6.46 -27.27
C THR D 202 -27.86 -5.88 -27.83
N LYS D 203 -28.12 -4.62 -27.53
CA LYS D 203 -29.31 -3.94 -28.01
C LYS D 203 -29.32 -3.89 -29.54
N GLU D 204 -28.19 -3.53 -30.13
CA GLU D 204 -28.11 -3.37 -31.58
C GLU D 204 -28.20 -4.74 -32.28
N GLU D 205 -27.61 -5.75 -31.65
CA GLU D 205 -27.73 -7.12 -32.14
C GLU D 205 -29.20 -7.59 -32.08
N ALA D 206 -29.87 -7.30 -30.97
CA ALA D 206 -31.27 -7.68 -30.81
C ALA D 206 -32.11 -7.05 -31.91
N THR D 207 -31.80 -5.81 -32.25
CA THR D 207 -32.55 -5.07 -33.26
C THR D 207 -32.51 -5.81 -34.58
N TYR D 208 -31.35 -6.33 -34.94
CA TYR D 208 -31.20 -7.14 -36.14
C TYR D 208 -31.92 -8.48 -35.99
N ILE D 209 -31.66 -9.17 -34.88
CA ILE D 209 -32.19 -10.50 -34.66
C ILE D 209 -33.73 -10.51 -34.64
N PHE D 210 -34.31 -9.40 -34.17
CA PHE D 210 -35.77 -9.26 -34.13
C PHE D 210 -36.32 -9.02 -35.54
N GLU D 211 -35.66 -8.16 -36.30
CA GLU D 211 -36.00 -7.97 -37.71
C GLU D 211 -36.11 -9.30 -38.43
N VAL D 212 -35.10 -10.15 -38.25
CA VAL D 212 -35.04 -11.42 -38.96
C VAL D 212 -36.10 -12.38 -38.43
N ALA D 213 -36.20 -12.47 -37.11
CA ALA D 213 -37.22 -13.31 -36.48
C ALA D 213 -38.60 -12.97 -37.01
N ASN D 214 -38.91 -11.68 -37.09
CA ASN D 214 -40.17 -11.22 -37.62
C ASN D 214 -40.42 -11.80 -39.01
N SER D 215 -39.37 -11.80 -39.84
CA SER D 215 -39.48 -12.24 -41.23
C SER D 215 -39.90 -13.71 -41.31
N VAL D 216 -39.55 -14.50 -40.29
CA VAL D 216 -39.86 -15.93 -40.27
C VAL D 216 -40.94 -16.25 -39.23
N GLY D 217 -41.61 -15.22 -38.73
CA GLY D 217 -42.88 -15.40 -38.01
C GLY D 217 -42.68 -15.89 -36.59
N LEU D 218 -41.72 -15.30 -35.89
CA LEU D 218 -41.36 -15.75 -34.55
C LEU D 218 -41.62 -14.69 -33.48
N THR D 219 -42.29 -13.62 -33.85
CA THR D 219 -42.46 -12.48 -32.94
C THR D 219 -43.92 -12.16 -32.67
N GLY D 220 -44.80 -13.08 -33.04
CA GLY D 220 -46.24 -12.83 -32.96
C GLY D 220 -46.84 -13.29 -31.63
N TYR D 221 -48.11 -13.65 -31.66
CA TYR D 221 -48.85 -13.95 -30.44
C TYR D 221 -48.34 -15.23 -29.79
N GLY D 222 -47.87 -16.15 -30.62
CA GLY D 222 -47.48 -17.49 -30.14
C GLY D 222 -46.14 -17.48 -29.43
N TYR D 223 -45.48 -16.33 -29.42
CA TYR D 223 -44.07 -16.27 -29.06
C TYR D 223 -43.81 -15.12 -28.08
N THR D 224 -43.17 -15.44 -26.96
CA THR D 224 -42.74 -14.41 -26.02
C THR D 224 -41.22 -14.42 -25.84
N TRP D 225 -40.60 -13.27 -26.10
CA TRP D 225 -39.17 -13.12 -25.97
C TRP D 225 -38.81 -12.43 -24.65
N ILE D 226 -37.79 -12.95 -23.98
CA ILE D 226 -37.35 -12.42 -22.70
C ILE D 226 -35.88 -12.05 -22.74
N VAL D 227 -35.57 -10.79 -22.44
CA VAL D 227 -34.23 -10.26 -22.63
C VAL D 227 -33.73 -9.58 -21.35
N PRO D 228 -32.41 -9.52 -21.19
CA PRO D 228 -31.80 -8.89 -20.03
C PRO D 228 -31.68 -7.37 -20.17
N SER D 229 -31.18 -6.72 -19.12
CA SER D 229 -31.27 -5.28 -18.97
C SER D 229 -30.64 -4.56 -20.17
N LEU D 230 -29.62 -5.16 -20.75
CA LEU D 230 -28.75 -4.45 -21.68
C LEU D 230 -29.36 -4.39 -23.10
N VAL D 231 -30.40 -5.19 -23.33
CA VAL D 231 -31.15 -5.13 -24.59
C VAL D 231 -32.23 -4.05 -24.54
N ALA D 232 -32.99 -4.03 -23.47
CA ALA D 232 -33.87 -2.90 -23.19
C ALA D 232 -33.07 -1.62 -23.12
N GLY D 233 -31.90 -1.71 -22.49
CA GLY D 233 -31.06 -0.54 -22.27
C GLY D 233 -31.86 0.65 -21.78
N ASP D 234 -31.60 1.81 -22.38
CA ASP D 234 -32.41 3.01 -22.12
C ASP D 234 -33.83 2.84 -22.66
N THR D 235 -34.80 2.86 -21.75
CA THR D 235 -36.17 2.42 -22.08
C THR D 235 -36.97 3.57 -22.68
N ASP D 236 -36.32 4.70 -22.88
CA ASP D 236 -36.91 5.79 -23.65
C ASP D 236 -36.50 5.72 -25.11
N THR D 237 -35.67 4.73 -25.43
CA THR D 237 -35.23 4.51 -26.81
C THR D 237 -35.62 3.12 -27.27
N VAL D 238 -36.68 3.03 -28.06
CA VAL D 238 -37.29 1.76 -28.41
C VAL D 238 -37.23 1.54 -29.92
N PRO D 239 -36.27 0.71 -30.37
CA PRO D 239 -36.22 0.32 -31.78
C PRO D 239 -37.57 -0.18 -32.29
N SER D 240 -37.95 0.23 -33.49
CA SER D 240 -39.22 -0.18 -34.05
C SER D 240 -39.27 -1.70 -34.24
N GLU D 241 -38.10 -2.33 -34.31
CA GLU D 241 -38.00 -3.77 -34.58
C GLU D 241 -38.37 -4.60 -33.35
N PHE D 242 -38.21 -4.01 -32.17
CA PHE D 242 -38.60 -4.67 -30.93
C PHE D 242 -40.09 -5.02 -30.99
N PRO D 243 -40.40 -6.32 -30.83
CA PRO D 243 -41.78 -6.79 -30.86
C PRO D 243 -42.55 -6.41 -29.59
N THR D 244 -43.75 -5.87 -29.76
CA THR D 244 -44.72 -5.80 -28.68
C THR D 244 -44.83 -7.14 -27.96
N GLY D 245 -44.83 -7.09 -26.64
CA GLY D 245 -44.88 -8.32 -25.83
C GLY D 245 -43.51 -8.72 -25.31
N LEU D 246 -42.48 -8.04 -25.79
CA LEU D 246 -41.11 -8.27 -25.30
C LEU D 246 -41.03 -8.02 -23.80
N ILE D 247 -40.42 -8.97 -23.10
CA ILE D 247 -40.20 -8.85 -21.66
C ILE D 247 -38.72 -8.60 -21.37
N SER D 248 -38.44 -7.67 -20.46
CA SER D 248 -37.08 -7.44 -20.01
C SER D 248 -37.00 -7.30 -18.50
N VAL D 249 -35.91 -7.79 -17.93
CA VAL D 249 -35.45 -7.34 -16.62
C VAL D 249 -34.63 -6.07 -16.75
N SER D 250 -35.06 -5.02 -16.06
CA SER D 250 -34.39 -3.74 -16.19
C SER D 250 -33.85 -3.25 -14.85
N TYR D 251 -32.63 -2.73 -14.89
CA TYR D 251 -32.16 -1.79 -13.89
C TYR D 251 -31.76 -0.47 -14.55
N ASP D 252 -32.56 -0.06 -15.53
CA ASP D 252 -32.50 1.32 -16.04
C ASP D 252 -32.94 2.30 -14.96
N GLU D 253 -32.97 3.59 -15.30
CA GLU D 253 -33.29 4.63 -14.33
C GLU D 253 -34.80 4.66 -14.05
N TRP D 254 -35.19 4.22 -12.85
CA TRP D 254 -36.58 3.87 -12.58
C TRP D 254 -36.98 4.31 -11.16
N ASP D 255 -36.48 3.60 -10.16
CA ASP D 255 -36.72 3.97 -8.75
C ASP D 255 -35.45 4.52 -8.10
N TYR D 256 -34.34 4.40 -8.81
CA TYR D 256 -33.02 4.62 -8.23
C TYR D 256 -32.25 5.64 -9.06
N GLY D 257 -32.52 6.90 -8.80
CA GLY D 257 -32.26 7.95 -9.79
C GLY D 257 -30.78 8.27 -9.90
N LEU D 258 -30.43 8.97 -10.97
CA LEU D 258 -29.03 9.21 -11.28
C LEU D 258 -28.35 10.05 -10.18
N PRO D 259 -29.11 10.99 -9.59
CA PRO D 259 -28.59 11.80 -8.48
C PRO D 259 -28.24 10.96 -7.26
N ALA D 260 -29.10 9.98 -6.94
CA ALA D 260 -28.85 9.09 -5.81
C ALA D 260 -27.73 8.10 -6.14
N ARG D 261 -27.57 7.80 -7.43
CA ARG D 261 -26.56 6.85 -7.87
C ARG D 261 -25.17 7.48 -7.80
N VAL D 262 -25.04 8.72 -8.27
CA VAL D 262 -23.80 9.45 -8.16
C VAL D 262 -23.41 9.63 -6.69
N ARG D 263 -24.39 9.95 -5.85
CA ARG D 263 -24.16 10.11 -4.43
C ARG D 263 -23.58 8.82 -3.82
N ASP D 264 -24.14 7.69 -4.21
CA ASP D 264 -23.75 6.40 -3.63
C ASP D 264 -22.38 5.96 -4.14
N GLY D 265 -22.09 6.29 -5.39
CA GLY D 265 -20.78 6.05 -5.97
C GLY D 265 -19.69 6.79 -5.24
N ILE D 266 -19.94 8.07 -4.97
CA ILE D 266 -18.97 8.90 -4.25
C ILE D 266 -18.74 8.37 -2.85
N ALA D 267 -19.77 7.76 -2.27
CA ALA D 267 -19.71 7.27 -0.89
C ALA D 267 -19.01 5.92 -0.82
N ILE D 268 -19.12 5.15 -1.89
CA ILE D 268 -18.45 3.86 -1.99
C ILE D 268 -16.93 4.06 -2.02
N ILE D 269 -16.49 5.01 -2.84
CA ILE D 269 -15.08 5.26 -3.00
C ILE D 269 -14.49 5.91 -1.76
N THR D 270 -15.19 6.90 -1.24
CA THR D 270 -14.74 7.61 -0.03
C THR D 270 -14.62 6.65 1.15
N THR D 271 -15.69 5.91 1.42
CA THR D 271 -15.72 4.98 2.54
C THR D 271 -14.61 3.95 2.43
N ALA D 272 -14.42 3.42 1.22
CA ALA D 272 -13.37 2.41 0.97
C ALA D 272 -12.00 2.96 1.32
N ALA D 273 -11.68 4.15 0.81
CA ALA D 273 -10.45 4.84 1.17
C ALA D 273 -10.33 5.00 2.68
N SER D 274 -11.43 5.35 3.33
CA SER D 274 -11.44 5.60 4.76
C SER D 274 -11.16 4.31 5.53
N ASP D 275 -11.77 3.23 5.08
CA ASP D 275 -11.63 1.93 5.76
C ASP D 275 -10.20 1.40 5.61
N MET D 276 -9.61 1.61 4.45
CA MET D 276 -8.24 1.19 4.20
C MET D 276 -7.25 2.04 5.00
N LEU D 277 -7.40 3.36 4.91
CA LEU D 277 -6.54 4.29 5.65
C LEU D 277 -6.63 4.02 7.16
N SER D 278 -7.80 3.56 7.59
CA SER D 278 -8.04 3.29 9.00
C SER D 278 -7.29 2.03 9.45
N GLU D 279 -7.21 1.05 8.56
CA GLU D 279 -6.63 -0.25 8.91
C GLU D 279 -5.12 -0.26 8.67
N HIS D 280 -4.68 0.42 7.61
CA HIS D 280 -3.30 0.26 7.12
C HIS D 280 -2.54 1.58 7.20
N SER D 281 -3.24 2.66 7.53
CA SER D 281 -2.62 3.97 7.72
C SER D 281 -1.99 4.45 6.42
N PHE D 282 -2.50 3.96 5.29
CA PHE D 282 -2.22 4.55 3.99
C PHE D 282 -3.29 4.17 2.97
N ILE D 283 -3.42 4.98 1.93
CA ILE D 283 -4.14 4.57 0.71
C ILE D 283 -3.21 4.63 -0.50
N PRO D 284 -3.59 3.94 -1.58
CA PRO D 284 -2.82 3.98 -2.81
C PRO D 284 -2.70 5.37 -3.38
N GLU D 285 -1.50 5.76 -3.75
CA GLU D 285 -1.27 7.07 -4.31
C GLU D 285 -1.78 7.14 -5.74
N PRO D 286 -2.70 8.08 -5.99
CA PRO D 286 -3.32 8.20 -7.31
C PRO D 286 -2.28 8.32 -8.43
N LYS D 287 -2.41 7.45 -9.43
CA LYS D 287 -1.50 7.44 -10.57
C LYS D 287 -1.38 8.84 -11.19
N SER D 288 -0.13 9.28 -11.38
CA SER D 288 0.12 10.61 -11.95
C SER D 288 -0.06 10.60 -13.47
N SER D 289 -0.12 9.40 -14.06
CA SER D 289 -0.09 9.26 -15.51
C SER D 289 -0.47 7.83 -15.93
N CYS D 290 -1.28 7.72 -16.99
CA CYS D 290 -1.43 6.46 -17.71
C CYS D 290 -0.18 6.14 -18.50
N TYR D 291 0.46 7.18 -19.02
CA TYR D 291 1.47 7.02 -20.06
C TYR D 291 2.78 6.50 -19.48
N ASN D 292 2.74 6.05 -18.21
CA ASN D 292 3.95 5.61 -17.52
C ASN D 292 3.63 4.45 -16.57
N THR D 293 2.56 3.72 -16.86
CA THR D 293 2.05 2.68 -15.95
C THR D 293 3.02 1.50 -15.91
N HIS D 294 3.79 1.33 -16.97
CA HIS D 294 4.69 0.18 -17.10
C HIS D 294 5.85 0.27 -16.10
N GLU D 295 6.34 1.49 -15.87
CA GLU D 295 7.43 1.71 -14.93
C GLU D 295 6.98 1.44 -13.50
N LYS D 296 5.73 1.81 -13.19
CA LYS D 296 5.36 2.17 -11.83
C LYS D 296 4.40 1.13 -11.24
N ARG D 297 4.63 -0.13 -11.57
CA ARG D 297 3.59 -1.17 -11.44
C ARG D 297 3.92 -2.15 -10.32
N ILE D 298 5.21 -2.32 -10.05
CA ILE D 298 5.64 -2.97 -8.81
C ILE D 298 5.31 -2.12 -7.60
N TYR D 299 4.79 -0.92 -7.84
CA TYR D 299 4.46 0.02 -6.77
C TYR D 299 2.94 0.19 -6.64
N GLN D 300 2.19 -0.59 -7.42
CA GLN D 300 0.74 -0.46 -7.44
C GLN D 300 0.09 -1.82 -7.30
N SER D 301 -1.20 -1.83 -6.95
CA SER D 301 -1.86 -3.06 -6.55
C SER D 301 -3.37 -2.92 -6.57
N ASN D 302 -4.03 -4.02 -6.20
CA ASN D 302 -5.48 -4.14 -6.30
C ASN D 302 -6.13 -3.70 -5.00
N MET D 303 -5.29 -3.33 -4.03
CA MET D 303 -5.59 -3.59 -2.64
C MET D 303 -6.92 -2.98 -2.26
N LEU D 304 -7.22 -1.83 -2.82
CA LEU D 304 -8.37 -1.05 -2.42
C LEU D 304 -9.67 -1.79 -2.76
N ASN D 305 -9.58 -2.76 -3.67
CA ASN D 305 -10.77 -3.52 -4.11
C ASN D 305 -11.45 -4.19 -2.92
N ARG D 306 -10.66 -4.78 -2.05
CA ARG D 306 -11.18 -5.59 -0.96
C ARG D 306 -12.05 -4.73 -0.02
N TYR D 307 -11.89 -3.41 -0.13
CA TYR D 307 -12.71 -2.48 0.65
C TYR D 307 -13.85 -1.93 -0.18
N LEU D 308 -13.62 -1.77 -1.47
CA LEU D 308 -14.60 -1.13 -2.35
C LEU D 308 -15.89 -1.93 -2.40
N ILE D 309 -15.81 -3.20 -2.05
CA ILE D 309 -16.91 -4.13 -2.26
C ILE D 309 -17.70 -4.36 -0.97
N ASN D 310 -17.28 -3.69 0.11
CA ASN D 310 -17.74 -4.04 1.46
C ASN D 310 -18.32 -2.82 2.17
N VAL D 311 -18.97 -1.95 1.41
CA VAL D 311 -19.31 -0.62 1.89
C VAL D 311 -20.80 -0.52 2.20
N THR D 312 -21.13 0.09 3.33
CA THR D 312 -22.49 0.52 3.62
C THR D 312 -22.55 2.02 3.95
N PHE D 313 -23.57 2.69 3.45
CA PHE D 313 -23.67 4.14 3.56
C PHE D 313 -25.05 4.55 4.07
N GLU D 314 -25.08 5.42 5.07
CA GLU D 314 -26.34 5.86 5.68
C GLU D 314 -27.31 4.68 5.79
N GLY D 315 -26.80 3.56 6.29
CA GLY D 315 -27.65 2.45 6.71
C GLY D 315 -28.18 1.64 5.54
N ARG D 316 -27.45 1.65 4.44
CA ARG D 316 -27.77 0.79 3.30
C ARG D 316 -26.55 -0.01 2.86
N ASP D 317 -26.81 -1.22 2.35
CA ASP D 317 -25.74 -2.10 1.91
C ASP D 317 -25.48 -1.92 0.41
N LEU D 318 -24.38 -1.25 0.09
CA LEU D 318 -24.03 -0.99 -1.31
C LEU D 318 -23.02 -2.03 -1.82
N SER D 319 -23.07 -3.22 -1.24
CA SER D 319 -22.09 -4.26 -1.53
C SER D 319 -21.99 -4.49 -3.03
N PHE D 320 -20.77 -4.71 -3.51
CA PHE D 320 -20.56 -5.40 -4.77
C PHE D 320 -20.08 -6.82 -4.54
N SER D 321 -20.16 -7.65 -5.58
CA SER D 321 -19.40 -8.90 -5.63
C SER D 321 -17.96 -8.63 -6.07
N GLU D 322 -17.09 -9.60 -5.81
CA GLU D 322 -15.70 -9.53 -6.28
C GLU D 322 -15.65 -9.60 -7.81
N ASP D 323 -16.75 -10.00 -8.42
CA ASP D 323 -16.84 -10.12 -9.87
C ASP D 323 -17.41 -8.85 -10.49
N GLY D 324 -17.79 -7.91 -9.64
CA GLY D 324 -17.85 -6.50 -10.04
C GLY D 324 -19.25 -6.07 -10.44
N TYR D 325 -20.25 -6.69 -9.82
CA TYR D 325 -21.63 -6.28 -10.02
C TYR D 325 -22.33 -6.08 -8.67
N GLN D 326 -23.43 -5.33 -8.68
CA GLN D 326 -24.18 -5.03 -7.46
C GLN D 326 -24.73 -6.30 -6.85
N MET D 327 -24.71 -6.38 -5.52
CA MET D 327 -25.02 -7.63 -4.83
C MET D 327 -26.52 -7.94 -4.93
N HIS D 328 -27.35 -7.04 -4.40
CA HIS D 328 -28.80 -7.30 -4.31
C HIS D 328 -29.61 -6.09 -4.79
N PRO D 329 -29.58 -5.84 -6.11
CA PRO D 329 -30.37 -4.76 -6.68
C PRO D 329 -31.84 -5.12 -6.80
N LYS D 330 -32.70 -4.14 -6.54
CA LYS D 330 -34.13 -4.28 -6.84
C LYS D 330 -34.39 -4.13 -8.33
N LEU D 331 -34.78 -5.23 -8.97
CA LEU D 331 -34.96 -5.25 -10.42
C LEU D 331 -36.42 -5.03 -10.79
N VAL D 332 -36.63 -4.36 -11.92
CA VAL D 332 -37.97 -4.08 -12.40
C VAL D 332 -38.25 -4.88 -13.66
N ILE D 333 -39.29 -5.71 -13.61
CA ILE D 333 -39.74 -6.45 -14.79
C ILE D 333 -40.63 -5.57 -15.66
N ILE D 334 -40.25 -5.44 -16.94
CA ILE D 334 -40.92 -4.48 -17.82
C ILE D 334 -41.41 -5.14 -19.10
N LEU D 335 -42.52 -4.61 -19.63
CA LEU D 335 -43.19 -5.20 -20.78
C LEU D 335 -43.42 -4.13 -21.82
N LEU D 336 -43.03 -4.42 -23.05
CA LEU D 336 -43.22 -3.49 -24.15
C LEU D 336 -44.61 -3.66 -24.74
N ASN D 337 -45.49 -2.70 -24.46
CA ASN D 337 -46.94 -2.92 -24.58
C ASN D 337 -47.45 -2.40 -25.91
N LYS D 338 -48.77 -2.45 -26.09
CA LYS D 338 -49.38 -2.20 -27.40
C LYS D 338 -49.15 -0.76 -27.85
N GLU D 339 -48.75 0.10 -26.91
CA GLU D 339 -48.46 1.49 -27.22
C GLU D 339 -46.95 1.72 -27.39
N ARG D 340 -46.19 0.63 -27.49
CA ARG D 340 -44.74 0.71 -27.74
C ARG D 340 -44.04 1.52 -26.64
N LYS D 341 -44.50 1.35 -25.40
CA LYS D 341 -43.82 1.93 -24.25
C LYS D 341 -43.55 0.86 -23.21
N TRP D 342 -42.43 1.00 -22.51
CA TRP D 342 -42.03 0.01 -21.53
C TRP D 342 -42.80 0.18 -20.23
N GLU D 343 -43.39 -0.91 -19.74
CA GLU D 343 -44.43 -0.84 -18.74
C GLU D 343 -44.08 -1.73 -17.56
N ARG D 344 -43.98 -1.13 -16.38
CA ARG D 344 -43.75 -1.87 -15.15
C ARG D 344 -44.78 -2.99 -15.00
N VAL D 345 -44.31 -4.19 -14.69
CA VAL D 345 -45.19 -5.35 -14.61
C VAL D 345 -44.77 -6.29 -13.48
N GLY D 346 -43.68 -5.96 -12.80
CA GLY D 346 -43.25 -6.74 -11.64
C GLY D 346 -42.01 -6.18 -10.96
N LYS D 347 -41.69 -6.73 -9.79
CA LYS D 347 -40.46 -6.39 -9.09
C LYS D 347 -39.75 -7.65 -8.63
N TRP D 348 -38.41 -7.64 -8.74
CA TRP D 348 -37.58 -8.60 -8.02
C TRP D 348 -36.95 -7.95 -6.80
N LYS D 349 -37.41 -8.34 -5.61
CA LYS D 349 -36.99 -7.71 -4.35
C LYS D 349 -37.02 -8.71 -3.20
N ASP D 350 -36.05 -8.58 -2.29
CA ASP D 350 -35.83 -9.60 -1.24
C ASP D 350 -35.83 -11.01 -1.84
N LYS D 351 -35.19 -11.17 -3.00
CA LYS D 351 -35.03 -12.47 -3.63
C LYS D 351 -36.39 -13.13 -3.91
N SER D 352 -37.44 -12.32 -3.86
CA SER D 352 -38.78 -12.79 -4.25
C SER D 352 -39.26 -12.05 -5.50
N LEU D 353 -40.14 -12.70 -6.26
CA LEU D 353 -40.74 -12.08 -7.44
C LEU D 353 -42.20 -11.69 -7.17
N GLN D 354 -42.52 -10.42 -7.41
CA GLN D 354 -43.91 -9.96 -7.37
C GLN D 354 -44.34 -9.44 -8.74
N MET D 355 -45.37 -10.07 -9.32
CA MET D 355 -45.86 -9.70 -10.65
C MET D 355 -47.23 -9.04 -10.56
N LYS D 356 -47.49 -8.08 -11.44
CA LYS D 356 -48.78 -7.40 -11.49
C LYS D 356 -49.89 -8.34 -11.96
N TYR D 357 -49.61 -9.11 -13.01
CA TYR D 357 -50.63 -9.95 -13.63
C TYR D 357 -50.58 -11.38 -13.08
N TYR D 358 -51.75 -11.97 -12.89
CA TYR D 358 -51.86 -13.40 -12.61
C TYR D 358 -52.05 -14.18 -13.90
N VAL D 359 -52.89 -13.65 -14.79
CA VAL D 359 -52.97 -14.16 -16.15
C VAL D 359 -52.27 -13.20 -17.10
N TRP D 360 -51.31 -13.72 -17.86
CA TRP D 360 -50.49 -12.90 -18.71
C TRP D 360 -51.28 -12.42 -19.92
N PRO D 361 -51.41 -11.09 -20.05
CA PRO D 361 -52.26 -10.50 -21.09
C PRO D 361 -51.68 -10.68 -22.49
N ARG D 362 -52.54 -10.93 -23.46
CA ARG D 362 -52.12 -11.03 -24.84
C ARG D 362 -51.72 -9.66 -25.38
N MET D 363 -50.60 -9.61 -26.10
CA MET D 363 -49.94 -8.36 -26.42
C MET D 363 -49.93 -8.13 -27.93
#